data_5MPL
#
_entry.id   5MPL
#
_cell.length_a   1.000
_cell.length_b   1.000
_cell.length_c   1.000
_cell.angle_alpha   90.00
_cell.angle_beta   90.00
_cell.angle_gamma   90.00
#
_symmetry.space_group_name_H-M   'P 1'
#
loop_
_entity.id
_entity.type
_entity.pdbx_description
1 polymer 'Heterogeneous nuclear ribonucleoprotein A1'
2 polymer 'RNA UCAGUU'
#
loop_
_entity_poly.entity_id
_entity_poly.type
_entity_poly.pdbx_seq_one_letter_code
_entity_poly.pdbx_strand_id
1 'polypeptide(L)'
;SQRPGAHLTVKKIFVGGIKEDTEEHHLRDYFEQYGKIEVIEIMTDRGSGKKRGFAFVTFDDHDSVDKIVIQKYHTVNGHN
CEVRKALSKQEMASASSSQRGR
;
A
2 'polyribonucleotide' UCAGUU B
#
loop_
_chem_comp.id
_chem_comp.type
_chem_comp.name
_chem_comp.formula
A RNA linking ADENOSINE-5'-MONOPHOSPHATE 'C10 H14 N5 O7 P'
C RNA linking CYTIDINE-5'-MONOPHOSPHATE 'C9 H14 N3 O8 P'
G RNA linking GUANOSINE-5'-MONOPHOSPHATE 'C10 H14 N5 O8 P'
U RNA linking URIDINE-5'-MONOPHOSPHATE 'C9 H13 N2 O9 P'
#
# COMPACT_ATOMS: atom_id res chain seq x y z
N SER A 1 0.41 -4.83 15.55
CA SER A 1 -0.45 -4.04 14.65
C SER A 1 -0.67 -2.65 15.24
N GLN A 2 0.04 -1.67 14.68
CA GLN A 2 0.04 -0.32 15.25
C GLN A 2 -0.81 0.62 14.40
N ARG A 3 -1.01 0.25 13.13
CA ARG A 3 -1.59 1.15 12.13
C ARG A 3 -0.69 2.36 11.95
N PRO A 4 0.19 2.31 10.94
CA PRO A 4 1.20 3.35 10.69
C PRO A 4 0.58 4.72 10.46
N GLY A 5 0.63 5.56 11.48
CA GLY A 5 0.07 6.89 11.37
C GLY A 5 -1.44 6.84 11.20
N ALA A 6 -2.11 6.18 12.12
CA ALA A 6 -3.55 6.01 12.05
C ALA A 6 -4.27 7.34 12.22
N HIS A 7 -3.71 8.20 13.06
CA HIS A 7 -4.28 9.52 13.30
C HIS A 7 -3.89 10.49 12.17
N LEU A 8 -3.05 10.01 11.27
CA LEU A 8 -2.55 10.83 10.17
C LEU A 8 -3.30 10.51 8.88
N THR A 9 -3.52 11.52 8.07
CA THR A 9 -4.16 11.34 6.78
C THR A 9 -3.12 10.90 5.74
N VAL A 10 -3.39 9.80 5.06
CA VAL A 10 -2.46 9.27 4.07
C VAL A 10 -3.13 9.26 2.69
N LYS A 11 -2.32 9.29 1.63
CA LYS A 11 -2.86 9.31 0.27
C LYS A 11 -2.22 8.23 -0.59
N LYS A 12 -1.62 7.25 0.07
CA LYS A 12 -1.04 6.11 -0.62
C LYS A 12 -1.09 4.89 0.29
N ILE A 13 -1.55 3.78 -0.25
CA ILE A 13 -1.65 2.55 0.51
C ILE A 13 -0.58 1.57 0.08
N PHE A 14 -0.19 0.69 1.00
CA PHE A 14 0.84 -0.30 0.74
C PHE A 14 0.21 -1.66 0.49
N VAL A 15 0.63 -2.31 -0.59
CA VAL A 15 0.13 -3.64 -0.91
C VAL A 15 1.23 -4.67 -0.74
N GLY A 16 1.09 -5.51 0.26
CA GLY A 16 2.03 -6.58 0.50
C GLY A 16 1.35 -7.93 0.48
N GLY A 17 2.13 -9.00 0.38
CA GLY A 17 1.56 -10.33 0.39
C GLY A 17 1.01 -10.75 -0.95
N ILE A 18 1.31 -9.97 -1.98
CA ILE A 18 0.83 -10.26 -3.33
C ILE A 18 1.55 -11.46 -3.91
N LYS A 19 1.00 -12.65 -3.67
CA LYS A 19 1.60 -13.86 -4.19
C LYS A 19 1.27 -14.04 -5.66
N GLU A 20 0.11 -13.52 -6.06
CA GLU A 20 -0.29 -13.55 -7.45
C GLU A 20 0.34 -12.36 -8.19
N ASP A 21 0.57 -12.52 -9.49
CA ASP A 21 1.17 -11.47 -10.29
C ASP A 21 0.18 -10.31 -10.43
N THR A 22 0.28 -9.38 -9.49
CA THR A 22 -0.62 -8.24 -9.46
C THR A 22 0.10 -7.01 -10.00
N GLU A 23 -0.59 -6.23 -10.82
CA GLU A 23 -0.01 -5.03 -11.39
C GLU A 23 -0.91 -3.81 -11.12
N GLU A 24 -0.59 -2.71 -11.79
CA GLU A 24 -1.30 -1.45 -11.62
C GLU A 24 -2.80 -1.59 -11.89
N HIS A 25 -3.15 -2.18 -13.03
CA HIS A 25 -4.55 -2.25 -13.43
C HIS A 25 -5.35 -3.12 -12.44
N HIS A 26 -4.70 -4.15 -11.90
CA HIS A 26 -5.35 -5.02 -10.92
C HIS A 26 -5.73 -4.25 -9.67
N LEU A 27 -4.76 -3.56 -9.10
CA LEU A 27 -4.95 -2.82 -7.86
C LEU A 27 -5.98 -1.71 -8.06
N ARG A 28 -5.81 -0.93 -9.13
CA ARG A 28 -6.73 0.16 -9.42
C ARG A 28 -8.14 -0.36 -9.61
N ASP A 29 -8.28 -1.49 -10.29
CA ASP A 29 -9.60 -2.07 -10.56
C ASP A 29 -10.34 -2.38 -9.25
N TYR A 30 -9.59 -2.70 -8.21
CA TYR A 30 -10.18 -3.01 -6.92
C TYR A 30 -10.38 -1.75 -6.07
N PHE A 31 -9.36 -0.92 -5.98
CA PHE A 31 -9.39 0.22 -5.07
C PHE A 31 -10.24 1.37 -5.60
N GLU A 32 -10.57 1.33 -6.89
CA GLU A 32 -11.39 2.38 -7.49
C GLU A 32 -12.80 2.39 -6.90
N GLN A 33 -13.23 1.24 -6.38
CA GLN A 33 -14.53 1.11 -5.73
C GLN A 33 -14.59 1.97 -4.47
N TYR A 34 -13.43 2.21 -3.90
CA TYR A 34 -13.34 2.96 -2.65
C TYR A 34 -13.31 4.46 -2.92
N GLY A 35 -12.61 4.87 -3.97
CA GLY A 35 -12.54 6.27 -4.30
C GLY A 35 -11.66 6.57 -5.50
N LYS A 36 -11.34 7.85 -5.65
CA LYS A 36 -10.56 8.33 -6.77
C LYS A 36 -9.07 8.00 -6.59
N ILE A 37 -8.55 7.21 -7.53
CA ILE A 37 -7.15 6.83 -7.51
C ILE A 37 -6.34 7.73 -8.42
N GLU A 38 -5.16 8.09 -7.98
CA GLU A 38 -4.25 8.87 -8.80
C GLU A 38 -3.36 7.97 -9.65
N VAL A 39 -2.42 7.29 -9.00
CA VAL A 39 -1.48 6.43 -9.72
C VAL A 39 -1.24 5.14 -8.96
N ILE A 40 -0.81 4.11 -9.66
CA ILE A 40 -0.48 2.85 -9.02
C ILE A 40 1.02 2.62 -9.13
N GLU A 41 1.70 2.68 -8.01
CA GLU A 41 3.15 2.57 -7.98
C GLU A 41 3.58 1.12 -7.83
N ILE A 42 3.86 0.46 -8.94
CA ILE A 42 4.40 -0.88 -8.89
C ILE A 42 5.89 -0.78 -8.64
N MET A 43 6.26 -0.71 -7.37
CA MET A 43 7.63 -0.41 -7.00
C MET A 43 8.58 -1.53 -7.40
N THR A 44 9.30 -1.30 -8.48
CA THR A 44 10.28 -2.24 -8.95
C THR A 44 11.55 -2.17 -8.12
N ASP A 45 12.35 -3.22 -8.19
CA ASP A 45 13.63 -3.24 -7.53
C ASP A 45 14.56 -2.21 -8.14
N ARG A 46 15.26 -1.50 -7.28
CA ARG A 46 16.13 -0.42 -7.71
C ARG A 46 17.53 -0.93 -8.08
N GLY A 47 17.68 -2.25 -8.05
CA GLY A 47 18.94 -2.85 -8.44
C GLY A 47 18.80 -3.62 -9.74
N SER A 48 17.91 -4.59 -9.75
CA SER A 48 17.73 -5.44 -10.92
C SER A 48 16.67 -4.86 -11.85
N GLY A 49 15.71 -4.14 -11.28
CA GLY A 49 14.61 -3.64 -12.06
C GLY A 49 13.57 -4.73 -12.28
N LYS A 50 13.12 -5.32 -11.19
CA LYS A 50 12.15 -6.41 -11.23
C LYS A 50 11.05 -6.12 -10.22
N LYS A 51 9.98 -6.89 -10.25
CA LYS A 51 8.91 -6.73 -9.27
C LYS A 51 9.41 -7.17 -7.90
N ARG A 52 9.71 -6.19 -7.06
CA ARG A 52 10.43 -6.43 -5.80
C ARG A 52 9.60 -7.23 -4.81
N GLY A 53 8.28 -7.14 -4.92
CA GLY A 53 7.43 -7.92 -4.04
C GLY A 53 6.28 -7.11 -3.47
N PHE A 54 6.34 -5.79 -3.64
CA PHE A 54 5.33 -4.92 -3.06
C PHE A 54 4.96 -3.81 -4.04
N ALA A 55 3.80 -3.20 -3.81
CA ALA A 55 3.33 -2.11 -4.65
C ALA A 55 2.57 -1.09 -3.80
N PHE A 56 2.34 0.08 -4.36
CA PHE A 56 1.64 1.15 -3.65
C PHE A 56 0.51 1.69 -4.54
N VAL A 57 -0.54 2.17 -3.90
CA VAL A 57 -1.63 2.79 -4.63
C VAL A 57 -1.86 4.21 -4.13
N THR A 58 -1.57 5.18 -4.98
CA THR A 58 -1.73 6.59 -4.64
C THR A 58 -3.14 7.06 -4.96
N PHE A 59 -3.79 7.66 -3.98
CA PHE A 59 -5.15 8.16 -4.17
C PHE A 59 -5.14 9.69 -4.18
N ASP A 60 -6.11 10.27 -4.87
CA ASP A 60 -6.20 11.73 -4.96
C ASP A 60 -6.74 12.31 -3.66
N ASP A 61 -7.35 11.45 -2.86
CA ASP A 61 -7.98 11.89 -1.62
C ASP A 61 -7.59 10.96 -0.46
N HIS A 62 -7.60 11.51 0.75
CA HIS A 62 -7.21 10.74 1.92
C HIS A 62 -8.43 10.13 2.62
N ASP A 63 -9.61 10.29 2.04
CA ASP A 63 -10.79 9.60 2.56
C ASP A 63 -10.94 8.28 1.84
N SER A 64 -10.64 8.28 0.55
CA SER A 64 -10.70 7.07 -0.26
C SER A 64 -9.78 5.98 0.31
N VAL A 65 -8.73 6.40 1.00
CA VAL A 65 -7.78 5.48 1.60
C VAL A 65 -8.30 4.91 2.92
N ASP A 66 -9.25 5.62 3.54
CA ASP A 66 -9.66 5.29 4.91
C ASP A 66 -10.45 3.99 4.93
N LYS A 67 -11.29 3.80 3.91
CA LYS A 67 -12.06 2.58 3.79
C LYS A 67 -11.16 1.37 3.57
N ILE A 68 -9.94 1.65 3.15
CA ILE A 68 -9.00 0.59 2.81
C ILE A 68 -8.06 0.30 3.97
N VAL A 69 -7.41 1.34 4.48
CA VAL A 69 -6.36 1.18 5.50
C VAL A 69 -6.91 0.60 6.81
N ILE A 70 -8.21 0.73 7.04
CA ILE A 70 -8.83 0.20 8.24
C ILE A 70 -8.84 -1.33 8.22
N GLN A 71 -8.88 -1.89 7.02
CA GLN A 71 -8.82 -3.33 6.85
C GLN A 71 -7.44 -3.72 6.33
N LYS A 72 -6.93 -4.85 6.81
CA LYS A 72 -5.61 -5.30 6.41
C LYS A 72 -5.68 -6.13 5.13
N TYR A 73 -6.21 -7.33 5.23
CA TYR A 73 -6.23 -8.22 4.08
C TYR A 73 -7.36 -7.87 3.12
N HIS A 74 -6.97 -7.49 1.90
CA HIS A 74 -7.90 -7.18 0.83
C HIS A 74 -7.68 -8.15 -0.32
N THR A 75 -8.75 -8.58 -0.94
CA THR A 75 -8.67 -9.51 -2.05
C THR A 75 -8.61 -8.77 -3.39
N VAL A 76 -7.45 -8.79 -4.02
CA VAL A 76 -7.27 -8.18 -5.32
C VAL A 76 -6.83 -9.24 -6.32
N ASN A 77 -7.43 -9.20 -7.52
CA ASN A 77 -7.12 -10.16 -8.59
C ASN A 77 -7.64 -11.57 -8.26
N GLY A 78 -8.03 -11.78 -7.01
CA GLY A 78 -8.48 -13.08 -6.59
C GLY A 78 -7.65 -13.61 -5.44
N HIS A 79 -6.64 -12.86 -5.06
CA HIS A 79 -5.78 -13.24 -3.95
C HIS A 79 -5.97 -12.27 -2.79
N ASN A 80 -6.02 -12.80 -1.59
CA ASN A 80 -6.20 -11.98 -0.41
C ASN A 80 -4.84 -11.51 0.12
N CYS A 81 -4.53 -10.25 -0.15
CA CYS A 81 -3.22 -9.69 0.19
C CYS A 81 -3.33 -8.76 1.38
N GLU A 82 -2.19 -8.31 1.88
CA GLU A 82 -2.14 -7.42 3.04
C GLU A 82 -2.01 -5.96 2.59
N VAL A 83 -2.94 -5.14 3.05
CA VAL A 83 -2.92 -3.73 2.74
C VAL A 83 -2.82 -2.92 4.03
N ARG A 84 -1.89 -1.97 4.04
CA ARG A 84 -1.71 -1.08 5.17
C ARG A 84 -1.33 0.31 4.68
N LYS A 85 -1.26 1.26 5.59
CA LYS A 85 -0.94 2.64 5.23
C LYS A 85 0.52 2.72 4.76
N ALA A 86 0.73 3.26 3.57
CA ALA A 86 2.07 3.29 2.98
C ALA A 86 2.89 4.44 3.54
N LEU A 87 3.60 4.19 4.62
CA LEU A 87 4.50 5.16 5.21
C LEU A 87 5.86 5.05 4.53
N SER A 88 6.50 6.20 4.31
CA SER A 88 7.79 6.24 3.63
C SER A 88 8.81 5.40 4.38
N LYS A 89 9.80 4.88 3.65
CA LYS A 89 10.89 4.13 4.26
C LYS A 89 11.64 5.00 5.27
N GLN A 90 11.51 6.31 5.10
CA GLN A 90 12.06 7.27 6.04
C GLN A 90 11.27 7.21 7.34
N GLU A 91 9.95 7.26 7.21
CA GLU A 91 9.05 7.28 8.35
C GLU A 91 8.99 5.93 9.03
N MET A 92 9.00 4.87 8.23
CA MET A 92 8.84 3.51 8.74
C MET A 92 9.99 3.14 9.67
N ALA A 93 11.12 3.80 9.51
CA ALA A 93 12.26 3.56 10.37
C ALA A 93 12.04 4.22 11.73
N SER A 94 11.62 5.48 11.69
CA SER A 94 11.36 6.24 12.90
C SER A 94 10.17 5.66 13.67
N ALA A 95 9.10 5.34 12.94
CA ALA A 95 7.88 4.83 13.55
C ALA A 95 8.10 3.47 14.20
N SER A 96 8.99 2.68 13.60
CA SER A 96 9.29 1.36 14.13
C SER A 96 10.19 1.47 15.36
N SER A 97 11.16 2.39 15.29
CA SER A 97 12.06 2.61 16.40
C SER A 97 11.32 3.19 17.60
N SER A 98 10.37 4.09 17.32
CA SER A 98 9.61 4.75 18.37
C SER A 98 8.31 3.98 18.64
N GLN A 99 8.31 2.70 18.33
CA GLN A 99 7.18 1.82 18.65
C GLN A 99 6.96 1.79 20.15
N ARG A 100 5.82 2.27 20.59
CA ARG A 100 5.55 2.43 22.01
C ARG A 100 4.42 1.53 22.48
N GLY A 101 4.59 1.01 23.68
CA GLY A 101 3.57 0.20 24.30
C GLY A 101 3.28 0.69 25.70
N ARG A 102 2.15 0.28 26.26
CA ARG A 102 1.77 0.71 27.60
C ARG A 102 1.29 -0.50 28.39
N SER A 1 5.28 -0.54 14.24
CA SER A 1 3.82 -0.48 14.38
C SER A 1 3.15 -1.11 13.17
N GLN A 2 1.94 -1.63 13.35
CA GLN A 2 1.19 -2.22 12.26
C GLN A 2 0.43 -1.14 11.51
N ARG A 3 -0.09 -0.19 12.27
CA ARG A 3 -0.75 0.98 11.70
C ARG A 3 -0.08 2.24 12.24
N PRO A 4 0.87 2.80 11.47
CA PRO A 4 1.75 3.87 11.94
C PRO A 4 1.12 5.25 11.81
N GLY A 5 -0.17 5.34 12.06
CA GLY A 5 -0.86 6.60 11.95
C GLY A 5 -2.34 6.41 11.75
N ALA A 6 -2.99 5.76 12.70
CA ALA A 6 -4.41 5.48 12.60
C ALA A 6 -5.23 6.76 12.74
N HIS A 7 -4.72 7.70 13.52
CA HIS A 7 -5.37 8.99 13.72
C HIS A 7 -4.90 9.98 12.65
N LEU A 8 -4.16 9.50 11.67
CA LEU A 8 -3.59 10.34 10.63
C LEU A 8 -4.19 10.03 9.27
N THR A 9 -4.26 11.03 8.42
CA THR A 9 -4.79 10.86 7.08
C THR A 9 -3.68 10.56 6.09
N VAL A 10 -3.75 9.38 5.48
CA VAL A 10 -2.75 8.96 4.52
C VAL A 10 -3.37 8.89 3.11
N LYS A 11 -2.61 9.26 2.09
CA LYS A 11 -3.14 9.34 0.72
C LYS A 11 -2.68 8.16 -0.13
N LYS A 12 -1.80 7.35 0.40
CA LYS A 12 -1.28 6.20 -0.31
C LYS A 12 -1.30 4.98 0.59
N ILE A 13 -1.65 3.83 0.02
CA ILE A 13 -1.68 2.60 0.78
C ILE A 13 -0.53 1.68 0.39
N PHE A 14 -0.19 0.78 1.29
CA PHE A 14 0.84 -0.21 1.05
C PHE A 14 0.20 -1.57 0.85
N VAL A 15 0.45 -2.19 -0.30
CA VAL A 15 -0.14 -3.47 -0.59
C VAL A 15 0.89 -4.59 -0.47
N GLY A 16 0.82 -5.32 0.63
CA GLY A 16 1.69 -6.47 0.83
C GLY A 16 0.88 -7.75 0.83
N GLY A 17 1.55 -8.87 1.05
CA GLY A 17 0.86 -10.15 1.08
C GLY A 17 0.20 -10.49 -0.25
N ILE A 18 0.83 -10.09 -1.34
CA ILE A 18 0.26 -10.28 -2.66
C ILE A 18 0.92 -11.45 -3.39
N LYS A 19 0.59 -11.61 -4.66
CA LYS A 19 1.15 -12.68 -5.47
C LYS A 19 2.42 -12.20 -6.16
N GLU A 20 3.09 -13.09 -6.89
CA GLU A 20 4.29 -12.72 -7.64
C GLU A 20 3.96 -11.72 -8.72
N ASP A 21 2.87 -11.97 -9.45
CA ASP A 21 2.47 -11.13 -10.55
C ASP A 21 1.28 -10.26 -10.16
N THR A 22 1.56 -9.00 -9.83
CA THR A 22 0.53 -8.04 -9.52
C THR A 22 0.97 -6.66 -10.01
N GLU A 23 0.17 -6.07 -10.90
CA GLU A 23 0.57 -4.82 -11.55
C GLU A 23 -0.43 -3.72 -11.26
N GLU A 24 -0.27 -2.59 -11.95
CA GLU A 24 -1.06 -1.40 -11.71
C GLU A 24 -2.56 -1.66 -11.89
N HIS A 25 -2.93 -2.35 -12.96
CA HIS A 25 -4.33 -2.57 -13.25
C HIS A 25 -4.97 -3.42 -12.15
N HIS A 26 -4.17 -4.30 -11.55
CA HIS A 26 -4.64 -5.14 -10.47
C HIS A 26 -5.05 -4.30 -9.26
N LEU A 27 -4.10 -3.50 -8.77
CA LEU A 27 -4.37 -2.62 -7.64
C LEU A 27 -5.48 -1.63 -7.98
N ARG A 28 -5.32 -0.95 -9.10
CA ARG A 28 -6.26 0.08 -9.50
C ARG A 28 -7.68 -0.46 -9.63
N ASP A 29 -7.85 -1.53 -10.41
CA ASP A 29 -9.18 -2.08 -10.70
C ASP A 29 -9.91 -2.47 -9.42
N TYR A 30 -9.17 -2.82 -8.39
CA TYR A 30 -9.77 -3.20 -7.11
C TYR A 30 -10.02 -1.97 -6.25
N PHE A 31 -9.06 -1.05 -6.20
CA PHE A 31 -9.13 0.08 -5.28
C PHE A 31 -9.89 1.27 -5.88
N GLU A 32 -10.11 1.27 -7.19
CA GLU A 32 -10.87 2.33 -7.84
C GLU A 32 -12.33 2.29 -7.39
N GLN A 33 -12.73 1.13 -6.92
CA GLN A 33 -14.08 0.92 -6.39
C GLN A 33 -14.25 1.67 -5.08
N TYR A 34 -13.13 2.01 -4.45
CA TYR A 34 -13.16 2.71 -3.18
C TYR A 34 -13.15 4.23 -3.39
N GLY A 35 -12.45 4.67 -4.43
CA GLY A 35 -12.42 6.09 -4.71
C GLY A 35 -11.48 6.45 -5.85
N LYS A 36 -11.22 7.74 -5.99
CA LYS A 36 -10.39 8.27 -7.05
C LYS A 36 -8.91 8.01 -6.79
N ILE A 37 -8.32 7.23 -7.68
CA ILE A 37 -6.91 6.89 -7.58
C ILE A 37 -6.07 7.85 -8.41
N GLU A 38 -4.94 8.23 -7.88
CA GLU A 38 -4.00 9.07 -8.59
C GLU A 38 -3.09 8.23 -9.48
N VAL A 39 -2.17 7.51 -8.87
CA VAL A 39 -1.23 6.68 -9.61
C VAL A 39 -0.97 5.38 -8.87
N ILE A 40 -0.64 4.33 -9.61
CA ILE A 40 -0.28 3.05 -9.01
C ILE A 40 1.22 2.85 -9.09
N GLU A 41 1.88 2.97 -7.96
CA GLU A 41 3.33 2.88 -7.91
C GLU A 41 3.77 1.44 -7.72
N ILE A 42 4.10 0.79 -8.83
CA ILE A 42 4.58 -0.58 -8.79
C ILE A 42 6.06 -0.59 -8.43
N MET A 43 6.42 -1.38 -7.43
CA MET A 43 7.81 -1.49 -7.03
C MET A 43 8.57 -2.39 -7.98
N THR A 44 9.33 -1.77 -8.86
CA THR A 44 10.11 -2.47 -9.85
C THR A 44 11.57 -2.54 -9.45
N ASP A 45 12.35 -3.37 -10.16
CA ASP A 45 13.78 -3.47 -9.93
C ASP A 45 14.41 -2.09 -10.08
N ARG A 46 15.37 -1.78 -9.23
CA ARG A 46 15.94 -0.45 -9.15
C ARG A 46 16.63 -0.05 -10.46
N GLY A 47 16.99 -1.04 -11.27
CA GLY A 47 17.65 -0.76 -12.52
C GLY A 47 16.88 -1.25 -13.72
N SER A 48 16.45 -2.50 -13.68
CA SER A 48 15.85 -3.13 -14.85
C SER A 48 14.35 -2.89 -14.92
N GLY A 49 13.77 -2.40 -13.83
CA GLY A 49 12.34 -2.11 -13.80
C GLY A 49 11.49 -3.36 -13.88
N LYS A 50 11.87 -4.37 -13.12
CA LYS A 50 11.17 -5.65 -13.09
C LYS A 50 10.20 -5.67 -11.93
N LYS A 51 9.04 -6.30 -12.10
CA LYS A 51 8.09 -6.43 -11.00
C LYS A 51 8.72 -7.18 -9.83
N ARG A 52 9.00 -6.45 -8.77
CA ARG A 52 9.73 -6.99 -7.62
C ARG A 52 8.78 -7.74 -6.70
N GLY A 53 7.83 -7.03 -6.13
CA GLY A 53 6.94 -7.62 -5.16
C GLY A 53 5.79 -6.71 -4.79
N PHE A 54 5.95 -6.00 -3.68
CA PHE A 54 4.91 -5.11 -3.17
C PHE A 54 4.65 -3.94 -4.11
N ALA A 55 3.53 -3.27 -3.90
CA ALA A 55 3.15 -2.13 -4.70
C ALA A 55 2.42 -1.10 -3.84
N PHE A 56 2.23 0.09 -4.40
CA PHE A 56 1.60 1.18 -3.67
C PHE A 56 0.49 1.79 -4.50
N VAL A 57 -0.56 2.22 -3.84
CA VAL A 57 -1.67 2.85 -4.53
C VAL A 57 -1.87 4.26 -4.00
N THR A 58 -1.53 5.25 -4.81
CA THR A 58 -1.71 6.64 -4.42
C THR A 58 -3.10 7.12 -4.81
N PHE A 59 -3.85 7.61 -3.84
CA PHE A 59 -5.19 8.10 -4.09
C PHE A 59 -5.20 9.63 -4.05
N ASP A 60 -6.14 10.24 -4.76
CA ASP A 60 -6.28 11.69 -4.74
C ASP A 60 -6.77 12.15 -3.39
N ASP A 61 -7.55 11.31 -2.75
CA ASP A 61 -8.19 11.65 -1.48
C ASP A 61 -7.79 10.66 -0.41
N HIS A 62 -7.66 11.14 0.82
CA HIS A 62 -7.30 10.29 1.94
C HIS A 62 -8.52 9.57 2.49
N ASP A 63 -9.71 10.01 2.09
CA ASP A 63 -10.96 9.43 2.58
C ASP A 63 -11.17 8.06 1.97
N SER A 64 -10.94 7.96 0.67
CA SER A 64 -11.03 6.69 -0.04
C SER A 64 -10.00 5.71 0.49
N VAL A 65 -8.89 6.25 0.99
CA VAL A 65 -7.83 5.44 1.59
C VAL A 65 -8.30 4.86 2.92
N ASP A 66 -9.08 5.65 3.65
CA ASP A 66 -9.58 5.24 4.95
C ASP A 66 -10.43 3.97 4.84
N LYS A 67 -11.19 3.87 3.74
CA LYS A 67 -12.02 2.69 3.50
C LYS A 67 -11.16 1.44 3.41
N ILE A 68 -9.91 1.64 3.05
CA ILE A 68 -8.99 0.56 2.78
C ILE A 68 -8.16 0.22 4.01
N VAL A 69 -7.56 1.25 4.59
CA VAL A 69 -6.60 1.07 5.69
C VAL A 69 -7.28 0.58 6.98
N ILE A 70 -8.61 0.73 7.06
CA ILE A 70 -9.35 0.31 8.24
C ILE A 70 -9.35 -1.21 8.41
N GLN A 71 -9.28 -1.93 7.30
CA GLN A 71 -9.13 -3.38 7.37
C GLN A 71 -7.74 -3.76 6.88
N LYS A 72 -7.41 -5.04 6.98
CA LYS A 72 -6.06 -5.49 6.68
C LYS A 72 -6.04 -6.41 5.46
N TYR A 73 -6.75 -7.53 5.56
CA TYR A 73 -6.80 -8.50 4.48
C TYR A 73 -7.73 -8.04 3.37
N HIS A 74 -7.12 -7.59 2.29
CA HIS A 74 -7.84 -7.14 1.10
C HIS A 74 -7.79 -8.21 0.03
N THR A 75 -8.52 -8.02 -1.05
CA THR A 75 -8.56 -9.00 -2.11
C THR A 75 -8.17 -8.37 -3.44
N VAL A 76 -6.92 -8.55 -3.83
CA VAL A 76 -6.42 -8.03 -5.09
C VAL A 76 -6.17 -9.18 -6.06
N ASN A 77 -6.66 -9.06 -7.28
CA ASN A 77 -6.52 -10.10 -8.31
C ASN A 77 -7.24 -11.39 -7.88
N GLY A 78 -8.10 -11.25 -6.87
CA GLY A 78 -8.81 -12.39 -6.35
C GLY A 78 -8.07 -13.06 -5.21
N HIS A 79 -6.87 -12.58 -4.91
CA HIS A 79 -6.04 -13.16 -3.86
C HIS A 79 -6.16 -12.35 -2.59
N ASN A 80 -5.87 -13.00 -1.47
CA ASN A 80 -5.92 -12.33 -0.18
C ASN A 80 -4.61 -11.60 0.08
N CYS A 81 -4.70 -10.29 0.23
CA CYS A 81 -3.53 -9.45 0.42
C CYS A 81 -3.62 -8.73 1.77
N GLU A 82 -2.56 -8.04 2.13
CA GLU A 82 -2.49 -7.36 3.41
C GLU A 82 -2.05 -5.92 3.20
N VAL A 83 -2.93 -4.97 3.51
CA VAL A 83 -2.68 -3.57 3.16
C VAL A 83 -2.50 -2.71 4.41
N ARG A 84 -1.66 -1.70 4.29
CA ARG A 84 -1.38 -0.78 5.39
C ARG A 84 -1.42 0.66 4.92
N LYS A 85 -1.35 1.58 5.86
CA LYS A 85 -1.23 2.99 5.56
C LYS A 85 0.23 3.27 5.16
N ALA A 86 0.45 3.59 3.91
CA ALA A 86 1.80 3.72 3.39
C ALA A 86 2.51 4.96 3.90
N LEU A 87 3.47 4.74 4.79
CA LEU A 87 4.33 5.81 5.25
C LEU A 87 5.67 5.73 4.54
N SER A 88 6.16 6.87 4.06
CA SER A 88 7.42 6.93 3.32
C SER A 88 8.53 6.15 4.01
N LYS A 89 9.28 5.37 3.24
CA LYS A 89 10.36 4.54 3.78
C LYS A 89 11.38 5.39 4.54
N GLN A 90 11.56 6.62 4.07
CA GLN A 90 12.46 7.57 4.72
C GLN A 90 12.03 7.82 6.16
N GLU A 91 10.73 7.80 6.38
CA GLU A 91 10.16 8.09 7.68
C GLU A 91 9.96 6.82 8.49
N MET A 92 9.56 5.74 7.80
CA MET A 92 9.28 4.48 8.48
C MET A 92 10.54 3.92 9.14
N ALA A 93 11.70 4.31 8.63
CA ALA A 93 12.96 3.89 9.20
C ALA A 93 13.16 4.53 10.57
N SER A 94 12.73 5.77 10.69
CA SER A 94 12.85 6.51 11.93
C SER A 94 11.68 6.21 12.87
N ALA A 95 10.50 6.04 12.30
CA ALA A 95 9.27 5.87 13.07
C ALA A 95 9.23 4.53 13.76
N SER A 96 9.59 3.49 13.02
CA SER A 96 9.48 2.13 13.50
C SER A 96 10.54 1.80 14.56
N SER A 97 10.08 1.40 15.73
CA SER A 97 10.98 0.99 16.80
C SER A 97 11.27 -0.51 16.69
N SER A 98 12.15 -1.00 17.55
CA SER A 98 12.51 -2.41 17.54
C SER A 98 11.49 -3.23 18.32
N GLN A 99 10.24 -3.15 17.90
CA GLN A 99 9.16 -3.88 18.55
C GLN A 99 8.01 -4.12 17.58
N ARG A 100 7.69 -5.38 17.34
CA ARG A 100 6.57 -5.73 16.48
C ARG A 100 5.25 -5.29 17.11
N GLY A 101 4.64 -4.29 16.50
CA GLY A 101 3.42 -3.73 17.04
C GLY A 101 3.58 -2.28 17.42
N ARG A 102 4.81 -1.92 17.78
CA ARG A 102 5.13 -0.54 18.15
C ARG A 102 6.43 -0.11 17.48
N SER A 1 0.54 -4.18 17.41
CA SER A 1 0.63 -4.45 15.96
C SER A 1 1.21 -3.25 15.23
N GLN A 2 1.87 -3.50 14.11
CA GLN A 2 2.54 -2.44 13.37
C GLN A 2 1.52 -1.66 12.55
N ARG A 3 0.99 -0.60 13.15
CA ARG A 3 0.04 0.26 12.46
C ARG A 3 0.62 1.66 12.30
N PRO A 4 1.25 1.93 11.15
CA PRO A 4 1.88 3.22 10.88
C PRO A 4 0.92 4.21 10.23
N GLY A 5 1.18 5.49 10.42
CA GLY A 5 0.38 6.53 9.79
C GLY A 5 -1.00 6.64 10.42
N ALA A 6 -1.10 6.37 11.70
CA ALA A 6 -2.38 6.45 12.40
C ALA A 6 -2.67 7.89 12.82
N HIS A 7 -1.61 8.65 13.04
CA HIS A 7 -1.72 10.05 13.42
C HIS A 7 -1.55 10.94 12.18
N LEU A 8 -1.75 10.36 11.01
CA LEU A 8 -1.49 11.05 9.77
C LEU A 8 -2.65 10.86 8.78
N THR A 9 -2.94 11.90 8.01
CA THR A 9 -3.85 11.77 6.89
C THR A 9 -3.07 11.27 5.67
N VAL A 10 -3.21 9.99 5.40
CA VAL A 10 -2.41 9.35 4.37
C VAL A 10 -3.25 9.14 3.10
N LYS A 11 -2.62 9.31 1.96
CA LYS A 11 -3.30 9.19 0.69
C LYS A 11 -2.72 8.08 -0.17
N LYS A 12 -1.69 7.42 0.33
CA LYS A 12 -1.12 6.29 -0.37
C LYS A 12 -1.10 5.07 0.53
N ILE A 13 -1.53 3.95 0.00
CA ILE A 13 -1.60 2.72 0.78
C ILE A 13 -0.50 1.76 0.36
N PHE A 14 -0.25 0.77 1.21
CA PHE A 14 0.76 -0.24 0.95
C PHE A 14 0.10 -1.60 0.78
N VAL A 15 0.28 -2.19 -0.39
CA VAL A 15 -0.25 -3.51 -0.66
C VAL A 15 0.89 -4.51 -0.75
N GLY A 16 1.02 -5.34 0.27
CA GLY A 16 2.10 -6.32 0.31
C GLY A 16 1.58 -7.73 0.32
N GLY A 17 2.43 -8.67 -0.05
CA GLY A 17 2.02 -10.06 -0.05
C GLY A 17 1.27 -10.44 -1.30
N ILE A 18 1.44 -9.65 -2.35
CA ILE A 18 0.76 -9.88 -3.61
C ILE A 18 1.54 -10.88 -4.45
N LYS A 19 0.98 -11.27 -5.58
CA LYS A 19 1.64 -12.19 -6.49
C LYS A 19 2.42 -11.41 -7.53
N GLU A 20 3.35 -12.08 -8.20
CA GLU A 20 4.13 -11.45 -9.26
C GLU A 20 3.25 -11.16 -10.47
N ASP A 21 2.06 -11.75 -10.47
CA ASP A 21 1.06 -11.49 -11.50
C ASP A 21 0.38 -10.15 -11.27
N THR A 22 0.38 -9.73 -10.01
CA THR A 22 -0.31 -8.51 -9.61
C THR A 22 0.47 -7.27 -10.05
N GLU A 23 -0.19 -6.39 -10.79
CA GLU A 23 0.44 -5.18 -11.29
C GLU A 23 -0.43 -3.96 -11.00
N GLU A 24 -0.07 -2.82 -11.57
CA GLU A 24 -0.75 -1.55 -11.29
C GLU A 24 -2.26 -1.64 -11.49
N HIS A 25 -2.68 -2.16 -12.64
CA HIS A 25 -4.09 -2.22 -12.96
C HIS A 25 -4.85 -3.11 -11.97
N HIS A 26 -4.14 -4.09 -11.40
CA HIS A 26 -4.76 -5.00 -10.43
C HIS A 26 -5.11 -4.25 -9.15
N LEU A 27 -4.14 -3.52 -8.60
CA LEU A 27 -4.41 -2.69 -7.43
C LEU A 27 -5.48 -1.67 -7.76
N ARG A 28 -5.27 -0.94 -8.85
CA ARG A 28 -6.19 0.10 -9.27
C ARG A 28 -7.61 -0.44 -9.41
N ASP A 29 -7.77 -1.54 -10.15
CA ASP A 29 -9.09 -2.13 -10.41
C ASP A 29 -9.87 -2.40 -9.13
N TYR A 30 -9.15 -2.80 -8.08
CA TYR A 30 -9.80 -3.13 -6.82
C TYR A 30 -10.03 -1.88 -5.98
N PHE A 31 -9.06 -0.97 -5.96
CA PHE A 31 -9.13 0.17 -5.06
C PHE A 31 -9.89 1.35 -5.68
N GLU A 32 -10.08 1.33 -6.99
CA GLU A 32 -10.77 2.41 -7.69
C GLU A 32 -12.26 2.46 -7.34
N GLN A 33 -12.78 1.34 -6.85
CA GLN A 33 -14.18 1.26 -6.46
C GLN A 33 -14.40 1.92 -5.10
N TYR A 34 -13.31 2.14 -4.37
CA TYR A 34 -13.38 2.80 -3.07
C TYR A 34 -13.35 4.31 -3.25
N GLY A 35 -12.50 4.77 -4.16
CA GLY A 35 -12.39 6.19 -4.41
C GLY A 35 -11.52 6.49 -5.62
N LYS A 36 -11.19 7.76 -5.81
CA LYS A 36 -10.39 8.18 -6.94
C LYS A 36 -8.90 7.92 -6.70
N ILE A 37 -8.32 7.15 -7.59
CA ILE A 37 -6.91 6.81 -7.49
C ILE A 37 -6.07 7.75 -8.36
N GLU A 38 -4.95 8.17 -7.81
CA GLU A 38 -3.99 8.98 -8.53
C GLU A 38 -3.11 8.10 -9.43
N VAL A 39 -2.15 7.41 -8.82
CA VAL A 39 -1.21 6.56 -9.56
C VAL A 39 -0.92 5.29 -8.77
N ILE A 40 -0.42 4.28 -9.46
CA ILE A 40 -0.03 3.03 -8.80
C ILE A 40 1.48 2.81 -8.95
N GLU A 41 2.16 2.68 -7.83
CA GLU A 41 3.59 2.41 -7.83
C GLU A 41 3.85 0.95 -7.49
N ILE A 42 4.51 0.24 -8.39
CA ILE A 42 4.74 -1.19 -8.18
C ILE A 42 6.11 -1.43 -7.56
N MET A 43 6.92 -0.36 -7.47
CA MET A 43 8.28 -0.45 -6.95
C MET A 43 9.05 -1.57 -7.65
N THR A 44 9.31 -1.33 -8.92
CA THR A 44 9.92 -2.32 -9.79
C THR A 44 11.43 -2.37 -9.62
N ASP A 45 12.04 -3.45 -10.12
CA ASP A 45 13.49 -3.59 -10.15
C ASP A 45 14.13 -2.34 -10.73
N ARG A 46 15.23 -1.91 -10.14
CA ARG A 46 15.86 -0.65 -10.50
C ARG A 46 16.52 -0.72 -11.87
N GLY A 47 16.64 -1.94 -12.40
CA GLY A 47 17.27 -2.13 -13.69
C GLY A 47 16.31 -2.65 -14.74
N SER A 48 15.71 -3.80 -14.49
CA SER A 48 14.90 -4.47 -15.49
C SER A 48 13.45 -4.01 -15.47
N GLY A 49 12.99 -3.57 -14.31
CA GLY A 49 11.60 -3.18 -14.16
C GLY A 49 10.71 -4.35 -13.79
N LYS A 50 11.20 -5.17 -12.88
CA LYS A 50 10.46 -6.33 -12.40
C LYS A 50 9.40 -5.88 -11.42
N LYS A 51 8.17 -6.27 -11.65
CA LYS A 51 7.08 -5.87 -10.77
C LYS A 51 7.16 -6.64 -9.45
N ARG A 52 7.42 -5.89 -8.38
CA ARG A 52 7.73 -6.47 -7.08
C ARG A 52 6.49 -7.11 -6.44
N GLY A 53 6.71 -7.84 -5.34
CA GLY A 53 5.62 -8.48 -4.64
C GLY A 53 4.96 -7.58 -3.61
N PHE A 54 5.19 -6.29 -3.75
CA PHE A 54 4.51 -5.29 -2.95
C PHE A 54 4.39 -4.01 -3.75
N ALA A 55 3.26 -3.33 -3.61
CA ALA A 55 3.00 -2.14 -4.39
C ALA A 55 2.34 -1.07 -3.54
N PHE A 56 2.19 0.11 -4.12
CA PHE A 56 1.63 1.25 -3.42
C PHE A 56 0.57 1.91 -4.29
N VAL A 57 -0.54 2.27 -3.68
CA VAL A 57 -1.64 2.90 -4.39
C VAL A 57 -1.86 4.32 -3.90
N THR A 58 -1.54 5.29 -4.74
CA THR A 58 -1.73 6.68 -4.39
C THR A 58 -3.15 7.13 -4.75
N PHE A 59 -3.87 7.66 -3.80
CA PHE A 59 -5.21 8.14 -4.03
C PHE A 59 -5.23 9.66 -4.06
N ASP A 60 -6.16 10.22 -4.82
CA ASP A 60 -6.31 11.66 -4.94
C ASP A 60 -6.83 12.28 -3.64
N ASP A 61 -7.49 11.46 -2.84
CA ASP A 61 -8.06 11.90 -1.58
C ASP A 61 -7.78 10.88 -0.49
N HIS A 62 -7.56 11.35 0.73
CA HIS A 62 -7.33 10.45 1.86
C HIS A 62 -8.65 9.83 2.30
N ASP A 63 -9.76 10.37 1.80
CA ASP A 63 -11.08 9.82 2.07
C ASP A 63 -11.17 8.41 1.48
N SER A 64 -10.72 8.26 0.24
CA SER A 64 -10.75 6.98 -0.45
C SER A 64 -9.87 5.95 0.26
N VAL A 65 -8.93 6.45 1.04
CA VAL A 65 -7.97 5.61 1.74
C VAL A 65 -8.59 5.02 3.02
N ASP A 66 -9.52 5.75 3.62
CA ASP A 66 -10.07 5.40 4.93
C ASP A 66 -10.82 4.05 4.88
N LYS A 67 -11.51 3.80 3.78
CA LYS A 67 -12.28 2.56 3.63
C LYS A 67 -11.35 1.36 3.48
N ILE A 68 -10.10 1.66 3.16
CA ILE A 68 -9.14 0.63 2.84
C ILE A 68 -8.22 0.32 4.02
N VAL A 69 -7.57 1.34 4.54
CA VAL A 69 -6.57 1.17 5.60
C VAL A 69 -7.14 0.55 6.87
N ILE A 70 -8.44 0.66 7.05
CA ILE A 70 -9.10 0.08 8.22
C ILE A 70 -9.04 -1.44 8.19
N GLN A 71 -9.03 -1.99 6.98
CA GLN A 71 -8.92 -3.42 6.79
C GLN A 71 -7.53 -3.78 6.29
N LYS A 72 -7.00 -4.89 6.76
CA LYS A 72 -5.65 -5.30 6.38
C LYS A 72 -5.68 -6.21 5.15
N TYR A 73 -6.13 -7.43 5.32
CA TYR A 73 -6.14 -8.38 4.21
C TYR A 73 -7.29 -8.11 3.26
N HIS A 74 -6.97 -7.62 2.08
CA HIS A 74 -7.94 -7.36 1.04
C HIS A 74 -7.81 -8.40 -0.07
N THR A 75 -8.86 -8.58 -0.85
CA THR A 75 -8.84 -9.51 -1.97
C THR A 75 -8.53 -8.77 -3.27
N VAL A 76 -7.27 -8.85 -3.71
CA VAL A 76 -6.84 -8.21 -4.96
C VAL A 76 -6.40 -9.28 -5.95
N ASN A 77 -6.87 -9.18 -7.20
CA ASN A 77 -6.55 -10.17 -8.23
C ASN A 77 -7.12 -11.55 -7.83
N GLY A 78 -8.12 -11.51 -6.94
CA GLY A 78 -8.68 -12.73 -6.41
C GLY A 78 -7.75 -13.41 -5.44
N HIS A 79 -6.81 -12.64 -4.92
CA HIS A 79 -5.79 -13.15 -4.02
C HIS A 79 -5.79 -12.34 -2.72
N ASN A 80 -5.44 -12.97 -1.62
CA ASN A 80 -5.41 -12.30 -0.33
C ASN A 80 -4.08 -11.58 -0.12
N CYS A 81 -4.13 -10.27 -0.01
CA CYS A 81 -2.93 -9.46 0.18
C CYS A 81 -3.11 -8.52 1.37
N GLU A 82 -2.00 -8.05 1.93
CA GLU A 82 -2.05 -7.14 3.06
C GLU A 82 -2.08 -5.69 2.58
N VAL A 83 -2.96 -4.91 3.17
CA VAL A 83 -3.02 -3.50 2.89
C VAL A 83 -2.98 -2.69 4.19
N ARG A 84 -2.13 -1.67 4.20
CA ARG A 84 -2.02 -0.76 5.32
C ARG A 84 -1.57 0.61 4.83
N LYS A 85 -1.38 1.55 5.73
CA LYS A 85 -0.94 2.89 5.34
C LYS A 85 0.50 2.84 4.82
N ALA A 86 0.72 3.43 3.66
CA ALA A 86 2.06 3.52 3.10
C ALA A 86 2.79 4.74 3.63
N LEU A 87 3.54 4.55 4.71
CA LEU A 87 4.36 5.61 5.27
C LEU A 87 5.67 5.72 4.49
N SER A 88 6.06 6.94 4.16
CA SER A 88 7.27 7.19 3.37
C SER A 88 8.47 6.46 3.95
N LYS A 89 9.33 5.95 3.07
CA LYS A 89 10.54 5.24 3.50
C LYS A 89 11.41 6.17 4.36
N GLN A 90 11.35 7.45 4.06
CA GLN A 90 12.07 8.46 4.81
C GLN A 90 11.55 8.54 6.25
N GLU A 91 10.22 8.40 6.38
CA GLU A 91 9.56 8.51 7.66
C GLU A 91 9.62 7.21 8.44
N MET A 92 9.51 6.09 7.74
CA MET A 92 9.58 4.79 8.39
C MET A 92 10.98 4.54 8.93
N ALA A 93 11.95 5.25 8.38
CA ALA A 93 13.33 5.17 8.85
C ALA A 93 13.44 5.77 10.26
N SER A 94 12.52 6.67 10.57
CA SER A 94 12.48 7.28 11.88
C SER A 94 11.55 6.51 12.82
N ALA A 95 10.34 6.25 12.35
CA ALA A 95 9.32 5.61 13.18
C ALA A 95 9.72 4.20 13.56
N SER A 96 10.07 3.40 12.56
CA SER A 96 10.41 2.01 12.79
C SER A 96 11.92 1.88 13.01
N SER A 97 12.34 2.11 14.25
CA SER A 97 13.75 2.04 14.60
C SER A 97 13.91 1.76 16.09
N SER A 98 14.94 1.03 16.44
CA SER A 98 15.19 0.70 17.83
C SER A 98 16.22 1.65 18.44
N GLN A 99 17.44 1.61 17.90
CA GLN A 99 18.50 2.50 18.36
C GLN A 99 19.30 3.03 17.17
N ARG A 100 19.26 4.33 16.97
CA ARG A 100 20.05 4.98 15.95
C ARG A 100 21.33 5.53 16.57
N GLY A 101 21.15 6.30 17.63
CA GLY A 101 22.28 6.88 18.33
C GLY A 101 22.15 6.70 19.82
N ARG A 102 23.10 7.24 20.57
CA ARG A 102 23.09 7.12 22.02
C ARG A 102 23.37 8.48 22.66
N SER A 1 3.12 -1.62 15.75
CA SER A 1 1.89 -1.11 15.10
C SER A 1 2.11 -0.99 13.59
N GLN A 2 1.15 -1.46 12.81
CA GLN A 2 1.26 -1.42 11.37
C GLN A 2 0.70 -0.11 10.82
N ARG A 3 -0.03 0.61 11.67
CA ARG A 3 -0.49 1.94 11.34
C ARG A 3 0.19 2.98 12.24
N PRO A 4 1.46 3.34 11.93
CA PRO A 4 2.26 4.24 12.76
C PRO A 4 1.97 5.71 12.47
N GLY A 5 1.09 5.96 11.53
CA GLY A 5 0.71 7.31 11.20
C GLY A 5 -0.78 7.47 11.07
N ALA A 6 -1.49 7.12 12.13
CA ALA A 6 -2.94 7.16 12.13
C ALA A 6 -3.46 8.58 12.17
N HIS A 7 -2.69 9.47 12.81
CA HIS A 7 -3.03 10.88 12.88
C HIS A 7 -2.66 11.59 11.58
N LEU A 8 -1.85 10.92 10.77
CA LEU A 8 -1.39 11.48 9.52
C LEU A 8 -2.39 11.22 8.40
N THR A 9 -2.63 12.21 7.57
CA THR A 9 -3.53 12.04 6.45
C THR A 9 -2.80 11.40 5.28
N VAL A 10 -2.95 10.09 5.17
CA VAL A 10 -2.23 9.32 4.17
C VAL A 10 -3.05 9.22 2.89
N LYS A 11 -2.40 9.44 1.76
CA LYS A 11 -3.08 9.41 0.46
C LYS A 11 -2.49 8.33 -0.44
N LYS A 12 -1.78 7.40 0.18
CA LYS A 12 -1.21 6.28 -0.53
C LYS A 12 -1.22 5.06 0.37
N ILE A 13 -1.67 3.93 -0.15
CA ILE A 13 -1.76 2.72 0.64
C ILE A 13 -0.62 1.76 0.29
N PHE A 14 -0.40 0.79 1.16
CA PHE A 14 0.65 -0.19 0.99
C PHE A 14 0.04 -1.57 0.77
N VAL A 15 0.24 -2.11 -0.42
CA VAL A 15 -0.25 -3.45 -0.75
C VAL A 15 0.92 -4.43 -0.75
N GLY A 16 1.09 -5.15 0.35
CA GLY A 16 2.21 -6.05 0.47
C GLY A 16 1.80 -7.51 0.41
N GLY A 17 2.60 -8.33 -0.24
CA GLY A 17 2.32 -9.75 -0.31
C GLY A 17 1.85 -10.16 -1.69
N ILE A 18 2.25 -9.40 -2.69
CA ILE A 18 1.82 -9.66 -4.05
C ILE A 18 2.90 -10.40 -4.84
N LYS A 19 2.48 -11.19 -5.82
CA LYS A 19 3.40 -11.91 -6.67
C LYS A 19 3.20 -11.48 -8.11
N GLU A 20 3.55 -12.35 -9.05
CA GLU A 20 3.36 -12.08 -10.48
C GLU A 20 1.90 -11.79 -10.79
N ASP A 21 1.02 -12.29 -9.91
CA ASP A 21 -0.42 -12.16 -10.07
C ASP A 21 -0.88 -10.71 -10.21
N THR A 22 -0.33 -9.82 -9.40
CA THR A 22 -0.88 -8.48 -9.28
C THR A 22 0.02 -7.42 -9.90
N GLU A 23 -0.59 -6.48 -10.63
CA GLU A 23 0.12 -5.33 -11.18
C GLU A 23 -0.74 -4.07 -11.02
N GLU A 24 -0.35 -2.98 -11.68
CA GLU A 24 -1.01 -1.69 -11.52
C GLU A 24 -2.51 -1.76 -11.82
N HIS A 25 -2.89 -2.35 -12.94
CA HIS A 25 -4.30 -2.39 -13.33
C HIS A 25 -5.11 -3.20 -12.32
N HIS A 26 -4.45 -4.15 -11.65
CA HIS A 26 -5.10 -4.96 -10.65
C HIS A 26 -5.43 -4.13 -9.42
N LEU A 27 -4.43 -3.42 -8.90
CA LEU A 27 -4.63 -2.56 -7.74
C LEU A 27 -5.69 -1.51 -8.05
N ARG A 28 -5.52 -0.85 -9.18
CA ARG A 28 -6.42 0.24 -9.58
C ARG A 28 -7.86 -0.23 -9.68
N ASP A 29 -8.11 -1.29 -10.44
CA ASP A 29 -9.48 -1.75 -10.68
C ASP A 29 -10.17 -2.15 -9.38
N TYR A 30 -9.38 -2.60 -8.41
CA TYR A 30 -9.93 -2.99 -7.13
C TYR A 30 -10.14 -1.78 -6.22
N PHE A 31 -9.17 -0.89 -6.20
CA PHE A 31 -9.19 0.24 -5.27
C PHE A 31 -9.96 1.44 -5.81
N GLU A 32 -10.21 1.47 -7.11
CA GLU A 32 -10.96 2.56 -7.72
C GLU A 32 -12.40 2.57 -7.21
N GLN A 33 -12.85 1.41 -6.74
CA GLN A 33 -14.17 1.29 -6.13
C GLN A 33 -14.23 2.09 -4.84
N TYR A 34 -13.09 2.19 -4.17
CA TYR A 34 -13.00 2.87 -2.89
C TYR A 34 -12.92 4.38 -3.06
N GLY A 35 -12.38 4.83 -4.18
CA GLY A 35 -12.32 6.26 -4.45
C GLY A 35 -11.52 6.58 -5.68
N LYS A 36 -11.17 7.86 -5.85
CA LYS A 36 -10.41 8.31 -7.00
C LYS A 36 -8.92 8.02 -6.81
N ILE A 37 -8.36 7.24 -7.70
CA ILE A 37 -6.96 6.90 -7.66
C ILE A 37 -6.15 7.87 -8.50
N GLU A 38 -4.98 8.21 -8.00
CA GLU A 38 -4.03 9.03 -8.74
C GLU A 38 -3.16 8.16 -9.64
N VAL A 39 -2.26 7.40 -9.04
CA VAL A 39 -1.34 6.53 -9.77
C VAL A 39 -1.10 5.23 -9.02
N ILE A 40 -0.62 4.21 -9.73
CA ILE A 40 -0.29 2.94 -9.10
C ILE A 40 1.20 2.67 -9.23
N GLU A 41 1.83 2.36 -8.11
CA GLU A 41 3.23 2.02 -8.09
C GLU A 41 3.41 0.57 -7.66
N ILE A 42 3.91 -0.27 -8.55
CA ILE A 42 4.06 -1.69 -8.25
C ILE A 42 5.37 -1.94 -7.51
N MET A 43 6.21 -0.91 -7.48
CA MET A 43 7.55 -1.01 -6.91
C MET A 43 8.31 -2.14 -7.58
N THR A 44 8.64 -1.91 -8.84
CA THR A 44 9.47 -2.83 -9.58
C THR A 44 10.93 -2.43 -9.44
N ASP A 45 11.81 -3.39 -9.56
CA ASP A 45 13.24 -3.12 -9.55
C ASP A 45 13.55 -2.08 -10.62
N ARG A 46 14.09 -0.95 -10.19
CA ARG A 46 14.28 0.19 -11.08
C ARG A 46 15.49 0.00 -12.00
N GLY A 47 15.97 -1.23 -12.10
CA GLY A 47 17.02 -1.55 -13.04
C GLY A 47 16.65 -2.75 -13.89
N SER A 48 16.15 -3.80 -13.24
CA SER A 48 15.77 -5.03 -13.93
C SER A 48 14.31 -4.99 -14.39
N GLY A 49 13.50 -4.20 -13.70
CA GLY A 49 12.09 -4.10 -14.03
C GLY A 49 11.31 -5.34 -13.62
N LYS A 50 11.47 -5.73 -12.36
CA LYS A 50 10.80 -6.91 -11.83
C LYS A 50 10.06 -6.55 -10.54
N LYS A 51 8.89 -7.15 -10.33
CA LYS A 51 8.09 -6.85 -9.15
C LYS A 51 8.82 -7.27 -7.88
N ARG A 52 8.87 -6.37 -6.90
CA ARG A 52 9.55 -6.65 -5.65
C ARG A 52 8.63 -7.41 -4.68
N GLY A 53 7.34 -7.23 -4.83
CA GLY A 53 6.39 -7.98 -4.02
C GLY A 53 5.49 -7.11 -3.17
N PHE A 54 5.75 -5.82 -3.16
CA PHE A 54 4.88 -4.88 -2.46
C PHE A 54 4.62 -3.68 -3.34
N ALA A 55 3.37 -3.25 -3.39
CA ALA A 55 2.97 -2.15 -4.25
C ALA A 55 2.35 -1.02 -3.44
N PHE A 56 2.15 0.11 -4.10
CA PHE A 56 1.62 1.28 -3.46
C PHE A 56 0.56 1.91 -4.36
N VAL A 57 -0.61 2.17 -3.81
CA VAL A 57 -1.68 2.79 -4.57
C VAL A 57 -1.88 4.22 -4.11
N THR A 58 -1.53 5.18 -4.95
CA THR A 58 -1.67 6.58 -4.62
C THR A 58 -3.07 7.07 -4.98
N PHE A 59 -3.76 7.65 -4.00
CA PHE A 59 -5.10 8.16 -4.22
C PHE A 59 -5.09 9.68 -4.21
N ASP A 60 -6.08 10.27 -4.85
CA ASP A 60 -6.26 11.71 -4.84
C ASP A 60 -6.68 12.20 -3.47
N ASP A 61 -7.29 11.32 -2.70
CA ASP A 61 -7.88 11.70 -1.42
C ASP A 61 -7.52 10.71 -0.32
N HIS A 62 -7.43 11.21 0.91
CA HIS A 62 -7.14 10.37 2.06
C HIS A 62 -8.42 9.79 2.65
N ASP A 63 -9.56 10.21 2.11
CA ASP A 63 -10.84 9.64 2.51
C ASP A 63 -10.99 8.25 1.92
N SER A 64 -10.61 8.12 0.66
CA SER A 64 -10.73 6.86 -0.06
C SER A 64 -9.85 5.77 0.55
N VAL A 65 -8.71 6.17 1.10
CA VAL A 65 -7.76 5.21 1.66
C VAL A 65 -8.29 4.65 2.99
N ASP A 66 -9.19 5.39 3.62
CA ASP A 66 -9.70 5.03 4.94
C ASP A 66 -10.45 3.71 4.90
N LYS A 67 -11.32 3.54 3.91
CA LYS A 67 -12.10 2.31 3.77
C LYS A 67 -11.19 1.13 3.43
N ILE A 68 -9.94 1.43 3.16
CA ILE A 68 -8.96 0.43 2.79
C ILE A 68 -8.07 0.09 3.98
N VAL A 69 -7.53 1.11 4.62
CA VAL A 69 -6.59 0.95 5.72
C VAL A 69 -7.27 0.46 7.01
N ILE A 70 -8.59 0.57 7.08
CA ILE A 70 -9.32 0.08 8.26
C ILE A 70 -9.24 -1.44 8.36
N GLN A 71 -9.15 -2.10 7.21
CA GLN A 71 -8.94 -3.53 7.19
C GLN A 71 -7.50 -3.84 6.80
N LYS A 72 -7.19 -5.11 6.60
CA LYS A 72 -5.82 -5.52 6.29
C LYS A 72 -5.79 -6.37 5.04
N TYR A 73 -6.32 -7.57 5.12
CA TYR A 73 -6.37 -8.47 3.97
C TYR A 73 -7.36 -7.95 2.94
N HIS A 74 -6.86 -7.69 1.74
CA HIS A 74 -7.71 -7.30 0.63
C HIS A 74 -7.62 -8.33 -0.48
N THR A 75 -8.75 -8.59 -1.11
CA THR A 75 -8.81 -9.56 -2.18
C THR A 75 -8.62 -8.88 -3.53
N VAL A 76 -7.37 -8.63 -3.89
CA VAL A 76 -7.05 -7.95 -5.14
C VAL A 76 -6.73 -8.99 -6.20
N ASN A 77 -7.47 -8.97 -7.31
CA ASN A 77 -7.31 -9.96 -8.38
C ASN A 77 -7.65 -11.37 -7.86
N GLY A 78 -8.34 -11.41 -6.71
CA GLY A 78 -8.65 -12.68 -6.09
C GLY A 78 -7.53 -13.15 -5.17
N HIS A 79 -6.45 -12.39 -5.15
CA HIS A 79 -5.29 -12.72 -4.33
C HIS A 79 -5.45 -12.12 -2.94
N ASN A 80 -4.87 -12.75 -1.94
CA ASN A 80 -4.95 -12.25 -0.57
C ASN A 80 -3.70 -11.46 -0.22
N CYS A 81 -3.82 -10.14 -0.22
CA CYS A 81 -2.69 -9.27 0.07
C CYS A 81 -2.95 -8.47 1.34
N GLU A 82 -1.88 -8.06 2.00
CA GLU A 82 -1.99 -7.24 3.19
C GLU A 82 -1.90 -5.76 2.82
N VAL A 83 -2.90 -5.00 3.22
CA VAL A 83 -2.93 -3.59 2.91
C VAL A 83 -2.98 -2.74 4.18
N ARG A 84 -2.16 -1.70 4.21
CA ARG A 84 -2.15 -0.73 5.29
C ARG A 84 -1.80 0.64 4.72
N LYS A 85 -1.69 1.65 5.57
CA LYS A 85 -1.32 2.98 5.10
C LYS A 85 0.16 3.04 4.76
N ALA A 86 0.46 3.49 3.54
CA ALA A 86 1.83 3.58 3.09
C ALA A 86 2.51 4.81 3.64
N LEU A 87 3.33 4.63 4.66
CA LEU A 87 4.13 5.71 5.20
C LEU A 87 5.50 5.67 4.56
N SER A 88 6.03 6.84 4.22
CA SER A 88 7.31 6.95 3.53
C SER A 88 8.39 6.16 4.26
N LYS A 89 9.27 5.49 3.51
CA LYS A 89 10.29 4.67 4.13
C LYS A 89 11.24 5.51 4.97
N GLN A 90 11.29 6.80 4.67
CA GLN A 90 12.03 7.76 5.47
C GLN A 90 11.37 7.91 6.84
N GLU A 91 10.05 7.97 6.85
CA GLU A 91 9.27 8.11 8.07
C GLU A 91 9.20 6.79 8.82
N MET A 92 9.06 5.70 8.08
CA MET A 92 8.91 4.38 8.69
C MET A 92 10.21 3.95 9.37
N ALA A 93 11.31 4.62 9.03
CA ALA A 93 12.57 4.40 9.70
C ALA A 93 12.48 4.91 11.14
N SER A 94 11.69 5.96 11.32
CA SER A 94 11.44 6.51 12.64
C SER A 94 10.33 5.72 13.33
N ALA A 95 9.36 5.29 12.54
CA ALA A 95 8.23 4.52 13.04
C ALA A 95 8.69 3.18 13.61
N SER A 96 9.65 2.58 12.94
CA SER A 96 10.16 1.28 13.31
C SER A 96 11.06 1.37 14.53
N SER A 97 10.61 0.81 15.64
CA SER A 97 11.41 0.73 16.85
C SER A 97 12.37 -0.45 16.75
N SER A 98 12.04 -1.38 15.86
CA SER A 98 12.89 -2.53 15.62
C SER A 98 13.93 -2.19 14.55
N GLN A 99 15.20 -2.23 14.94
CA GLN A 99 16.28 -1.84 14.06
C GLN A 99 16.70 -3.00 13.17
N ARG A 100 17.29 -2.68 12.04
CA ARG A 100 17.86 -3.70 11.16
C ARG A 100 19.24 -4.07 11.69
N GLY A 101 19.99 -3.05 12.04
CA GLY A 101 21.30 -3.23 12.66
C GLY A 101 22.32 -3.82 11.70
N ARG A 102 23.50 -4.09 12.24
CA ARG A 102 24.55 -4.74 11.49
C ARG A 102 24.96 -5.99 12.23
N SER A 1 -6.59 -3.59 12.58
CA SER A 1 -6.12 -2.20 12.37
C SER A 1 -4.62 -2.11 12.61
N GLN A 2 -3.87 -1.88 11.54
CA GLN A 2 -2.43 -1.73 11.62
C GLN A 2 -2.02 -0.34 11.15
N ARG A 3 -1.75 0.53 12.11
CA ARG A 3 -1.47 1.92 11.80
C ARG A 3 -0.48 2.51 12.81
N PRO A 4 0.34 3.48 12.38
CA PRO A 4 1.13 4.29 13.29
C PRO A 4 0.32 5.50 13.75
N GLY A 5 0.30 6.53 12.90
CA GLY A 5 -0.56 7.66 13.15
C GLY A 5 -1.83 7.57 12.35
N ALA A 6 -2.92 7.21 12.99
CA ALA A 6 -4.19 6.98 12.30
C ALA A 6 -4.89 8.30 12.03
N HIS A 7 -4.51 9.34 12.76
CA HIS A 7 -5.09 10.66 12.58
C HIS A 7 -4.40 11.39 11.43
N LEU A 8 -3.31 10.81 10.95
CA LEU A 8 -2.57 11.39 9.84
C LEU A 8 -3.23 11.01 8.53
N THR A 9 -3.58 12.02 7.73
CA THR A 9 -4.27 11.77 6.48
C THR A 9 -3.30 11.29 5.40
N VAL A 10 -3.27 9.98 5.22
CA VAL A 10 -2.42 9.34 4.24
C VAL A 10 -3.16 9.22 2.91
N LYS A 11 -2.46 9.36 1.81
CA LYS A 11 -3.08 9.34 0.49
C LYS A 11 -2.52 8.24 -0.39
N LYS A 12 -1.71 7.38 0.21
CA LYS A 12 -1.18 6.22 -0.47
C LYS A 12 -1.20 5.02 0.46
N ILE A 13 -1.63 3.88 -0.05
CA ILE A 13 -1.69 2.67 0.76
C ILE A 13 -0.60 1.69 0.36
N PHE A 14 -0.28 0.79 1.26
CA PHE A 14 0.76 -0.20 1.02
C PHE A 14 0.13 -1.57 0.82
N VAL A 15 0.27 -2.12 -0.37
CA VAL A 15 -0.26 -3.44 -0.67
C VAL A 15 0.86 -4.46 -0.65
N GLY A 16 0.92 -5.23 0.42
CA GLY A 16 1.98 -6.20 0.58
C GLY A 16 1.45 -7.62 0.55
N GLY A 17 2.33 -8.57 0.31
CA GLY A 17 1.93 -9.96 0.24
C GLY A 17 1.18 -10.26 -1.05
N ILE A 18 1.50 -9.55 -2.11
CA ILE A 18 0.85 -9.76 -3.39
C ILE A 18 1.65 -10.70 -4.27
N LYS A 19 1.14 -10.94 -5.46
CA LYS A 19 1.83 -11.79 -6.41
C LYS A 19 2.59 -10.92 -7.40
N GLU A 20 3.57 -11.48 -8.09
CA GLU A 20 4.35 -10.72 -9.06
C GLU A 20 3.55 -10.53 -10.34
N ASP A 21 2.39 -11.17 -10.39
CA ASP A 21 1.48 -11.03 -11.52
C ASP A 21 0.63 -9.77 -11.36
N THR A 22 0.31 -9.45 -10.11
CA THR A 22 -0.51 -8.28 -9.79
C THR A 22 0.22 -6.99 -10.12
N GLU A 23 -0.43 -6.09 -10.85
CA GLU A 23 0.19 -4.83 -11.23
C GLU A 23 -0.75 -3.64 -11.01
N GLU A 24 -0.43 -2.52 -11.67
CA GLU A 24 -1.16 -1.27 -11.51
C GLU A 24 -2.65 -1.44 -11.80
N HIS A 25 -2.99 -1.97 -12.96
CA HIS A 25 -4.38 -2.09 -13.35
C HIS A 25 -5.14 -3.03 -12.41
N HIS A 26 -4.44 -4.02 -11.86
CA HIS A 26 -5.04 -4.95 -10.92
C HIS A 26 -5.49 -4.22 -9.65
N LEU A 27 -4.51 -3.60 -8.99
CA LEU A 27 -4.76 -2.90 -7.73
C LEU A 27 -5.75 -1.76 -7.94
N ARG A 28 -5.54 -1.02 -9.01
CA ARG A 28 -6.40 0.11 -9.33
C ARG A 28 -7.84 -0.36 -9.54
N ASP A 29 -8.01 -1.48 -10.24
CA ASP A 29 -9.35 -2.01 -10.53
C ASP A 29 -10.13 -2.29 -9.25
N TYR A 30 -9.41 -2.67 -8.21
CA TYR A 30 -10.02 -3.03 -6.94
C TYR A 30 -10.20 -1.80 -6.04
N PHE A 31 -9.19 -0.95 -5.97
CA PHE A 31 -9.21 0.17 -5.03
C PHE A 31 -9.97 1.38 -5.58
N GLU A 32 -10.22 1.40 -6.88
CA GLU A 32 -10.94 2.51 -7.51
C GLU A 32 -12.40 2.56 -7.05
N GLN A 33 -12.88 1.44 -6.54
CA GLN A 33 -14.23 1.34 -6.00
C GLN A 33 -14.36 2.15 -4.71
N TYR A 34 -13.22 2.32 -4.03
CA TYR A 34 -13.20 3.05 -2.78
C TYR A 34 -13.05 4.55 -3.03
N GLY A 35 -12.35 4.88 -4.10
CA GLY A 35 -12.16 6.27 -4.47
C GLY A 35 -11.35 6.40 -5.73
N LYS A 36 -11.11 7.62 -6.18
CA LYS A 36 -10.36 7.82 -7.40
C LYS A 36 -8.87 7.66 -7.11
N ILE A 37 -8.22 6.88 -7.95
CA ILE A 37 -6.82 6.57 -7.76
C ILE A 37 -5.94 7.45 -8.64
N GLU A 38 -4.86 7.94 -8.07
CA GLU A 38 -3.91 8.75 -8.79
C GLU A 38 -2.96 7.89 -9.62
N VAL A 39 -2.07 7.17 -8.93
CA VAL A 39 -1.11 6.30 -9.60
C VAL A 39 -0.87 5.04 -8.78
N ILE A 40 -0.36 4.00 -9.44
CA ILE A 40 -0.03 2.76 -8.76
C ILE A 40 1.46 2.50 -8.87
N GLU A 41 2.16 2.64 -7.75
CA GLU A 41 3.59 2.40 -7.72
C GLU A 41 3.85 0.92 -7.51
N ILE A 42 4.08 0.19 -8.59
CA ILE A 42 4.26 -1.26 -8.51
C ILE A 42 5.63 -1.59 -7.91
N MET A 43 6.50 -0.59 -7.89
CA MET A 43 7.83 -0.72 -7.32
C MET A 43 8.64 -1.79 -8.07
N THR A 44 9.00 -1.46 -9.29
CA THR A 44 9.85 -2.32 -10.09
C THR A 44 11.31 -1.97 -9.88
N ASP A 45 12.15 -3.00 -9.88
CA ASP A 45 13.58 -2.81 -9.69
C ASP A 45 14.13 -1.76 -10.65
N ARG A 46 15.06 -0.97 -10.16
CA ARG A 46 15.57 0.17 -10.91
C ARG A 46 16.63 -0.27 -11.91
N GLY A 47 16.94 -1.55 -11.94
CA GLY A 47 17.93 -2.07 -12.86
C GLY A 47 17.30 -2.96 -13.92
N SER A 48 16.58 -3.99 -13.49
CA SER A 48 15.97 -4.94 -14.42
C SER A 48 14.52 -4.59 -14.71
N GLY A 49 13.90 -3.83 -13.83
CA GLY A 49 12.50 -3.48 -14.00
C GLY A 49 11.59 -4.62 -13.58
N LYS A 50 12.01 -5.35 -12.56
CA LYS A 50 11.24 -6.49 -12.07
C LYS A 50 10.47 -6.11 -10.82
N LYS A 51 9.25 -6.62 -10.71
CA LYS A 51 8.34 -6.24 -9.64
C LYS A 51 8.76 -6.87 -8.32
N ARG A 52 8.98 -6.04 -7.30
CA ARG A 52 9.56 -6.50 -6.04
C ARG A 52 8.57 -7.23 -5.14
N GLY A 53 7.31 -7.29 -5.55
CA GLY A 53 6.34 -8.09 -4.81
C GLY A 53 5.50 -7.28 -3.85
N PHE A 54 5.68 -5.97 -3.86
CA PHE A 54 4.84 -5.08 -3.08
C PHE A 54 4.62 -3.78 -3.85
N ALA A 55 3.43 -3.22 -3.74
CA ALA A 55 3.08 -2.03 -4.51
C ALA A 55 2.42 -0.98 -3.62
N PHE A 56 2.47 0.26 -4.07
CA PHE A 56 1.88 1.36 -3.34
C PHE A 56 0.80 2.03 -4.18
N VAL A 57 -0.41 2.10 -3.65
CA VAL A 57 -1.52 2.68 -4.38
C VAL A 57 -1.78 4.11 -3.93
N THR A 58 -1.48 5.07 -4.79
CA THR A 58 -1.68 6.47 -4.49
C THR A 58 -3.08 6.92 -4.89
N PHE A 59 -3.80 7.50 -3.95
CA PHE A 59 -5.12 8.02 -4.22
C PHE A 59 -5.08 9.54 -4.22
N ASP A 60 -6.01 10.17 -4.93
CA ASP A 60 -6.13 11.62 -4.90
C ASP A 60 -6.62 12.06 -3.53
N ASP A 61 -7.45 11.20 -2.95
CA ASP A 61 -8.15 11.52 -1.71
C ASP A 61 -7.68 10.65 -0.57
N HIS A 62 -7.62 11.23 0.61
CA HIS A 62 -7.30 10.48 1.82
C HIS A 62 -8.56 9.91 2.44
N ASP A 63 -9.72 10.39 1.97
CA ASP A 63 -10.99 9.84 2.43
C ASP A 63 -11.17 8.44 1.86
N SER A 64 -10.70 8.25 0.64
CA SER A 64 -10.87 7.01 -0.08
C SER A 64 -9.92 5.92 0.44
N VAL A 65 -8.86 6.33 1.12
CA VAL A 65 -7.89 5.37 1.65
C VAL A 65 -8.38 4.77 2.97
N ASP A 66 -9.28 5.49 3.64
CA ASP A 66 -9.72 5.09 4.98
C ASP A 66 -10.53 3.80 4.95
N LYS A 67 -11.39 3.66 3.95
CA LYS A 67 -12.20 2.46 3.79
C LYS A 67 -11.30 1.25 3.56
N ILE A 68 -10.07 1.52 3.15
CA ILE A 68 -9.12 0.48 2.83
C ILE A 68 -8.24 0.15 4.01
N VAL A 69 -7.58 1.17 4.55
CA VAL A 69 -6.58 0.98 5.61
C VAL A 69 -7.18 0.46 6.91
N ILE A 70 -8.50 0.52 7.03
CA ILE A 70 -9.18 -0.01 8.22
C ILE A 70 -9.16 -1.54 8.19
N GLN A 71 -9.14 -2.11 7.00
CA GLN A 71 -9.07 -3.55 6.84
C GLN A 71 -7.65 -3.96 6.49
N LYS A 72 -7.24 -5.14 6.91
CA LYS A 72 -5.91 -5.63 6.61
C LYS A 72 -5.90 -6.47 5.36
N TYR A 73 -6.64 -7.57 5.39
CA TYR A 73 -6.67 -8.50 4.28
C TYR A 73 -7.64 -8.04 3.20
N HIS A 74 -7.08 -7.60 2.08
CA HIS A 74 -7.87 -7.16 0.94
C HIS A 74 -7.71 -8.13 -0.22
N THR A 75 -8.79 -8.37 -0.94
CA THR A 75 -8.78 -9.32 -2.02
C THR A 75 -8.71 -8.62 -3.37
N VAL A 76 -7.54 -8.67 -3.99
CA VAL A 76 -7.33 -8.06 -5.29
C VAL A 76 -6.66 -9.06 -6.22
N ASN A 77 -7.07 -9.07 -7.50
CA ASN A 77 -6.54 -10.01 -8.50
C ASN A 77 -7.12 -11.41 -8.25
N GLY A 78 -7.68 -11.59 -7.06
CA GLY A 78 -8.14 -12.90 -6.64
C GLY A 78 -7.31 -13.40 -5.49
N HIS A 79 -6.37 -12.57 -5.05
CA HIS A 79 -5.49 -12.91 -3.96
C HIS A 79 -5.83 -12.08 -2.73
N ASN A 80 -5.90 -12.75 -1.58
CA ASN A 80 -6.11 -12.06 -0.33
C ASN A 80 -4.76 -11.60 0.23
N CYS A 81 -4.52 -10.30 0.15
CA CYS A 81 -3.24 -9.73 0.55
C CYS A 81 -3.42 -8.79 1.73
N GLU A 82 -2.33 -8.17 2.16
CA GLU A 82 -2.36 -7.27 3.31
C GLU A 82 -2.12 -5.84 2.87
N VAL A 83 -2.95 -4.92 3.35
CA VAL A 83 -2.78 -3.51 3.01
C VAL A 83 -2.60 -2.68 4.28
N ARG A 84 -1.77 -1.65 4.19
CA ARG A 84 -1.53 -0.75 5.32
C ARG A 84 -1.54 0.69 4.84
N LYS A 85 -1.47 1.63 5.79
CA LYS A 85 -1.21 3.02 5.45
C LYS A 85 0.24 3.12 4.97
N ALA A 86 0.46 3.53 3.73
CA ALA A 86 1.80 3.56 3.17
C ALA A 86 2.61 4.72 3.73
N LEU A 87 3.34 4.46 4.79
CA LEU A 87 4.26 5.43 5.34
C LEU A 87 5.63 5.24 4.70
N SER A 88 6.29 6.34 4.35
CA SER A 88 7.57 6.29 3.66
C SER A 88 8.57 5.46 4.46
N LYS A 89 9.53 4.84 3.77
CA LYS A 89 10.59 4.09 4.44
C LYS A 89 11.36 5.00 5.39
N GLN A 90 11.38 6.28 5.04
CA GLN A 90 11.94 7.32 5.89
C GLN A 90 11.18 7.40 7.23
N GLU A 91 9.87 7.30 7.13
CA GLU A 91 9.00 7.47 8.29
C GLU A 91 8.84 6.16 9.05
N MET A 92 8.83 5.06 8.31
CA MET A 92 8.65 3.75 8.92
C MET A 92 9.90 3.33 9.68
N ALA A 93 11.01 4.01 9.41
CA ALA A 93 12.24 3.81 10.16
C ALA A 93 12.11 4.44 11.54
N SER A 94 11.28 5.46 11.64
CA SER A 94 11.03 6.14 12.90
C SER A 94 9.90 5.47 13.66
N ALA A 95 8.82 5.16 12.95
CA ALA A 95 7.63 4.57 13.56
C ALA A 95 7.93 3.17 14.09
N SER A 96 8.75 2.43 13.37
CA SER A 96 9.08 1.07 13.75
C SER A 96 10.55 0.97 14.14
N SER A 97 10.82 0.35 15.28
CA SER A 97 12.17 0.17 15.76
C SER A 97 12.54 -1.31 15.78
N SER A 98 11.56 -2.16 16.07
CA SER A 98 11.79 -3.59 16.20
C SER A 98 10.48 -4.35 16.02
N GLN A 99 10.45 -5.60 16.44
CA GLN A 99 9.22 -6.38 16.40
C GLN A 99 8.49 -6.25 17.73
N ARG A 100 9.21 -5.72 18.73
CA ARG A 100 8.64 -5.49 20.04
C ARG A 100 8.30 -4.02 20.20
N GLY A 101 7.04 -3.74 20.51
CA GLY A 101 6.57 -2.37 20.60
C GLY A 101 6.06 -1.88 19.27
N ARG A 102 6.96 -1.40 18.43
CA ARG A 102 6.63 -0.97 17.09
C ARG A 102 7.80 -1.24 16.17
N SER A 1 3.34 -2.18 16.42
CA SER A 1 2.11 -2.32 17.22
C SER A 1 1.13 -1.18 16.94
N GLN A 2 1.65 -0.06 16.45
CA GLN A 2 0.81 1.08 16.12
C GLN A 2 0.48 1.07 14.64
N ARG A 3 -0.75 1.43 14.30
CA ARG A 3 -1.11 1.62 12.90
C ARG A 3 -0.40 2.88 12.39
N PRO A 4 0.30 2.76 11.25
CA PRO A 4 1.24 3.78 10.77
C PRO A 4 0.61 5.16 10.60
N GLY A 5 0.80 6.01 11.61
CA GLY A 5 0.33 7.37 11.56
C GLY A 5 -1.15 7.47 11.28
N ALA A 6 -1.97 6.97 12.18
CA ALA A 6 -3.41 6.98 12.00
C ALA A 6 -3.96 8.38 12.12
N HIS A 7 -3.25 9.22 12.85
CA HIS A 7 -3.62 10.63 12.99
C HIS A 7 -3.08 11.44 11.82
N LEU A 8 -2.39 10.75 10.92
CA LEU A 8 -1.80 11.38 9.75
C LEU A 8 -2.58 11.01 8.50
N THR A 9 -3.01 12.02 7.76
CA THR A 9 -3.76 11.81 6.53
C THR A 9 -2.89 11.14 5.48
N VAL A 10 -3.22 9.90 5.14
CA VAL A 10 -2.46 9.15 4.17
C VAL A 10 -3.21 9.09 2.85
N LYS A 11 -2.49 9.30 1.76
CA LYS A 11 -3.11 9.31 0.43
C LYS A 11 -2.49 8.27 -0.47
N LYS A 12 -1.85 7.30 0.15
CA LYS A 12 -1.29 6.16 -0.56
C LYS A 12 -1.28 4.96 0.37
N ILE A 13 -1.68 3.80 -0.15
CA ILE A 13 -1.69 2.60 0.66
C ILE A 13 -0.60 1.63 0.21
N PHE A 14 -0.17 0.79 1.13
CA PHE A 14 0.87 -0.19 0.85
C PHE A 14 0.25 -1.55 0.62
N VAL A 15 0.48 -2.12 -0.54
CA VAL A 15 -0.03 -3.44 -0.87
C VAL A 15 1.09 -4.47 -0.88
N GLY A 16 1.05 -5.40 0.06
CA GLY A 16 2.07 -6.41 0.16
C GLY A 16 1.50 -7.82 0.20
N GLY A 17 2.30 -8.79 -0.22
CA GLY A 17 1.88 -10.18 -0.18
C GLY A 17 1.15 -10.61 -1.43
N ILE A 18 1.43 -9.93 -2.54
CA ILE A 18 0.75 -10.21 -3.80
C ILE A 18 1.40 -11.40 -4.54
N LYS A 19 1.22 -12.58 -3.95
CA LYS A 19 1.87 -13.82 -4.41
C LYS A 19 1.72 -14.04 -5.91
N GLU A 20 0.49 -14.08 -6.38
CA GLU A 20 0.19 -14.50 -7.75
C GLU A 20 0.41 -13.39 -8.77
N ASP A 21 1.34 -12.48 -8.46
CA ASP A 21 1.74 -11.41 -9.37
C ASP A 21 0.62 -10.40 -9.60
N THR A 22 0.68 -9.30 -8.88
CA THR A 22 -0.32 -8.25 -9.00
C THR A 22 0.32 -6.98 -9.57
N GLU A 23 -0.37 -6.31 -10.48
CA GLU A 23 0.17 -5.11 -11.12
C GLU A 23 -0.79 -3.94 -10.97
N GLU A 24 -0.50 -2.83 -11.66
CA GLU A 24 -1.26 -1.60 -11.53
C GLU A 24 -2.75 -1.79 -11.77
N HIS A 25 -3.11 -2.37 -12.91
CA HIS A 25 -4.51 -2.52 -13.28
C HIS A 25 -5.26 -3.33 -12.23
N HIS A 26 -4.55 -4.25 -11.57
CA HIS A 26 -5.13 -5.05 -10.51
C HIS A 26 -5.50 -4.17 -9.33
N LEU A 27 -4.53 -3.41 -8.81
CA LEU A 27 -4.78 -2.53 -7.67
C LEU A 27 -5.82 -1.49 -8.01
N ARG A 28 -5.65 -0.84 -9.16
CA ARG A 28 -6.55 0.23 -9.56
C ARG A 28 -7.98 -0.26 -9.72
N ASP A 29 -8.17 -1.36 -10.45
CA ASP A 29 -9.52 -1.91 -10.69
C ASP A 29 -10.23 -2.23 -9.38
N TYR A 30 -9.46 -2.60 -8.39
CA TYR A 30 -10.00 -2.99 -7.10
C TYR A 30 -10.19 -1.77 -6.20
N PHE A 31 -9.21 -0.88 -6.15
CA PHE A 31 -9.23 0.22 -5.20
C PHE A 31 -9.99 1.44 -5.73
N GLU A 32 -10.29 1.48 -7.03
CA GLU A 32 -11.03 2.61 -7.59
C GLU A 32 -12.47 2.63 -7.08
N GLN A 33 -12.93 1.47 -6.62
CA GLN A 33 -14.25 1.35 -6.02
C GLN A 33 -14.31 2.11 -4.70
N TYR A 34 -13.15 2.26 -4.08
CA TYR A 34 -13.04 2.93 -2.79
C TYR A 34 -12.94 4.44 -2.97
N GLY A 35 -12.36 4.86 -4.08
CA GLY A 35 -12.25 6.27 -4.37
C GLY A 35 -11.48 6.53 -5.63
N LYS A 36 -11.23 7.79 -5.93
CA LYS A 36 -10.49 8.14 -7.12
C LYS A 36 -9.00 7.94 -6.89
N ILE A 37 -8.38 7.23 -7.82
CA ILE A 37 -6.99 6.89 -7.69
C ILE A 37 -6.13 7.85 -8.51
N GLU A 38 -4.97 8.18 -7.99
CA GLU A 38 -4.01 8.99 -8.70
C GLU A 38 -3.13 8.10 -9.58
N VAL A 39 -2.19 7.41 -8.96
CA VAL A 39 -1.27 6.55 -9.68
C VAL A 39 -1.04 5.24 -8.93
N ILE A 40 -0.67 4.20 -9.65
CA ILE A 40 -0.33 2.93 -9.03
C ILE A 40 1.16 2.68 -9.17
N GLU A 41 1.88 2.80 -8.06
CA GLU A 41 3.32 2.69 -8.09
C GLU A 41 3.76 1.25 -7.85
N ILE A 42 4.05 0.54 -8.93
CA ILE A 42 4.55 -0.82 -8.85
C ILE A 42 6.05 -0.78 -8.57
N MET A 43 6.44 -1.05 -7.33
CA MET A 43 7.84 -0.99 -6.97
C MET A 43 8.63 -2.10 -7.67
N THR A 44 9.63 -1.69 -8.41
CA THR A 44 10.43 -2.60 -9.19
C THR A 44 11.83 -2.77 -8.59
N ASP A 45 12.51 -3.82 -9.03
CA ASP A 45 13.89 -4.06 -8.65
C ASP A 45 14.76 -2.88 -9.04
N ARG A 46 15.68 -2.53 -8.17
CA ARG A 46 16.47 -1.32 -8.32
C ARG A 46 17.36 -1.39 -9.56
N GLY A 47 17.66 -2.62 -9.99
CA GLY A 47 18.56 -2.80 -11.10
C GLY A 47 17.85 -3.27 -12.37
N SER A 48 17.11 -4.37 -12.27
CA SER A 48 16.50 -4.98 -13.43
C SER A 48 15.18 -4.31 -13.78
N GLY A 49 14.60 -3.62 -12.81
CA GLY A 49 13.31 -2.98 -13.02
C GLY A 49 12.19 -3.99 -13.14
N LYS A 50 12.35 -5.10 -12.44
CA LYS A 50 11.35 -6.16 -12.43
C LYS A 50 10.47 -6.00 -11.21
N LYS A 51 9.31 -6.63 -11.22
CA LYS A 51 8.35 -6.48 -10.13
C LYS A 51 8.91 -7.05 -8.83
N ARG A 52 9.13 -6.17 -7.85
CA ARG A 52 9.80 -6.52 -6.61
C ARG A 52 8.96 -7.50 -5.77
N GLY A 53 7.76 -7.10 -5.41
CA GLY A 53 6.95 -7.91 -4.52
C GLY A 53 5.86 -7.13 -3.83
N PHE A 54 5.99 -5.82 -3.82
CA PHE A 54 5.00 -4.95 -3.21
C PHE A 54 4.72 -3.76 -4.09
N ALA A 55 3.57 -3.14 -3.89
CA ALA A 55 3.16 -2.01 -4.71
C ALA A 55 2.45 -0.97 -3.85
N PHE A 56 2.23 0.19 -4.43
CA PHE A 56 1.61 1.31 -3.72
C PHE A 56 0.48 1.88 -4.54
N VAL A 57 -0.63 2.18 -3.87
CA VAL A 57 -1.76 2.78 -4.56
C VAL A 57 -1.95 4.21 -4.08
N THR A 58 -1.62 5.18 -4.92
CA THR A 58 -1.76 6.57 -4.58
C THR A 58 -3.16 7.07 -4.92
N PHE A 59 -3.84 7.64 -3.95
CA PHE A 59 -5.17 8.17 -4.14
C PHE A 59 -5.14 9.68 -4.11
N ASP A 60 -6.07 10.31 -4.80
CA ASP A 60 -6.17 11.76 -4.79
C ASP A 60 -6.79 12.23 -3.48
N ASP A 61 -7.51 11.32 -2.84
CA ASP A 61 -8.24 11.63 -1.62
C ASP A 61 -7.84 10.67 -0.51
N HIS A 62 -7.69 11.21 0.70
CA HIS A 62 -7.41 10.39 1.87
C HIS A 62 -8.71 9.78 2.41
N ASP A 63 -9.81 10.18 1.81
CA ASP A 63 -11.11 9.58 2.11
C ASP A 63 -11.13 8.13 1.66
N SER A 64 -10.64 7.91 0.46
CA SER A 64 -10.62 6.59 -0.15
C SER A 64 -9.83 5.58 0.69
N VAL A 65 -8.71 6.04 1.25
CA VAL A 65 -7.82 5.15 1.99
C VAL A 65 -8.44 4.70 3.31
N ASP A 66 -9.34 5.49 3.85
CA ASP A 66 -9.94 5.20 5.15
C ASP A 66 -10.85 3.99 5.09
N LYS A 67 -11.35 3.67 3.91
CA LYS A 67 -12.20 2.49 3.74
C LYS A 67 -11.32 1.27 3.43
N ILE A 68 -10.02 1.52 3.33
CA ILE A 68 -9.07 0.49 2.97
C ILE A 68 -8.22 0.09 4.17
N VAL A 69 -7.59 1.09 4.80
CA VAL A 69 -6.66 0.86 5.89
C VAL A 69 -7.35 0.42 7.18
N ILE A 70 -8.67 0.37 7.16
CA ILE A 70 -9.44 -0.10 8.31
C ILE A 70 -9.35 -1.62 8.45
N GLN A 71 -9.22 -2.30 7.33
CA GLN A 71 -8.99 -3.73 7.35
C GLN A 71 -7.60 -4.04 6.79
N LYS A 72 -7.23 -5.31 6.81
CA LYS A 72 -5.89 -5.71 6.44
C LYS A 72 -5.88 -6.53 5.16
N TYR A 73 -6.58 -7.66 5.18
CA TYR A 73 -6.62 -8.56 4.04
C TYR A 73 -7.57 -8.03 2.97
N HIS A 74 -7.00 -7.56 1.88
CA HIS A 74 -7.77 -7.06 0.76
C HIS A 74 -7.69 -8.01 -0.41
N THR A 75 -8.84 -8.26 -1.01
CA THR A 75 -8.92 -9.24 -2.08
C THR A 75 -8.75 -8.59 -3.44
N VAL A 76 -7.54 -8.66 -3.97
CA VAL A 76 -7.24 -8.13 -5.28
C VAL A 76 -6.64 -9.23 -6.13
N ASN A 77 -7.04 -9.29 -7.41
CA ASN A 77 -6.55 -10.31 -8.35
C ASN A 77 -7.16 -11.68 -8.00
N GLY A 78 -7.86 -11.75 -6.87
CA GLY A 78 -8.41 -12.99 -6.40
C GLY A 78 -7.67 -13.52 -5.19
N HIS A 79 -6.66 -12.76 -4.77
CA HIS A 79 -5.85 -13.13 -3.61
C HIS A 79 -6.01 -12.10 -2.51
N ASN A 80 -5.95 -12.54 -1.26
CA ASN A 80 -6.05 -11.65 -0.13
C ASN A 80 -4.67 -11.14 0.28
N CYS A 81 -4.40 -9.90 -0.06
CA CYS A 81 -3.13 -9.28 0.26
C CYS A 81 -3.25 -8.48 1.55
N GLU A 82 -2.14 -7.99 2.05
CA GLU A 82 -2.14 -7.18 3.25
C GLU A 82 -1.85 -5.73 2.89
N VAL A 83 -2.78 -4.84 3.23
CA VAL A 83 -2.60 -3.43 2.91
C VAL A 83 -2.35 -2.62 4.19
N ARG A 84 -1.53 -1.59 4.05
CA ARG A 84 -1.22 -0.71 5.18
C ARG A 84 -1.28 0.75 4.74
N LYS A 85 -1.20 1.66 5.69
CA LYS A 85 -1.03 3.08 5.37
C LYS A 85 0.40 3.29 4.91
N ALA A 86 0.57 3.67 3.64
CA ALA A 86 1.91 3.80 3.07
C ALA A 86 2.62 5.04 3.62
N LEU A 87 3.45 4.81 4.62
CA LEU A 87 4.31 5.86 5.16
C LEU A 87 5.69 5.76 4.51
N SER A 88 6.27 6.90 4.17
CA SER A 88 7.59 6.94 3.54
C SER A 88 8.59 6.10 4.32
N LYS A 89 9.52 5.46 3.61
CA LYS A 89 10.57 4.67 4.24
C LYS A 89 11.43 5.57 5.12
N GLN A 90 11.44 6.85 4.79
CA GLN A 90 12.13 7.85 5.58
C GLN A 90 11.34 8.11 6.87
N GLU A 91 10.03 8.18 6.73
CA GLU A 91 9.14 8.46 7.84
C GLU A 91 9.03 7.26 8.76
N MET A 92 8.94 6.07 8.19
CA MET A 92 8.80 4.85 8.98
C MET A 92 10.03 4.62 9.85
N ALA A 93 11.15 5.18 9.43
CA ALA A 93 12.39 5.06 10.19
C ALA A 93 12.39 6.05 11.35
N SER A 94 11.73 7.18 11.15
CA SER A 94 11.67 8.24 12.14
C SER A 94 10.52 8.02 13.11
N ALA A 95 9.40 7.52 12.60
CA ALA A 95 8.22 7.32 13.43
C ALA A 95 8.35 6.03 14.23
N SER A 96 8.88 5.01 13.59
CA SER A 96 9.06 3.72 14.23
C SER A 96 10.54 3.47 14.49
N SER A 97 10.98 3.76 15.70
CA SER A 97 12.36 3.53 16.08
C SER A 97 12.41 2.60 17.29
N SER A 98 13.49 1.85 17.41
CA SER A 98 13.66 0.93 18.53
C SER A 98 13.60 1.65 19.86
N GLN A 99 12.71 1.19 20.73
CA GLN A 99 12.51 1.80 22.04
C GLN A 99 13.40 1.10 23.07
N ARG A 100 14.12 1.89 23.85
CA ARG A 100 15.03 1.35 24.86
C ARG A 100 15.17 2.34 26.02
N GLY A 101 14.10 3.09 26.25
CA GLY A 101 14.09 4.04 27.35
C GLY A 101 14.04 3.36 28.70
N ARG A 102 13.40 2.21 28.75
CA ARG A 102 13.31 1.43 29.97
C ARG A 102 13.70 -0.02 29.71
N SER A 1 -0.66 -3.50 15.13
CA SER A 1 -0.14 -4.17 13.93
C SER A 1 -0.78 -3.60 12.67
N GLN A 2 0.01 -3.54 11.60
CA GLN A 2 -0.40 -3.06 10.27
C GLN A 2 -0.97 -1.63 10.28
N ARG A 3 -0.94 -0.97 11.43
CA ARG A 3 -1.41 0.41 11.52
C ARG A 3 -0.30 1.31 12.03
N PRO A 4 0.55 1.81 11.14
CA PRO A 4 1.60 2.77 11.51
C PRO A 4 0.99 4.11 11.89
N GLY A 5 0.34 4.74 10.92
CA GLY A 5 -0.39 5.96 11.19
C GLY A 5 -1.87 5.69 11.29
N ALA A 6 -2.35 5.47 12.51
CA ALA A 6 -3.77 5.19 12.72
C ALA A 6 -4.56 6.48 12.88
N HIS A 7 -3.99 7.42 13.60
CA HIS A 7 -4.61 8.72 13.83
C HIS A 7 -4.17 9.72 12.76
N LEU A 8 -3.56 9.21 11.70
CA LEU A 8 -3.04 10.04 10.63
C LEU A 8 -3.83 9.81 9.35
N THR A 9 -4.10 10.88 8.62
CA THR A 9 -4.82 10.79 7.37
C THR A 9 -3.83 10.60 6.22
N VAL A 10 -3.95 9.49 5.52
CA VAL A 10 -2.97 9.11 4.51
C VAL A 10 -3.61 9.17 3.11
N LYS A 11 -2.79 9.40 2.09
CA LYS A 11 -3.28 9.44 0.71
C LYS A 11 -2.65 8.34 -0.15
N LYS A 12 -1.94 7.43 0.49
CA LYS A 12 -1.34 6.31 -0.21
C LYS A 12 -1.31 5.09 0.71
N ILE A 13 -1.63 3.93 0.14
CA ILE A 13 -1.68 2.70 0.91
C ILE A 13 -0.53 1.78 0.55
N PHE A 14 -0.27 0.82 1.42
CA PHE A 14 0.76 -0.18 1.19
C PHE A 14 0.12 -1.53 0.90
N VAL A 15 0.43 -2.09 -0.25
CA VAL A 15 -0.10 -3.38 -0.62
C VAL A 15 0.98 -4.46 -0.50
N GLY A 16 0.89 -5.27 0.55
CA GLY A 16 1.83 -6.34 0.75
C GLY A 16 1.13 -7.68 0.83
N GLY A 17 1.90 -8.75 0.99
CA GLY A 17 1.31 -10.07 1.08
C GLY A 17 0.73 -10.54 -0.23
N ILE A 18 1.17 -9.93 -1.31
CA ILE A 18 0.65 -10.24 -2.64
C ILE A 18 1.54 -11.23 -3.36
N LYS A 19 1.31 -11.39 -4.65
CA LYS A 19 2.16 -12.22 -5.47
C LYS A 19 2.76 -11.38 -6.61
N GLU A 20 3.81 -11.91 -7.23
CA GLU A 20 4.61 -11.17 -8.20
C GLU A 20 3.80 -10.72 -9.41
N ASP A 21 2.75 -11.48 -9.73
CA ASP A 21 1.91 -11.18 -10.89
C ASP A 21 1.15 -9.87 -10.71
N THR A 22 0.82 -9.55 -9.46
CA THR A 22 0.01 -8.37 -9.15
C THR A 22 0.71 -7.09 -9.59
N GLU A 23 -0.07 -6.11 -10.05
CA GLU A 23 0.50 -4.85 -10.51
C GLU A 23 -0.53 -3.73 -10.48
N GLU A 24 -0.20 -2.63 -11.15
CA GLU A 24 -1.00 -1.42 -11.16
C GLU A 24 -2.45 -1.71 -11.55
N HIS A 25 -2.64 -2.31 -12.71
CA HIS A 25 -3.98 -2.54 -13.23
C HIS A 25 -4.79 -3.43 -12.30
N HIS A 26 -4.11 -4.34 -11.60
CA HIS A 26 -4.77 -5.22 -10.64
C HIS A 26 -5.29 -4.41 -9.46
N LEU A 27 -4.36 -3.75 -8.79
CA LEU A 27 -4.66 -2.98 -7.59
C LEU A 27 -5.72 -1.92 -7.88
N ARG A 28 -5.51 -1.16 -8.94
CA ARG A 28 -6.41 -0.07 -9.30
C ARG A 28 -7.81 -0.60 -9.62
N ASP A 29 -7.88 -1.76 -10.26
CA ASP A 29 -9.17 -2.37 -10.63
C ASP A 29 -10.00 -2.65 -9.39
N TYR A 30 -9.33 -2.91 -8.28
CA TYR A 30 -10.01 -3.20 -7.02
C TYR A 30 -10.24 -1.93 -6.21
N PHE A 31 -9.21 -1.10 -6.06
CA PHE A 31 -9.27 0.05 -5.17
C PHE A 31 -10.07 1.22 -5.76
N GLU A 32 -10.34 1.16 -7.06
CA GLU A 32 -11.10 2.23 -7.72
C GLU A 32 -12.52 2.30 -7.19
N GLN A 33 -12.99 1.19 -6.62
CA GLN A 33 -14.30 1.12 -6.00
C GLN A 33 -14.36 2.00 -4.75
N TYR A 34 -13.23 2.15 -4.09
CA TYR A 34 -13.17 2.89 -2.83
C TYR A 34 -13.06 4.39 -3.09
N GLY A 35 -12.42 4.77 -4.19
CA GLY A 35 -12.33 6.18 -4.51
C GLY A 35 -11.42 6.47 -5.69
N LYS A 36 -11.15 7.75 -5.91
CA LYS A 36 -10.34 8.19 -7.02
C LYS A 36 -8.87 7.92 -6.77
N ILE A 37 -8.32 7.04 -7.57
CA ILE A 37 -6.92 6.68 -7.48
C ILE A 37 -6.08 7.64 -8.32
N GLU A 38 -4.91 7.99 -7.82
CA GLU A 38 -3.98 8.80 -8.56
C GLU A 38 -3.10 7.94 -9.43
N VAL A 39 -2.15 7.24 -8.82
CA VAL A 39 -1.24 6.36 -9.54
C VAL A 39 -0.93 5.13 -8.70
N ILE A 40 -0.62 4.04 -9.36
CA ILE A 40 -0.22 2.83 -8.67
C ILE A 40 1.29 2.68 -8.78
N GLU A 41 1.98 2.95 -7.70
CA GLU A 41 3.42 2.95 -7.71
C GLU A 41 3.96 1.54 -7.48
N ILE A 42 4.25 0.86 -8.57
CA ILE A 42 4.76 -0.49 -8.50
C ILE A 42 6.26 -0.46 -8.22
N MET A 43 6.67 -1.05 -7.12
CA MET A 43 8.08 -1.13 -6.81
C MET A 43 8.75 -2.15 -7.72
N THR A 44 9.30 -1.66 -8.82
CA THR A 44 9.91 -2.49 -9.82
C THR A 44 11.32 -2.87 -9.43
N ASP A 45 11.87 -3.87 -10.11
CA ASP A 45 13.24 -4.30 -9.88
C ASP A 45 14.19 -3.11 -10.00
N ARG A 46 15.09 -2.97 -9.04
CA ARG A 46 15.92 -1.79 -8.95
C ARG A 46 16.96 -1.74 -10.08
N GLY A 47 17.08 -2.83 -10.82
CA GLY A 47 18.01 -2.87 -11.93
C GLY A 47 17.31 -2.81 -13.27
N SER A 48 16.36 -3.70 -13.50
CA SER A 48 15.71 -3.81 -14.79
C SER A 48 14.33 -3.17 -14.79
N GLY A 49 13.83 -2.83 -13.60
CA GLY A 49 12.49 -2.25 -13.50
C GLY A 49 11.42 -3.18 -14.03
N LYS A 50 11.41 -4.40 -13.53
CA LYS A 50 10.52 -5.44 -14.05
C LYS A 50 9.61 -6.00 -12.96
N LYS A 51 9.21 -5.12 -12.04
CA LYS A 51 8.34 -5.49 -10.91
C LYS A 51 9.04 -6.41 -9.91
N ARG A 52 9.11 -5.99 -8.66
CA ARG A 52 9.62 -6.86 -7.61
C ARG A 52 8.49 -7.61 -6.93
N GLY A 53 7.49 -6.86 -6.48
CA GLY A 53 6.37 -7.47 -5.79
C GLY A 53 5.41 -6.43 -5.24
N PHE A 54 5.70 -5.93 -4.05
CA PHE A 54 4.81 -5.00 -3.37
C PHE A 54 4.68 -3.68 -4.13
N ALA A 55 3.59 -2.97 -3.87
CA ALA A 55 3.33 -1.72 -4.55
C ALA A 55 2.59 -0.76 -3.63
N PHE A 56 2.53 0.51 -4.03
CA PHE A 56 1.84 1.52 -3.26
C PHE A 56 0.77 2.17 -4.11
N VAL A 57 -0.42 2.29 -3.56
CA VAL A 57 -1.53 2.87 -4.30
C VAL A 57 -1.81 4.27 -3.81
N THR A 58 -1.50 5.25 -4.64
CA THR A 58 -1.72 6.65 -4.32
C THR A 58 -3.13 7.07 -4.73
N PHE A 59 -3.86 7.68 -3.81
CA PHE A 59 -5.21 8.13 -4.08
C PHE A 59 -5.24 9.66 -4.09
N ASP A 60 -6.16 10.24 -4.86
CA ASP A 60 -6.28 11.69 -4.93
C ASP A 60 -7.02 12.22 -3.71
N ASP A 61 -7.63 11.31 -2.99
CA ASP A 61 -8.38 11.65 -1.78
C ASP A 61 -7.95 10.76 -0.63
N HIS A 62 -7.98 11.31 0.57
CA HIS A 62 -7.57 10.56 1.75
C HIS A 62 -8.74 9.73 2.28
N ASP A 63 -9.94 10.07 1.83
CA ASP A 63 -11.14 9.32 2.23
C ASP A 63 -11.14 7.95 1.58
N SER A 64 -10.73 7.92 0.32
CA SER A 64 -10.64 6.67 -0.44
C SER A 64 -9.68 5.71 0.26
N VAL A 65 -8.64 6.27 0.85
CA VAL A 65 -7.63 5.51 1.56
C VAL A 65 -8.20 4.95 2.87
N ASP A 66 -9.08 5.72 3.50
CA ASP A 66 -9.57 5.40 4.83
C ASP A 66 -10.39 4.11 4.84
N LYS A 67 -11.19 3.87 3.81
CA LYS A 67 -11.99 2.65 3.72
C LYS A 67 -11.09 1.43 3.58
N ILE A 68 -9.88 1.68 3.10
CA ILE A 68 -8.95 0.63 2.78
C ILE A 68 -8.03 0.34 3.95
N VAL A 69 -7.43 1.38 4.51
CA VAL A 69 -6.41 1.22 5.54
C VAL A 69 -6.98 0.70 6.86
N ILE A 70 -8.30 0.75 7.01
CA ILE A 70 -8.93 0.20 8.21
C ILE A 70 -8.97 -1.32 8.15
N GLN A 71 -8.99 -1.85 6.93
CA GLN A 71 -9.02 -3.29 6.72
C GLN A 71 -7.63 -3.78 6.30
N LYS A 72 -7.25 -4.96 6.76
CA LYS A 72 -5.95 -5.51 6.45
C LYS A 72 -6.02 -6.37 5.19
N TYR A 73 -6.76 -7.46 5.27
CA TYR A 73 -6.83 -8.41 4.17
C TYR A 73 -7.85 -8.00 3.11
N HIS A 74 -7.33 -7.51 2.00
CA HIS A 74 -8.15 -7.16 0.84
C HIS A 74 -7.95 -8.21 -0.25
N THR A 75 -8.97 -8.42 -1.06
CA THR A 75 -8.88 -9.40 -2.13
C THR A 75 -8.67 -8.71 -3.48
N VAL A 76 -7.44 -8.75 -3.96
CA VAL A 76 -7.09 -8.14 -5.24
C VAL A 76 -6.62 -9.21 -6.22
N ASN A 77 -7.17 -9.19 -7.43
CA ASN A 77 -6.87 -10.20 -8.45
C ASN A 77 -7.26 -11.59 -7.94
N GLY A 78 -8.23 -11.64 -7.04
CA GLY A 78 -8.65 -12.90 -6.45
C GLY A 78 -7.66 -13.40 -5.41
N HIS A 79 -6.67 -12.58 -5.11
CA HIS A 79 -5.63 -12.94 -4.15
C HIS A 79 -5.78 -12.12 -2.88
N ASN A 80 -5.71 -12.79 -1.73
CA ASN A 80 -5.82 -12.12 -0.45
C ASN A 80 -4.50 -11.43 -0.11
N CYS A 81 -4.56 -10.13 0.11
CA CYS A 81 -3.37 -9.35 0.39
C CYS A 81 -3.51 -8.56 1.68
N GLU A 82 -2.41 -8.05 2.18
CA GLU A 82 -2.39 -7.26 3.39
C GLU A 82 -2.12 -5.79 3.07
N VAL A 83 -3.07 -4.95 3.39
CA VAL A 83 -2.95 -3.53 3.10
C VAL A 83 -2.77 -2.71 4.38
N ARG A 84 -1.79 -1.82 4.35
CA ARG A 84 -1.52 -0.94 5.48
C ARG A 84 -1.51 0.50 5.01
N LYS A 85 -1.31 1.43 5.95
CA LYS A 85 -1.08 2.81 5.61
C LYS A 85 0.36 2.96 5.14
N ALA A 86 0.55 3.47 3.93
CA ALA A 86 1.89 3.60 3.37
C ALA A 86 2.67 4.75 4.00
N LEU A 87 3.42 4.45 5.04
CA LEU A 87 4.35 5.42 5.61
C LEU A 87 5.68 5.29 4.87
N SER A 88 6.22 6.43 4.44
CA SER A 88 7.42 6.45 3.63
C SER A 88 8.58 5.76 4.34
N LYS A 89 9.54 5.23 3.57
CA LYS A 89 10.68 4.53 4.15
C LYS A 89 11.54 5.47 5.00
N GLN A 90 11.31 6.76 4.84
CA GLN A 90 11.95 7.76 5.69
C GLN A 90 11.22 7.82 7.03
N GLU A 91 9.89 7.79 6.96
CA GLU A 91 9.04 7.88 8.15
C GLU A 91 9.07 6.57 8.92
N MET A 92 9.04 5.45 8.21
CA MET A 92 9.02 4.14 8.84
C MET A 92 10.33 3.88 9.58
N ALA A 93 11.36 4.61 9.20
CA ALA A 93 12.65 4.53 9.87
C ALA A 93 12.57 5.17 11.25
N SER A 94 11.59 6.04 11.43
CA SER A 94 11.34 6.68 12.71
C SER A 94 10.28 5.90 13.49
N ALA A 95 9.67 4.93 12.82
CA ALA A 95 8.61 4.14 13.43
C ALA A 95 9.18 2.86 14.02
N SER A 96 10.04 2.18 13.28
CA SER A 96 10.66 0.97 13.76
C SER A 96 12.00 1.30 14.43
N SER A 97 11.93 1.66 15.70
CA SER A 97 13.10 2.02 16.48
C SER A 97 12.79 1.85 17.96
N SER A 98 13.80 2.00 18.81
CA SER A 98 13.60 1.92 20.26
C SER A 98 12.75 3.09 20.76
N GLN A 99 12.68 4.13 19.95
CA GLN A 99 11.78 5.25 20.22
C GLN A 99 10.86 5.47 19.04
N ARG A 100 9.62 5.00 19.18
CA ARG A 100 8.63 5.11 18.10
C ARG A 100 7.58 6.16 18.46
N GLY A 101 7.94 7.03 19.38
CA GLY A 101 7.00 8.01 19.89
C GLY A 101 6.71 7.75 21.35
N ARG A 102 6.00 6.66 21.60
CA ARG A 102 5.78 6.19 22.96
C ARG A 102 6.16 4.72 23.03
N SER A 1 -8.03 -0.76 12.42
CA SER A 1 -7.35 0.03 11.39
C SER A 1 -5.84 -0.16 11.51
N GLN A 2 -5.10 0.30 10.50
CA GLN A 2 -3.65 0.20 10.50
C GLN A 2 -3.04 1.04 11.61
N ARG A 3 -1.85 0.64 12.05
CA ARG A 3 -1.18 1.29 13.17
C ARG A 3 -0.38 2.53 12.76
N PRO A 4 0.49 2.45 11.71
CA PRO A 4 1.37 3.56 11.35
C PRO A 4 0.60 4.79 10.88
N GLY A 5 0.48 5.77 11.76
CA GLY A 5 -0.25 6.98 11.42
C GLY A 5 -1.73 6.72 11.28
N ALA A 6 -2.32 6.05 12.26
CA ALA A 6 -3.72 5.68 12.20
C ALA A 6 -4.62 6.90 12.19
N HIS A 7 -4.27 7.89 12.99
CA HIS A 7 -5.05 9.11 13.08
C HIS A 7 -4.72 10.06 11.93
N LEU A 8 -3.73 9.68 11.12
CA LEU A 8 -3.28 10.52 10.03
C LEU A 8 -4.04 10.23 8.76
N THR A 9 -4.29 11.29 7.99
CA THR A 9 -4.93 11.16 6.70
C THR A 9 -3.91 10.74 5.65
N VAL A 10 -3.91 9.46 5.32
CA VAL A 10 -2.96 8.90 4.38
C VAL A 10 -3.54 8.93 2.97
N LYS A 11 -2.70 9.15 1.97
CA LYS A 11 -3.16 9.22 0.58
C LYS A 11 -2.58 8.10 -0.28
N LYS A 12 -1.72 7.28 0.29
CA LYS A 12 -1.19 6.13 -0.42
C LYS A 12 -1.20 4.91 0.49
N ILE A 13 -1.66 3.79 -0.03
CA ILE A 13 -1.70 2.57 0.76
C ILE A 13 -0.58 1.61 0.35
N PHE A 14 -0.20 0.75 1.27
CA PHE A 14 0.83 -0.25 1.03
C PHE A 14 0.20 -1.61 0.84
N VAL A 15 0.45 -2.24 -0.29
CA VAL A 15 -0.06 -3.57 -0.54
C VAL A 15 1.08 -4.58 -0.53
N GLY A 16 1.26 -5.25 0.59
CA GLY A 16 2.41 -6.13 0.75
C GLY A 16 2.14 -7.56 0.32
N GLY A 17 1.02 -8.11 0.79
CA GLY A 17 0.73 -9.52 0.54
C GLY A 17 0.17 -9.78 -0.85
N ILE A 18 0.95 -9.51 -1.88
CA ILE A 18 0.53 -9.75 -3.25
C ILE A 18 1.39 -10.83 -3.90
N LYS A 19 1.15 -11.07 -5.17
CA LYS A 19 1.92 -12.06 -5.92
C LYS A 19 2.52 -11.41 -7.15
N GLU A 20 3.37 -12.15 -7.85
CA GLU A 20 4.04 -11.65 -9.04
C GLU A 20 3.02 -11.39 -10.16
N ASP A 21 1.85 -12.01 -10.03
CA ASP A 21 0.78 -11.83 -11.00
C ASP A 21 0.17 -10.44 -10.87
N THR A 22 0.23 -9.89 -9.67
CA THR A 22 -0.42 -8.63 -9.36
C THR A 22 0.38 -7.44 -9.90
N GLU A 23 -0.28 -6.61 -10.71
CA GLU A 23 0.36 -5.42 -11.26
C GLU A 23 -0.50 -4.19 -10.97
N GLU A 24 -0.16 -3.07 -11.63
CA GLU A 24 -0.87 -1.81 -11.42
C GLU A 24 -2.37 -1.94 -11.68
N HIS A 25 -2.74 -2.53 -12.83
CA HIS A 25 -4.14 -2.60 -13.20
C HIS A 25 -4.93 -3.39 -12.15
N HIS A 26 -4.27 -4.33 -11.50
CA HIS A 26 -4.90 -5.14 -10.47
C HIS A 26 -5.29 -4.29 -9.28
N LEU A 27 -4.32 -3.59 -8.70
CA LEU A 27 -4.60 -2.73 -7.55
C LEU A 27 -5.63 -1.67 -7.91
N ARG A 28 -5.43 -1.02 -9.04
CA ARG A 28 -6.31 0.06 -9.49
C ARG A 28 -7.74 -0.45 -9.71
N ASP A 29 -7.85 -1.59 -10.39
CA ASP A 29 -9.16 -2.18 -10.71
C ASP A 29 -9.98 -2.44 -9.44
N TYR A 30 -9.29 -2.75 -8.36
CA TYR A 30 -9.95 -3.07 -7.11
C TYR A 30 -10.17 -1.83 -6.26
N PHE A 31 -9.15 -0.99 -6.16
CA PHE A 31 -9.20 0.14 -5.24
C PHE A 31 -9.95 1.35 -5.82
N GLU A 32 -10.21 1.32 -7.13
CA GLU A 32 -10.95 2.41 -7.77
C GLU A 32 -12.37 2.55 -7.20
N GLN A 33 -12.90 1.44 -6.69
CA GLN A 33 -14.25 1.44 -6.11
C GLN A 33 -14.25 2.10 -4.73
N TYR A 34 -13.05 2.29 -4.17
CA TYR A 34 -12.93 2.92 -2.87
C TYR A 34 -12.77 4.43 -3.02
N GLY A 35 -12.23 4.86 -4.16
CA GLY A 35 -12.11 6.28 -4.42
C GLY A 35 -11.26 6.57 -5.64
N LYS A 36 -10.93 7.84 -5.84
CA LYS A 36 -10.12 8.25 -6.98
C LYS A 36 -8.66 7.90 -6.76
N ILE A 37 -8.12 7.12 -7.67
CA ILE A 37 -6.74 6.71 -7.61
C ILE A 37 -5.87 7.65 -8.45
N GLU A 38 -4.72 8.01 -7.92
CA GLU A 38 -3.77 8.82 -8.64
C GLU A 38 -2.87 7.96 -9.51
N VAL A 39 -1.99 7.18 -8.89
CA VAL A 39 -1.09 6.30 -9.61
C VAL A 39 -0.88 5.00 -8.84
N ILE A 40 -0.45 3.96 -9.54
CA ILE A 40 -0.13 2.69 -8.90
C ILE A 40 1.36 2.41 -9.02
N GLU A 41 2.04 2.34 -7.89
CA GLU A 41 3.46 2.06 -7.89
C GLU A 41 3.70 0.60 -7.55
N ILE A 42 4.30 -0.13 -8.48
CA ILE A 42 4.60 -1.55 -8.26
C ILE A 42 6.00 -1.68 -7.67
N MET A 43 6.61 -0.53 -7.41
CA MET A 43 7.98 -0.45 -6.93
C MET A 43 8.88 -1.27 -7.84
N THR A 44 8.76 -1.01 -9.13
CA THR A 44 9.59 -1.67 -10.10
C THR A 44 11.05 -1.25 -9.94
N ASP A 45 11.95 -2.20 -10.13
CA ASP A 45 13.38 -1.94 -10.02
C ASP A 45 13.74 -0.68 -10.78
N ARG A 46 14.30 0.29 -10.08
CA ARG A 46 14.57 1.60 -10.66
C ARG A 46 15.74 1.56 -11.63
N GLY A 47 16.30 0.38 -11.85
CA GLY A 47 17.39 0.24 -12.79
C GLY A 47 16.96 -0.46 -14.06
N SER A 48 16.20 -1.55 -13.93
CA SER A 48 15.81 -2.33 -15.09
C SER A 48 14.29 -2.31 -15.33
N GLY A 49 13.54 -1.98 -14.29
CA GLY A 49 12.08 -1.99 -14.40
C GLY A 49 11.50 -3.35 -14.07
N LYS A 50 11.82 -3.85 -12.89
CA LYS A 50 11.42 -5.20 -12.48
C LYS A 50 10.38 -5.12 -11.37
N LYS A 51 9.23 -5.74 -11.58
CA LYS A 51 8.14 -5.68 -10.61
C LYS A 51 8.54 -6.27 -9.27
N ARG A 52 8.26 -5.52 -8.21
CA ARG A 52 8.57 -5.94 -6.85
C ARG A 52 7.45 -6.83 -6.31
N GLY A 53 7.67 -7.42 -5.14
CA GLY A 53 6.68 -8.29 -4.53
C GLY A 53 5.67 -7.53 -3.69
N PHE A 54 5.80 -6.21 -3.69
CA PHE A 54 4.87 -5.36 -2.97
C PHE A 54 4.62 -4.10 -3.77
N ALA A 55 3.45 -3.49 -3.58
CA ALA A 55 3.07 -2.33 -4.36
C ALA A 55 2.45 -1.24 -3.50
N PHE A 56 2.22 -0.09 -4.11
CA PHE A 56 1.66 1.07 -3.43
C PHE A 56 0.56 1.66 -4.28
N VAL A 57 -0.56 1.99 -3.67
CA VAL A 57 -1.67 2.59 -4.39
C VAL A 57 -1.87 4.02 -3.93
N THR A 58 -1.53 4.96 -4.79
CA THR A 58 -1.67 6.37 -4.48
C THR A 58 -3.06 6.87 -4.86
N PHE A 59 -3.74 7.50 -3.92
CA PHE A 59 -5.07 8.04 -4.16
C PHE A 59 -5.03 9.55 -4.12
N ASP A 60 -5.92 10.19 -4.86
CA ASP A 60 -6.02 11.66 -4.84
C ASP A 60 -6.73 12.12 -3.57
N ASP A 61 -7.36 11.17 -2.91
CA ASP A 61 -8.21 11.45 -1.76
C ASP A 61 -7.76 10.66 -0.54
N HIS A 62 -7.65 11.33 0.59
CA HIS A 62 -7.19 10.69 1.81
C HIS A 62 -8.34 10.00 2.54
N ASP A 63 -9.55 10.13 2.00
CA ASP A 63 -10.71 9.49 2.62
C ASP A 63 -10.95 8.14 1.98
N SER A 64 -10.72 8.08 0.68
CA SER A 64 -10.81 6.83 -0.07
C SER A 64 -9.86 5.79 0.52
N VAL A 65 -8.74 6.27 1.05
CA VAL A 65 -7.75 5.43 1.70
C VAL A 65 -8.27 4.89 3.02
N ASP A 66 -9.14 5.64 3.66
CA ASP A 66 -9.61 5.33 5.00
C ASP A 66 -10.43 4.03 5.03
N LYS A 67 -11.34 3.87 4.08
CA LYS A 67 -12.14 2.63 4.00
C LYS A 67 -11.27 1.43 3.66
N ILE A 68 -10.04 1.71 3.25
CA ILE A 68 -9.10 0.66 2.88
C ILE A 68 -8.24 0.29 4.08
N VAL A 69 -7.62 1.29 4.69
CA VAL A 69 -6.67 1.06 5.78
C VAL A 69 -7.34 0.51 7.05
N ILE A 70 -8.67 0.62 7.13
CA ILE A 70 -9.39 0.07 8.27
C ILE A 70 -9.45 -1.45 8.18
N GLN A 71 -9.40 -1.96 6.96
CA GLN A 71 -9.36 -3.40 6.72
C GLN A 71 -7.93 -3.81 6.39
N LYS A 72 -7.56 -5.03 6.72
CA LYS A 72 -6.18 -5.48 6.51
C LYS A 72 -6.09 -6.33 5.24
N TYR A 73 -6.82 -7.43 5.21
CA TYR A 73 -6.79 -8.31 4.05
C TYR A 73 -7.81 -7.89 3.01
N HIS A 74 -7.31 -7.45 1.88
CA HIS A 74 -8.13 -7.03 0.76
C HIS A 74 -8.03 -8.03 -0.37
N THR A 75 -9.15 -8.32 -1.01
CA THR A 75 -9.19 -9.29 -2.08
C THR A 75 -8.99 -8.62 -3.44
N VAL A 76 -7.78 -8.73 -3.97
CA VAL A 76 -7.46 -8.19 -5.28
C VAL A 76 -6.67 -9.22 -6.08
N ASN A 77 -6.98 -9.32 -7.38
CA ASN A 77 -6.33 -10.29 -8.27
C ASN A 77 -6.82 -11.71 -7.95
N GLY A 78 -7.72 -11.79 -6.97
CA GLY A 78 -8.21 -13.07 -6.52
C GLY A 78 -7.39 -13.60 -5.37
N HIS A 79 -6.50 -12.78 -4.86
CA HIS A 79 -5.61 -13.18 -3.78
C HIS A 79 -5.85 -12.32 -2.54
N ASN A 80 -5.53 -12.86 -1.38
CA ASN A 80 -5.69 -12.14 -0.11
C ASN A 80 -4.48 -11.25 0.12
N CYS A 81 -4.63 -9.97 -0.20
CA CYS A 81 -3.55 -9.03 -0.10
C CYS A 81 -3.68 -8.18 1.15
N GLU A 82 -2.63 -8.21 1.97
CA GLU A 82 -2.60 -7.46 3.21
C GLU A 82 -2.16 -6.02 2.93
N VAL A 83 -3.00 -5.06 3.33
CA VAL A 83 -2.79 -3.65 2.96
C VAL A 83 -2.60 -2.79 4.21
N ARG A 84 -1.81 -1.72 4.07
CA ARG A 84 -1.52 -0.83 5.19
C ARG A 84 -1.53 0.63 4.75
N LYS A 85 -1.40 1.52 5.72
CA LYS A 85 -1.11 2.92 5.46
C LYS A 85 0.35 3.02 5.01
N ALA A 86 0.57 3.46 3.78
CA ALA A 86 1.92 3.50 3.23
C ALA A 86 2.73 4.66 3.79
N LEU A 87 3.47 4.39 4.86
CA LEU A 87 4.44 5.34 5.37
C LEU A 87 5.78 5.06 4.72
N SER A 88 6.42 6.10 4.22
CA SER A 88 7.68 5.98 3.49
C SER A 88 8.71 5.22 4.30
N LYS A 89 9.60 4.49 3.64
CA LYS A 89 10.66 3.77 4.35
C LYS A 89 11.56 4.77 5.07
N GLN A 90 11.59 5.99 4.53
CA GLN A 90 12.25 7.12 5.16
C GLN A 90 11.69 7.36 6.56
N GLU A 91 10.38 7.18 6.69
CA GLU A 91 9.67 7.48 7.92
C GLU A 91 9.51 6.24 8.78
N MET A 92 9.26 5.10 8.14
CA MET A 92 9.05 3.85 8.85
C MET A 92 10.33 3.40 9.57
N ALA A 93 11.47 3.94 9.12
CA ALA A 93 12.74 3.64 9.75
C ALA A 93 12.90 4.43 11.04
N SER A 94 12.17 5.53 11.14
CA SER A 94 12.21 6.38 12.32
C SER A 94 11.06 6.04 13.27
N ALA A 95 9.88 5.82 12.69
CA ALA A 95 8.70 5.48 13.48
C ALA A 95 8.85 4.14 14.14
N SER A 96 9.46 3.20 13.43
CA SER A 96 9.65 1.87 13.93
C SER A 96 11.14 1.55 14.06
N SER A 97 11.60 1.39 15.29
CA SER A 97 12.99 1.06 15.54
C SER A 97 13.32 -0.31 14.96
N SER A 98 14.10 -0.31 13.90
CA SER A 98 14.40 -1.54 13.19
C SER A 98 15.87 -1.91 13.35
N GLN A 99 16.12 -3.11 13.82
CA GLN A 99 17.48 -3.63 13.94
C GLN A 99 17.64 -4.80 12.99
N ARG A 100 18.05 -4.50 11.77
CA ARG A 100 18.18 -5.52 10.75
C ARG A 100 19.60 -6.10 10.78
N GLY A 101 20.55 -5.26 11.19
CA GLY A 101 21.92 -5.71 11.29
C GLY A 101 22.64 -5.69 9.97
N ARG A 102 22.04 -6.33 8.98
CA ARG A 102 22.60 -6.40 7.64
C ARG A 102 21.82 -5.49 6.71
N SER A 1 1.94 -4.75 17.36
CA SER A 1 1.79 -3.86 16.19
C SER A 1 1.11 -2.56 16.61
N GLN A 2 1.56 -1.45 16.05
CA GLN A 2 1.05 -0.14 16.45
C GLN A 2 0.22 0.50 15.34
N ARG A 3 0.19 -0.17 14.19
CA ARG A 3 -0.50 0.33 13.00
C ARG A 3 0.21 1.55 12.44
N PRO A 4 0.88 1.38 11.30
CA PRO A 4 1.71 2.43 10.69
C PRO A 4 0.85 3.54 10.09
N GLY A 5 1.04 4.75 10.59
CA GLY A 5 0.30 5.88 10.08
C GLY A 5 -1.16 5.86 10.47
N ALA A 6 -1.44 5.31 11.65
CA ALA A 6 -2.81 5.19 12.12
C ALA A 6 -3.33 6.52 12.66
N HIS A 7 -2.43 7.48 12.76
CA HIS A 7 -2.79 8.80 13.25
C HIS A 7 -2.57 9.84 12.16
N LEU A 8 -2.36 9.37 10.94
CA LEU A 8 -1.99 10.24 9.84
C LEU A 8 -3.03 10.20 8.72
N THR A 9 -3.18 11.31 8.04
CA THR A 9 -3.96 11.36 6.82
C THR A 9 -3.12 10.85 5.66
N VAL A 10 -3.34 9.60 5.30
CA VAL A 10 -2.55 8.95 4.28
C VAL A 10 -3.33 8.89 2.97
N LYS A 11 -2.65 9.15 1.86
CA LYS A 11 -3.29 9.15 0.55
C LYS A 11 -2.82 7.97 -0.28
N LYS A 12 -1.80 7.28 0.20
CA LYS A 12 -1.25 6.15 -0.51
C LYS A 12 -1.21 4.93 0.39
N ILE A 13 -1.61 3.80 -0.15
CA ILE A 13 -1.68 2.58 0.64
C ILE A 13 -0.52 1.64 0.29
N PHE A 14 -0.27 0.71 1.20
CA PHE A 14 0.79 -0.27 1.02
C PHE A 14 0.19 -1.64 0.75
N VAL A 15 0.45 -2.17 -0.43
CA VAL A 15 -0.05 -3.48 -0.80
C VAL A 15 1.07 -4.50 -0.73
N GLY A 16 1.04 -5.36 0.29
CA GLY A 16 2.10 -6.32 0.49
C GLY A 16 1.59 -7.75 0.44
N GLY A 17 2.50 -8.67 0.12
CA GLY A 17 2.13 -10.07 0.03
C GLY A 17 1.13 -10.34 -1.09
N ILE A 18 1.49 -9.97 -2.30
CA ILE A 18 0.61 -10.12 -3.45
C ILE A 18 1.15 -11.18 -4.41
N LYS A 19 0.52 -11.29 -5.57
CA LYS A 19 0.94 -12.22 -6.60
C LYS A 19 1.90 -11.53 -7.55
N GLU A 20 2.52 -12.30 -8.43
CA GLU A 20 3.40 -11.73 -9.45
C GLU A 20 2.57 -11.07 -10.54
N ASP A 21 1.49 -11.72 -10.94
CA ASP A 21 0.56 -11.10 -11.88
C ASP A 21 -0.40 -10.21 -11.11
N THR A 22 0.15 -9.17 -10.53
CA THR A 22 -0.62 -8.15 -9.84
C THR A 22 0.07 -6.82 -10.02
N GLU A 23 -0.45 -6.05 -10.94
CA GLU A 23 0.18 -4.82 -11.36
C GLU A 23 -0.75 -3.63 -11.13
N GLU A 24 -0.44 -2.51 -11.77
CA GLU A 24 -1.18 -1.28 -11.57
C GLU A 24 -2.67 -1.45 -11.81
N HIS A 25 -3.05 -2.03 -12.94
CA HIS A 25 -4.45 -2.18 -13.30
C HIS A 25 -5.17 -3.08 -12.30
N HIS A 26 -4.42 -4.00 -11.67
CA HIS A 26 -5.01 -4.91 -10.70
C HIS A 26 -5.44 -4.16 -9.45
N LEU A 27 -4.47 -3.53 -8.77
CA LEU A 27 -4.76 -2.73 -7.58
C LEU A 27 -5.79 -1.66 -7.89
N ARG A 28 -5.54 -0.91 -8.95
CA ARG A 28 -6.40 0.19 -9.35
C ARG A 28 -7.85 -0.27 -9.51
N ASP A 29 -8.05 -1.35 -10.24
CA ASP A 29 -9.40 -1.85 -10.53
C ASP A 29 -10.15 -2.21 -9.25
N TYR A 30 -9.42 -2.60 -8.21
CA TYR A 30 -10.05 -2.99 -6.96
C TYR A 30 -10.24 -1.77 -6.05
N PHE A 31 -9.32 -0.84 -6.09
CA PHE A 31 -9.34 0.30 -5.16
C PHE A 31 -10.10 1.49 -5.72
N GLU A 32 -10.30 1.53 -7.03
CA GLU A 32 -11.06 2.61 -7.67
C GLU A 32 -12.51 2.65 -7.18
N GLN A 33 -12.96 1.51 -6.67
CA GLN A 33 -14.28 1.41 -6.08
C GLN A 33 -14.38 2.29 -4.83
N TYR A 34 -13.28 2.37 -4.09
CA TYR A 34 -13.26 3.12 -2.83
C TYR A 34 -13.08 4.61 -3.09
N GLY A 35 -12.56 4.97 -4.26
CA GLY A 35 -12.45 6.37 -4.61
C GLY A 35 -11.56 6.60 -5.82
N LYS A 36 -11.22 7.87 -6.04
CA LYS A 36 -10.38 8.25 -7.15
C LYS A 36 -8.91 7.97 -6.86
N ILE A 37 -8.32 7.16 -7.70
CA ILE A 37 -6.93 6.82 -7.58
C ILE A 37 -6.09 7.74 -8.45
N GLU A 38 -5.01 8.25 -7.90
CA GLU A 38 -4.10 9.09 -8.64
C GLU A 38 -3.19 8.24 -9.53
N VAL A 39 -2.28 7.51 -8.91
CA VAL A 39 -1.35 6.65 -9.65
C VAL A 39 -1.08 5.37 -8.88
N ILE A 40 -0.71 4.31 -9.59
CA ILE A 40 -0.31 3.06 -8.94
C ILE A 40 1.20 2.89 -9.06
N GLU A 41 1.87 2.97 -7.94
CA GLU A 41 3.32 2.86 -7.92
C GLU A 41 3.75 1.42 -7.70
N ILE A 42 4.11 0.75 -8.77
CA ILE A 42 4.56 -0.63 -8.70
C ILE A 42 6.04 -0.67 -8.36
N MET A 43 6.36 -1.07 -7.14
CA MET A 43 7.75 -1.15 -6.71
C MET A 43 8.45 -2.27 -7.46
N THR A 44 9.31 -1.89 -8.37
CA THR A 44 9.96 -2.83 -9.25
C THR A 44 11.39 -3.10 -8.82
N ASP A 45 12.05 -4.00 -9.53
CA ASP A 45 13.44 -4.32 -9.26
C ASP A 45 14.31 -3.10 -9.55
N ARG A 46 15.28 -2.85 -8.69
CA ARG A 46 16.10 -1.66 -8.77
C ARG A 46 16.96 -1.66 -10.03
N GLY A 47 17.19 -2.84 -10.58
CA GLY A 47 18.02 -2.95 -11.76
C GLY A 47 17.22 -3.29 -13.00
N SER A 48 16.51 -4.41 -12.95
CA SER A 48 15.79 -4.92 -14.11
C SER A 48 14.43 -4.24 -14.27
N GLY A 49 13.93 -3.66 -13.18
CA GLY A 49 12.64 -3.00 -13.22
C GLY A 49 11.49 -3.98 -13.41
N LYS A 50 11.64 -5.16 -12.82
CA LYS A 50 10.63 -6.21 -12.95
C LYS A 50 9.63 -6.14 -11.79
N LYS A 51 10.04 -6.61 -10.62
CA LYS A 51 9.23 -6.50 -9.40
C LYS A 51 10.12 -6.60 -8.17
N ARG A 52 9.86 -5.73 -7.20
CA ARG A 52 10.50 -5.85 -5.89
C ARG A 52 9.61 -6.71 -5.01
N GLY A 53 8.32 -6.70 -5.31
CA GLY A 53 7.37 -7.51 -4.58
C GLY A 53 6.11 -6.75 -4.28
N PHE A 54 6.19 -5.86 -3.31
CA PHE A 54 5.06 -5.06 -2.87
C PHE A 54 4.78 -3.91 -3.84
N ALA A 55 3.62 -3.28 -3.68
CA ALA A 55 3.26 -2.15 -4.53
C ALA A 55 2.51 -1.10 -3.73
N PHE A 56 2.24 0.03 -4.35
CA PHE A 56 1.62 1.17 -3.68
C PHE A 56 0.49 1.73 -4.54
N VAL A 57 -0.53 2.26 -3.88
CA VAL A 57 -1.65 2.85 -4.57
C VAL A 57 -1.91 4.27 -4.05
N THR A 58 -1.63 5.25 -4.89
CA THR A 58 -1.84 6.64 -4.52
C THR A 58 -3.25 7.09 -4.87
N PHE A 59 -3.97 7.63 -3.90
CA PHE A 59 -5.32 8.12 -4.10
C PHE A 59 -5.35 9.64 -4.08
N ASP A 60 -6.28 10.22 -4.83
CA ASP A 60 -6.46 11.67 -4.86
C ASP A 60 -6.90 12.19 -3.49
N ASP A 61 -7.59 11.35 -2.74
CA ASP A 61 -8.13 11.77 -1.44
C ASP A 61 -7.81 10.73 -0.38
N HIS A 62 -7.61 11.19 0.85
CA HIS A 62 -7.35 10.29 1.97
C HIS A 62 -8.63 9.54 2.34
N ASP A 63 -9.78 10.11 1.93
CA ASP A 63 -11.07 9.49 2.20
C ASP A 63 -11.15 8.09 1.59
N SER A 64 -10.79 8.00 0.33
CA SER A 64 -10.78 6.72 -0.38
C SER A 64 -9.83 5.72 0.28
N VAL A 65 -8.80 6.26 0.91
CA VAL A 65 -7.78 5.45 1.56
C VAL A 65 -8.31 4.85 2.86
N ASP A 66 -9.11 5.62 3.58
CA ASP A 66 -9.55 5.23 4.91
C ASP A 66 -10.36 3.93 4.90
N LYS A 67 -11.19 3.76 3.87
CA LYS A 67 -12.01 2.55 3.75
C LYS A 67 -11.14 1.32 3.51
N ILE A 68 -9.91 1.58 3.09
CA ILE A 68 -9.00 0.52 2.74
C ILE A 68 -8.03 0.23 3.89
N VAL A 69 -7.42 1.29 4.41
CA VAL A 69 -6.37 1.15 5.42
C VAL A 69 -6.91 0.62 6.75
N ILE A 70 -8.22 0.70 6.96
CA ILE A 70 -8.83 0.18 8.18
C ILE A 70 -8.78 -1.35 8.19
N GLN A 71 -8.81 -1.94 7.01
CA GLN A 71 -8.75 -3.39 6.89
C GLN A 71 -7.39 -3.81 6.33
N LYS A 72 -6.90 -4.95 6.80
CA LYS A 72 -5.58 -5.42 6.40
C LYS A 72 -5.68 -6.37 5.21
N TYR A 73 -6.31 -7.50 5.42
CA TYR A 73 -6.41 -8.51 4.37
C TYR A 73 -7.55 -8.20 3.41
N HIS A 74 -7.19 -7.76 2.21
CA HIS A 74 -8.17 -7.45 1.17
C HIS A 74 -8.15 -8.52 0.09
N THR A 75 -9.11 -8.47 -0.81
CA THR A 75 -9.19 -9.43 -1.90
C THR A 75 -8.98 -8.75 -3.24
N VAL A 76 -7.75 -8.78 -3.73
CA VAL A 76 -7.44 -8.19 -5.02
C VAL A 76 -6.83 -9.24 -5.93
N ASN A 77 -7.24 -9.24 -7.20
CA ASN A 77 -6.77 -10.22 -8.19
C ASN A 77 -7.31 -11.62 -7.87
N GLY A 78 -8.12 -11.70 -6.82
CA GLY A 78 -8.65 -12.97 -6.39
C GLY A 78 -7.78 -13.61 -5.34
N HIS A 79 -6.86 -12.83 -4.80
CA HIS A 79 -5.94 -13.30 -3.78
C HIS A 79 -6.06 -12.44 -2.52
N ASN A 80 -5.91 -13.07 -1.37
CA ASN A 80 -5.92 -12.36 -0.10
C ASN A 80 -4.56 -11.72 0.16
N CYS A 81 -4.50 -10.41 0.00
CA CYS A 81 -3.26 -9.67 0.20
C CYS A 81 -3.38 -8.72 1.38
N GLU A 82 -2.25 -8.21 1.85
CA GLU A 82 -2.24 -7.30 2.99
C GLU A 82 -2.15 -5.86 2.51
N VAL A 83 -2.97 -5.00 3.10
CA VAL A 83 -2.94 -3.59 2.81
C VAL A 83 -2.79 -2.78 4.10
N ARG A 84 -1.85 -1.85 4.11
CA ARG A 84 -1.63 -0.98 5.25
C ARG A 84 -1.49 0.46 4.76
N LYS A 85 -1.33 1.41 5.67
CA LYS A 85 -1.04 2.79 5.27
C LYS A 85 0.38 2.86 4.75
N ALA A 86 0.57 3.43 3.57
CA ALA A 86 1.92 3.58 3.03
C ALA A 86 2.57 4.85 3.57
N LEU A 87 3.20 4.73 4.74
CA LEU A 87 3.93 5.84 5.31
C LEU A 87 5.30 5.92 4.65
N SER A 88 5.71 7.13 4.30
CA SER A 88 6.97 7.36 3.62
C SER A 88 8.13 6.66 4.34
N LYS A 89 9.00 6.01 3.57
CA LYS A 89 10.11 5.28 4.17
C LYS A 89 11.05 6.24 4.90
N GLN A 90 11.05 7.49 4.49
CA GLN A 90 11.80 8.53 5.19
C GLN A 90 11.29 8.66 6.62
N GLU A 91 9.98 8.60 6.77
CA GLU A 91 9.35 8.74 8.07
C GLU A 91 9.33 7.41 8.81
N MET A 92 9.14 6.32 8.07
CA MET A 92 9.10 4.99 8.68
C MET A 92 10.46 4.64 9.28
N ALA A 93 11.51 5.32 8.82
CA ALA A 93 12.84 5.17 9.38
C ALA A 93 12.92 5.86 10.74
N SER A 94 12.34 7.05 10.82
CA SER A 94 12.31 7.80 12.06
C SER A 94 11.34 7.15 13.05
N ALA A 95 10.30 6.52 12.50
CA ALA A 95 9.31 5.82 13.28
C ALA A 95 9.78 4.41 13.64
N SER A 96 10.92 4.02 13.07
CA SER A 96 11.44 2.68 13.28
C SER A 96 12.14 2.58 14.63
N SER A 97 11.34 2.43 15.67
CA SER A 97 11.84 2.23 17.02
C SER A 97 10.79 1.45 17.80
N SER A 98 10.00 0.68 17.07
CA SER A 98 8.91 -0.09 17.64
C SER A 98 9.44 -1.36 18.30
N GLN A 99 9.95 -1.21 19.51
CA GLN A 99 10.45 -2.34 20.27
C GLN A 99 9.60 -2.52 21.52
N ARG A 100 8.46 -1.83 21.57
CA ARG A 100 7.61 -1.84 22.75
C ARG A 100 6.53 -2.90 22.61
N GLY A 101 6.57 -3.65 21.52
CA GLY A 101 5.61 -4.72 21.32
C GLY A 101 6.04 -6.01 21.99
N ARG A 102 6.45 -5.89 23.24
CA ARG A 102 6.91 -7.02 24.01
C ARG A 102 5.80 -7.53 24.91
N SER A 1 5.84 -3.13 17.38
CA SER A 1 5.08 -2.04 16.74
C SER A 1 4.56 -2.46 15.38
N GLN A 2 5.43 -2.41 14.36
CA GLN A 2 5.10 -2.83 12.99
C GLN A 2 3.93 -2.01 12.43
N ARG A 3 3.74 -0.81 12.98
CA ARG A 3 2.61 0.03 12.60
C ARG A 3 3.08 1.35 12.00
N PRO A 4 2.34 1.84 11.00
CA PRO A 4 2.55 3.17 10.41
C PRO A 4 1.80 4.25 11.19
N GLY A 5 1.73 5.45 10.62
CA GLY A 5 0.93 6.50 11.21
C GLY A 5 -0.54 6.27 10.96
N ALA A 6 -1.14 5.41 11.77
CA ALA A 6 -2.54 5.01 11.58
C ALA A 6 -3.49 6.17 11.82
N HIS A 7 -3.10 7.08 12.70
CA HIS A 7 -3.96 8.20 13.07
C HIS A 7 -3.73 9.39 12.15
N LEU A 8 -2.98 9.18 11.08
CA LEU A 8 -2.66 10.24 10.13
C LEU A 8 -3.48 10.07 8.86
N THR A 9 -3.75 11.18 8.19
CA THR A 9 -4.45 11.15 6.91
C THR A 9 -3.52 10.77 5.78
N VAL A 10 -3.52 9.49 5.43
CA VAL A 10 -2.66 8.98 4.39
C VAL A 10 -3.38 9.01 3.04
N LYS A 11 -2.62 9.20 1.97
CA LYS A 11 -3.19 9.27 0.63
C LYS A 11 -2.56 8.20 -0.26
N LYS A 12 -2.06 7.16 0.36
CA LYS A 12 -1.46 6.03 -0.33
C LYS A 12 -1.45 4.81 0.57
N ILE A 13 -1.83 3.67 0.03
CA ILE A 13 -1.89 2.45 0.81
C ILE A 13 -0.75 1.51 0.45
N PHE A 14 -0.46 0.58 1.35
CA PHE A 14 0.59 -0.40 1.13
C PHE A 14 -0.01 -1.77 0.83
N VAL A 15 0.29 -2.30 -0.34
CA VAL A 15 -0.20 -3.61 -0.73
C VAL A 15 0.90 -4.65 -0.56
N GLY A 16 0.80 -5.43 0.52
CA GLY A 16 1.76 -6.48 0.76
C GLY A 16 1.08 -7.81 0.95
N GLY A 17 1.86 -8.86 1.15
CA GLY A 17 1.30 -10.17 1.40
C GLY A 17 0.60 -10.76 0.19
N ILE A 18 1.02 -10.33 -1.00
CA ILE A 18 0.49 -10.89 -2.23
C ILE A 18 1.25 -12.15 -2.60
N LYS A 19 1.14 -12.60 -3.84
CA LYS A 19 1.83 -13.82 -4.24
C LYS A 19 2.40 -13.67 -5.64
N GLU A 20 1.51 -13.59 -6.62
CA GLU A 20 1.91 -13.48 -8.01
C GLU A 20 2.08 -12.02 -8.40
N ASP A 21 2.66 -11.79 -9.58
CA ASP A 21 2.93 -10.44 -10.05
C ASP A 21 1.63 -9.66 -10.22
N THR A 22 1.39 -8.75 -9.30
CA THR A 22 0.21 -7.92 -9.32
C THR A 22 0.56 -6.54 -9.86
N GLU A 23 -0.02 -6.16 -10.99
CA GLU A 23 0.36 -4.93 -11.66
C GLU A 23 -0.60 -3.78 -11.33
N GLU A 24 -0.35 -2.63 -11.95
CA GLU A 24 -1.13 -1.42 -11.66
C GLU A 24 -2.61 -1.64 -11.95
N HIS A 25 -2.91 -2.24 -13.09
CA HIS A 25 -4.29 -2.46 -13.49
C HIS A 25 -5.01 -3.35 -12.47
N HIS A 26 -4.27 -4.19 -11.78
CA HIS A 26 -4.83 -5.08 -10.78
C HIS A 26 -5.25 -4.30 -9.52
N LEU A 27 -4.29 -3.65 -8.87
CA LEU A 27 -4.57 -2.88 -7.66
C LEU A 27 -5.62 -1.82 -7.94
N ARG A 28 -5.40 -1.07 -9.02
CA ARG A 28 -6.31 0.01 -9.39
C ARG A 28 -7.73 -0.50 -9.59
N ASP A 29 -7.87 -1.63 -10.27
CA ASP A 29 -9.18 -2.19 -10.61
C ASP A 29 -10.00 -2.48 -9.35
N TYR A 30 -9.31 -2.81 -8.27
CA TYR A 30 -9.99 -3.10 -7.01
C TYR A 30 -10.20 -1.82 -6.21
N PHE A 31 -9.15 -1.04 -6.05
CA PHE A 31 -9.19 0.10 -5.15
C PHE A 31 -9.92 1.31 -5.75
N GLU A 32 -10.16 1.28 -7.05
CA GLU A 32 -10.86 2.38 -7.72
C GLU A 32 -12.31 2.51 -7.24
N GLN A 33 -12.87 1.42 -6.75
CA GLN A 33 -14.25 1.43 -6.24
C GLN A 33 -14.32 2.17 -4.91
N TYR A 34 -13.17 2.30 -4.26
CA TYR A 34 -13.10 2.98 -2.97
C TYR A 34 -13.00 4.48 -3.17
N GLY A 35 -12.29 4.89 -4.21
CA GLY A 35 -12.17 6.30 -4.51
C GLY A 35 -11.29 6.56 -5.72
N LYS A 36 -10.92 7.82 -5.90
CA LYS A 36 -10.10 8.22 -7.02
C LYS A 36 -8.64 7.86 -6.78
N ILE A 37 -8.09 7.08 -7.70
CA ILE A 37 -6.71 6.67 -7.61
C ILE A 37 -5.82 7.57 -8.47
N GLU A 38 -4.75 8.05 -7.88
CA GLU A 38 -3.78 8.86 -8.59
C GLU A 38 -2.87 7.99 -9.45
N VAL A 39 -1.99 7.25 -8.82
CA VAL A 39 -1.04 6.38 -9.53
C VAL A 39 -0.76 5.11 -8.74
N ILE A 40 -0.52 4.02 -9.44
CA ILE A 40 -0.19 2.76 -8.79
C ILE A 40 1.31 2.50 -8.89
N GLU A 41 2.01 2.64 -7.79
CA GLU A 41 3.44 2.39 -7.77
C GLU A 41 3.70 0.91 -7.54
N ILE A 42 4.05 0.20 -8.60
CA ILE A 42 4.30 -1.23 -8.52
C ILE A 42 5.68 -1.50 -7.93
N MET A 43 6.48 -0.44 -7.85
CA MET A 43 7.86 -0.51 -7.36
C MET A 43 8.69 -1.39 -8.27
N THR A 44 9.40 -0.74 -9.17
CA THR A 44 10.26 -1.44 -10.10
C THR A 44 11.71 -1.35 -9.66
N ASP A 45 12.48 -2.37 -10.03
CA ASP A 45 13.89 -2.42 -9.70
C ASP A 45 14.60 -1.16 -10.13
N ARG A 46 15.54 -0.72 -9.31
CA ARG A 46 16.17 0.58 -9.48
C ARG A 46 16.99 0.65 -10.77
N GLY A 47 17.35 -0.50 -11.31
CA GLY A 47 18.18 -0.54 -12.50
C GLY A 47 17.55 -1.30 -13.64
N SER A 48 16.98 -2.46 -13.34
CA SER A 48 16.41 -3.33 -14.36
C SER A 48 15.02 -2.86 -14.78
N GLY A 49 14.37 -2.10 -13.91
CA GLY A 49 13.04 -1.60 -14.20
C GLY A 49 12.01 -2.69 -14.24
N LYS A 50 12.20 -3.71 -13.41
CA LYS A 50 11.30 -4.85 -13.33
C LYS A 50 10.47 -4.76 -12.06
N LYS A 51 9.24 -5.24 -12.11
CA LYS A 51 8.36 -5.23 -10.95
C LYS A 51 8.98 -6.02 -9.81
N ARG A 52 9.12 -5.37 -8.66
CA ARG A 52 9.83 -5.94 -7.53
C ARG A 52 8.96 -6.91 -6.73
N GLY A 53 7.80 -6.43 -6.29
CA GLY A 53 6.92 -7.27 -5.49
C GLY A 53 5.81 -6.48 -4.85
N PHE A 54 6.14 -5.77 -3.77
CA PHE A 54 5.15 -4.97 -3.06
C PHE A 54 4.76 -3.75 -3.88
N ALA A 55 3.51 -3.34 -3.77
CA ALA A 55 3.02 -2.23 -4.56
C ALA A 55 2.32 -1.20 -3.68
N PHE A 56 2.11 -0.02 -4.25
CA PHE A 56 1.51 1.09 -3.53
C PHE A 56 0.40 1.71 -4.37
N VAL A 57 -0.71 2.00 -3.73
CA VAL A 57 -1.81 2.62 -4.42
C VAL A 57 -2.00 4.06 -3.94
N THR A 58 -1.58 5.00 -4.76
CA THR A 58 -1.69 6.41 -4.43
C THR A 58 -3.07 6.92 -4.79
N PHE A 59 -3.75 7.52 -3.81
CA PHE A 59 -5.08 8.05 -4.04
C PHE A 59 -5.05 9.57 -4.03
N ASP A 60 -5.97 10.19 -4.76
CA ASP A 60 -6.06 11.65 -4.79
C ASP A 60 -6.76 12.20 -3.53
N ASP A 61 -7.26 11.29 -2.72
CA ASP A 61 -7.96 11.69 -1.50
C ASP A 61 -7.60 10.75 -0.35
N HIS A 62 -7.54 11.31 0.85
CA HIS A 62 -7.25 10.52 2.03
C HIS A 62 -8.48 9.75 2.49
N ASP A 63 -9.65 10.19 2.04
CA ASP A 63 -10.91 9.54 2.44
C ASP A 63 -11.04 8.19 1.76
N SER A 64 -10.62 8.14 0.50
CA SER A 64 -10.63 6.91 -0.27
C SER A 64 -9.67 5.90 0.35
N VAL A 65 -8.63 6.41 1.00
CA VAL A 65 -7.64 5.57 1.66
C VAL A 65 -8.19 5.04 2.97
N ASP A 66 -8.97 5.87 3.65
CA ASP A 66 -9.54 5.53 4.94
C ASP A 66 -10.45 4.31 4.85
N LYS A 67 -11.10 4.14 3.70
CA LYS A 67 -11.97 2.98 3.47
C LYS A 67 -11.15 1.70 3.47
N ILE A 68 -9.89 1.85 3.10
CA ILE A 68 -9.04 0.72 2.83
C ILE A 68 -8.12 0.39 3.99
N VAL A 69 -7.43 1.41 4.49
CA VAL A 69 -6.42 1.22 5.53
C VAL A 69 -7.01 0.72 6.85
N ILE A 70 -8.32 0.86 7.00
CA ILE A 70 -9.00 0.35 8.20
C ILE A 70 -9.12 -1.16 8.15
N GLN A 71 -9.14 -1.69 6.94
CA GLN A 71 -9.16 -3.13 6.75
C GLN A 71 -7.75 -3.60 6.40
N LYS A 72 -7.40 -4.80 6.83
CA LYS A 72 -6.07 -5.31 6.61
C LYS A 72 -6.07 -6.30 5.45
N TYR A 73 -6.74 -7.41 5.62
CA TYR A 73 -6.76 -8.44 4.59
C TYR A 73 -7.82 -8.12 3.52
N HIS A 74 -7.35 -7.61 2.39
CA HIS A 74 -8.22 -7.33 1.26
C HIS A 74 -8.14 -8.47 0.26
N THR A 75 -8.76 -8.31 -0.90
CA THR A 75 -8.69 -9.32 -1.94
C THR A 75 -8.58 -8.68 -3.31
N VAL A 76 -7.38 -8.75 -3.88
CA VAL A 76 -7.12 -8.18 -5.20
C VAL A 76 -6.65 -9.27 -6.15
N ASN A 77 -7.19 -9.28 -7.37
CA ASN A 77 -6.78 -10.22 -8.41
C ASN A 77 -7.28 -11.64 -8.11
N GLY A 78 -7.90 -11.80 -6.94
CA GLY A 78 -8.34 -13.12 -6.50
C GLY A 78 -7.49 -13.65 -5.36
N HIS A 79 -6.58 -12.81 -4.89
CA HIS A 79 -5.70 -13.18 -3.79
C HIS A 79 -5.99 -12.33 -2.56
N ASN A 80 -6.13 -12.98 -1.42
CA ASN A 80 -6.32 -12.27 -0.16
C ASN A 80 -5.00 -11.67 0.29
N CYS A 81 -4.86 -10.37 0.11
CA CYS A 81 -3.62 -9.68 0.40
C CYS A 81 -3.73 -8.91 1.71
N GLU A 82 -2.63 -8.28 2.12
CA GLU A 82 -2.60 -7.52 3.35
C GLU A 82 -2.28 -6.06 3.05
N VAL A 83 -3.19 -5.18 3.42
CA VAL A 83 -3.06 -3.77 3.11
C VAL A 83 -2.86 -2.96 4.39
N ARG A 84 -1.92 -2.03 4.33
CA ARG A 84 -1.64 -1.15 5.43
C ARG A 84 -1.62 0.28 4.96
N LYS A 85 -1.38 1.20 5.88
CA LYS A 85 -1.18 2.59 5.53
C LYS A 85 0.24 2.74 5.00
N ALA A 86 0.39 3.21 3.78
CA ALA A 86 1.71 3.35 3.19
C ALA A 86 2.44 4.55 3.76
N LEU A 87 3.18 4.34 4.84
CA LEU A 87 4.00 5.39 5.42
C LEU A 87 5.31 5.45 4.63
N SER A 88 5.77 6.67 4.37
CA SER A 88 7.00 6.86 3.61
C SER A 88 8.14 6.07 4.22
N LYS A 89 9.05 5.56 3.40
CA LYS A 89 10.18 4.81 3.93
C LYS A 89 11.04 5.70 4.81
N GLN A 90 10.86 7.01 4.67
CA GLN A 90 11.45 7.99 5.58
C GLN A 90 10.83 7.85 6.96
N GLU A 91 9.50 7.88 6.99
CA GLU A 91 8.74 7.78 8.24
C GLU A 91 8.94 6.42 8.88
N MET A 92 8.93 5.38 8.05
CA MET A 92 9.05 4.01 8.54
C MET A 92 10.48 3.73 9.01
N ALA A 93 11.40 4.62 8.66
CA ALA A 93 12.78 4.50 9.12
C ALA A 93 12.94 5.16 10.47
N SER A 94 11.92 5.91 10.89
CA SER A 94 11.95 6.61 12.15
C SER A 94 10.95 6.02 13.15
N ALA A 95 9.74 5.76 12.69
CA ALA A 95 8.68 5.25 13.55
C ALA A 95 8.64 3.73 13.58
N SER A 96 8.89 3.12 12.44
CA SER A 96 8.80 1.67 12.29
C SER A 96 10.20 1.06 12.17
N SER A 97 11.17 1.69 12.81
CA SER A 97 12.56 1.26 12.73
C SER A 97 12.74 -0.15 13.31
N SER A 98 11.89 -0.51 14.26
CA SER A 98 11.99 -1.81 14.90
C SER A 98 11.03 -2.82 14.28
N GLN A 99 11.39 -3.30 13.10
CA GLN A 99 10.64 -4.36 12.45
C GLN A 99 11.64 -5.35 11.86
N ARG A 100 11.93 -6.41 12.60
CA ARG A 100 12.96 -7.35 12.19
C ARG A 100 12.39 -8.43 11.29
N GLY A 101 12.65 -8.30 10.00
CA GLY A 101 12.24 -9.32 9.05
C GLY A 101 13.29 -10.40 8.93
N ARG A 102 14.45 -10.13 9.50
CA ARG A 102 15.57 -11.06 9.51
C ARG A 102 15.42 -12.04 10.66
N SER A 1 2.71 -0.69 17.06
CA SER A 1 3.12 -1.24 15.75
C SER A 1 1.91 -1.38 14.84
N GLN A 2 2.16 -1.58 13.55
CA GLN A 2 1.11 -1.72 12.52
C GLN A 2 0.44 -0.37 12.23
N ARG A 3 0.08 0.35 13.28
CA ARG A 3 -0.57 1.65 13.13
C ARG A 3 0.37 2.78 13.56
N PRO A 4 1.20 3.28 12.66
CA PRO A 4 2.12 4.39 12.96
C PRO A 4 1.40 5.72 13.06
N GLY A 5 0.43 5.90 12.18
CA GLY A 5 -0.38 7.11 12.19
C GLY A 5 -1.83 6.81 11.89
N ALA A 6 -2.48 6.11 12.81
CA ALA A 6 -3.87 5.71 12.63
C ALA A 6 -4.80 6.90 12.82
N HIS A 7 -4.41 7.79 13.71
CA HIS A 7 -5.18 9.01 13.97
C HIS A 7 -4.82 10.08 12.95
N LEU A 8 -3.88 9.75 12.07
CA LEU A 8 -3.43 10.67 11.03
C LEU A 8 -4.12 10.31 9.72
N THR A 9 -3.85 11.08 8.68
CA THR A 9 -4.50 10.84 7.40
C THR A 9 -3.46 10.51 6.32
N VAL A 10 -3.71 9.41 5.60
CA VAL A 10 -2.77 8.90 4.60
C VAL A 10 -3.40 8.95 3.21
N LYS A 11 -2.59 9.17 2.18
CA LYS A 11 -3.10 9.28 0.81
C LYS A 11 -2.59 8.17 -0.11
N LYS A 12 -1.72 7.32 0.40
CA LYS A 12 -1.22 6.19 -0.37
C LYS A 12 -1.23 4.92 0.49
N ILE A 13 -1.63 3.82 -0.11
CA ILE A 13 -1.70 2.56 0.60
C ILE A 13 -0.57 1.63 0.19
N PHE A 14 -0.20 0.73 1.08
CA PHE A 14 0.86 -0.24 0.83
C PHE A 14 0.24 -1.59 0.50
N VAL A 15 0.66 -2.17 -0.62
CA VAL A 15 0.17 -3.47 -1.03
C VAL A 15 1.20 -4.55 -0.74
N GLY A 16 0.89 -5.39 0.24
CA GLY A 16 1.73 -6.51 0.56
C GLY A 16 0.93 -7.79 0.63
N GLY A 17 1.57 -8.88 1.03
CA GLY A 17 0.88 -10.14 1.20
C GLY A 17 0.38 -10.74 -0.10
N ILE A 18 0.91 -10.26 -1.23
CA ILE A 18 0.52 -10.78 -2.52
C ILE A 18 1.46 -11.92 -2.92
N LYS A 19 1.15 -12.60 -4.02
CA LYS A 19 1.98 -13.71 -4.48
C LYS A 19 2.01 -13.77 -6.00
N GLU A 20 0.83 -13.71 -6.61
CA GLU A 20 0.73 -13.73 -8.07
C GLU A 20 1.14 -12.39 -8.64
N ASP A 21 1.38 -12.36 -9.95
CA ASP A 21 1.81 -11.13 -10.63
C ASP A 21 0.71 -10.08 -10.56
N THR A 22 0.90 -9.11 -9.68
CA THR A 22 -0.09 -8.08 -9.47
C THR A 22 0.45 -6.73 -9.94
N GLU A 23 -0.21 -6.16 -10.93
CA GLU A 23 0.26 -4.93 -11.54
C GLU A 23 -0.71 -3.79 -11.27
N GLU A 24 -0.46 -2.65 -11.91
CA GLU A 24 -1.21 -1.43 -11.66
C GLU A 24 -2.71 -1.61 -11.90
N HIS A 25 -3.08 -2.23 -13.01
CA HIS A 25 -4.48 -2.41 -13.34
C HIS A 25 -5.18 -3.28 -12.28
N HIS A 26 -4.41 -4.17 -11.66
CA HIS A 26 -4.95 -5.05 -10.63
C HIS A 26 -5.34 -4.26 -9.38
N LEU A 27 -4.37 -3.52 -8.83
CA LEU A 27 -4.63 -2.70 -7.65
C LEU A 27 -5.70 -1.65 -7.94
N ARG A 28 -5.51 -0.90 -9.02
CA ARG A 28 -6.43 0.17 -9.39
C ARG A 28 -7.85 -0.34 -9.52
N ASP A 29 -8.05 -1.43 -10.26
CA ASP A 29 -9.38 -1.95 -10.53
C ASP A 29 -10.12 -2.29 -9.24
N TYR A 30 -9.38 -2.68 -8.22
CA TYR A 30 -9.97 -3.01 -6.94
C TYR A 30 -10.17 -1.75 -6.10
N PHE A 31 -9.14 -0.93 -5.99
CA PHE A 31 -9.16 0.20 -5.07
C PHE A 31 -10.00 1.37 -5.61
N GLU A 32 -10.25 1.38 -6.91
CA GLU A 32 -11.03 2.47 -7.53
C GLU A 32 -12.46 2.50 -7.01
N GLN A 33 -12.95 1.36 -6.53
CA GLN A 33 -14.30 1.28 -5.98
C GLN A 33 -14.32 1.90 -4.59
N TYR A 34 -13.15 2.09 -4.01
CA TYR A 34 -13.04 2.70 -2.70
C TYR A 34 -12.96 4.22 -2.83
N GLY A 35 -12.50 4.69 -3.98
CA GLY A 35 -12.50 6.11 -4.22
C GLY A 35 -11.63 6.52 -5.40
N LYS A 36 -11.11 7.73 -5.32
CA LYS A 36 -10.39 8.36 -6.41
C LYS A 36 -8.90 8.06 -6.32
N ILE A 37 -8.40 7.37 -7.33
CA ILE A 37 -7.00 7.00 -7.39
C ILE A 37 -6.23 7.95 -8.30
N GLU A 38 -5.03 8.32 -7.88
CA GLU A 38 -4.13 9.08 -8.71
C GLU A 38 -3.37 8.16 -9.66
N VAL A 39 -2.40 7.45 -9.11
CA VAL A 39 -1.55 6.55 -9.89
C VAL A 39 -1.21 5.32 -9.07
N ILE A 40 -0.96 4.21 -9.76
CA ILE A 40 -0.51 3.00 -9.08
C ILE A 40 0.99 2.86 -9.26
N GLU A 41 1.68 2.47 -8.20
CA GLU A 41 3.11 2.34 -8.25
C GLU A 41 3.52 0.90 -8.00
N ILE A 42 3.78 0.16 -9.07
CA ILE A 42 4.34 -1.17 -8.95
C ILE A 42 5.82 -1.04 -8.62
N MET A 43 6.20 -1.30 -7.39
CA MET A 43 7.55 -1.01 -6.96
C MET A 43 8.51 -2.10 -7.41
N THR A 44 9.19 -1.82 -8.51
CA THR A 44 10.20 -2.71 -9.04
C THR A 44 11.56 -2.37 -8.44
N ASP A 45 12.60 -2.98 -8.98
CA ASP A 45 13.95 -2.66 -8.57
C ASP A 45 14.48 -1.50 -9.41
N ARG A 46 15.01 -0.49 -8.75
CA ARG A 46 15.51 0.70 -9.43
C ARG A 46 16.66 0.38 -10.37
N GLY A 47 17.30 -0.77 -10.19
CA GLY A 47 18.41 -1.12 -11.03
C GLY A 47 18.07 -2.21 -12.04
N SER A 48 17.53 -3.31 -11.56
CA SER A 48 17.28 -4.47 -12.40
C SER A 48 15.92 -4.38 -13.10
N GLY A 49 15.05 -3.51 -12.61
CA GLY A 49 13.74 -3.34 -13.21
C GLY A 49 12.88 -4.57 -13.05
N LYS A 50 13.00 -5.23 -11.91
CA LYS A 50 12.25 -6.44 -11.63
C LYS A 50 11.28 -6.18 -10.48
N LYS A 51 10.12 -6.82 -10.51
CA LYS A 51 9.15 -6.65 -9.45
C LYS A 51 9.72 -7.14 -8.12
N ARG A 52 9.83 -6.24 -7.16
CA ARG A 52 10.34 -6.60 -5.85
C ARG A 52 9.22 -7.12 -4.96
N GLY A 53 8.03 -7.20 -5.53
CA GLY A 53 6.91 -7.78 -4.81
C GLY A 53 5.88 -6.75 -4.42
N PHE A 54 6.25 -5.86 -3.53
CA PHE A 54 5.32 -4.89 -2.96
C PHE A 54 4.97 -3.78 -3.95
N ALA A 55 3.76 -3.25 -3.82
CA ALA A 55 3.31 -2.17 -4.67
C ALA A 55 2.61 -1.09 -3.84
N PHE A 56 2.29 0.03 -4.47
CA PHE A 56 1.66 1.15 -3.79
C PHE A 56 0.55 1.72 -4.63
N VAL A 57 -0.44 2.30 -3.97
CA VAL A 57 -1.54 2.93 -4.67
C VAL A 57 -1.74 4.35 -4.15
N THR A 58 -1.42 5.33 -4.98
CA THR A 58 -1.58 6.72 -4.62
C THR A 58 -3.00 7.19 -4.91
N PHE A 59 -3.66 7.73 -3.91
CA PHE A 59 -5.02 8.21 -4.07
C PHE A 59 -5.04 9.73 -4.09
N ASP A 60 -5.97 10.27 -4.86
CA ASP A 60 -6.12 11.71 -4.97
C ASP A 60 -6.85 12.25 -3.75
N ASP A 61 -7.53 11.35 -3.07
CA ASP A 61 -8.31 11.70 -1.90
C ASP A 61 -7.94 10.78 -0.74
N HIS A 62 -7.70 11.36 0.41
CA HIS A 62 -7.39 10.57 1.60
C HIS A 62 -8.64 9.90 2.12
N ASP A 63 -9.80 10.33 1.64
CA ASP A 63 -11.07 9.75 2.06
C ASP A 63 -11.17 8.31 1.57
N SER A 64 -10.72 8.09 0.34
CA SER A 64 -10.74 6.78 -0.28
C SER A 64 -9.80 5.82 0.43
N VAL A 65 -8.74 6.37 1.02
CA VAL A 65 -7.71 5.58 1.65
C VAL A 65 -8.21 4.97 2.97
N ASP A 66 -9.06 5.73 3.67
CA ASP A 66 -9.52 5.34 5.01
C ASP A 66 -10.20 3.97 4.99
N LYS A 67 -11.16 3.77 4.09
CA LYS A 67 -11.89 2.51 4.01
C LYS A 67 -10.99 1.34 3.61
N ILE A 68 -9.81 1.66 3.12
CA ILE A 68 -8.87 0.64 2.70
C ILE A 68 -7.91 0.30 3.84
N VAL A 69 -7.33 1.33 4.44
CA VAL A 69 -6.32 1.15 5.48
C VAL A 69 -6.90 0.56 6.77
N ILE A 70 -8.21 0.66 6.95
CA ILE A 70 -8.85 0.15 8.16
C ILE A 70 -8.78 -1.37 8.23
N GLN A 71 -8.79 -2.01 7.06
CA GLN A 71 -8.69 -3.46 7.00
C GLN A 71 -7.37 -3.86 6.35
N LYS A 72 -6.82 -4.97 6.79
CA LYS A 72 -5.54 -5.45 6.30
C LYS A 72 -5.75 -6.40 5.13
N TYR A 73 -6.45 -7.49 5.38
CA TYR A 73 -6.71 -8.46 4.34
C TYR A 73 -7.72 -7.95 3.33
N HIS A 74 -7.24 -7.67 2.12
CA HIS A 74 -8.08 -7.29 1.01
C HIS A 74 -8.10 -8.41 -0.02
N THR A 75 -8.97 -8.29 -1.01
CA THR A 75 -9.05 -9.28 -2.06
C THR A 75 -8.76 -8.64 -3.42
N VAL A 76 -7.52 -8.72 -3.85
CA VAL A 76 -7.11 -8.12 -5.12
C VAL A 76 -6.65 -9.19 -6.09
N ASN A 77 -7.17 -9.16 -7.32
CA ASN A 77 -6.80 -10.12 -8.35
C ASN A 77 -7.15 -11.55 -7.91
N GLY A 78 -8.20 -11.67 -7.11
CA GLY A 78 -8.60 -12.96 -6.59
C GLY A 78 -7.63 -13.49 -5.55
N HIS A 79 -6.83 -12.60 -5.00
CA HIS A 79 -5.82 -12.97 -4.03
C HIS A 79 -6.02 -12.21 -2.72
N ASN A 80 -6.03 -12.95 -1.62
CA ASN A 80 -6.10 -12.35 -0.29
C ASN A 80 -4.76 -11.72 0.05
N CYS A 81 -4.72 -10.39 0.13
CA CYS A 81 -3.47 -9.68 0.33
C CYS A 81 -3.52 -8.83 1.58
N GLU A 82 -2.38 -8.24 1.93
CA GLU A 82 -2.27 -7.38 3.09
C GLU A 82 -2.12 -5.93 2.66
N VAL A 83 -3.08 -5.11 3.02
CA VAL A 83 -3.04 -3.70 2.68
C VAL A 83 -3.07 -2.85 3.94
N ARG A 84 -2.20 -1.86 3.99
CA ARG A 84 -2.11 -0.95 5.12
C ARG A 84 -1.64 0.43 4.66
N LYS A 85 -1.49 1.34 5.60
CA LYS A 85 -1.03 2.68 5.29
C LYS A 85 0.39 2.63 4.73
N ALA A 86 0.64 3.34 3.63
CA ALA A 86 1.96 3.36 3.04
C ALA A 86 2.79 4.47 3.65
N LEU A 87 3.44 4.16 4.76
CA LEU A 87 4.37 5.09 5.36
C LEU A 87 5.69 5.03 4.63
N SER A 88 6.18 6.17 4.19
CA SER A 88 7.40 6.26 3.42
C SER A 88 8.55 5.60 4.15
N LYS A 89 9.58 5.16 3.42
CA LYS A 89 10.77 4.61 4.05
C LYS A 89 11.46 5.68 4.90
N GLN A 90 11.08 6.93 4.66
CA GLN A 90 11.51 8.04 5.49
C GLN A 90 10.82 7.97 6.85
N GLU A 91 9.55 7.58 6.83
CA GLU A 91 8.73 7.52 8.03
C GLU A 91 8.89 6.19 8.76
N MET A 92 8.94 5.12 7.98
CA MET A 92 9.03 3.78 8.56
C MET A 92 10.41 3.55 9.17
N ALA A 93 11.37 4.41 8.81
CA ALA A 93 12.68 4.38 9.41
C ALA A 93 12.60 4.88 10.85
N SER A 94 11.58 5.70 11.10
CA SER A 94 11.35 6.24 12.41
C SER A 94 10.37 5.37 13.19
N ALA A 95 9.41 4.79 12.48
CA ALA A 95 8.37 3.97 13.08
C ALA A 95 8.88 2.60 13.47
N SER A 96 9.53 1.94 12.52
CA SER A 96 10.06 0.61 12.75
C SER A 96 11.35 0.67 13.55
N SER A 97 11.28 0.23 14.80
CA SER A 97 12.43 0.23 15.69
C SER A 97 13.49 -0.75 15.20
N SER A 98 13.06 -1.84 14.57
CA SER A 98 13.98 -2.85 14.05
C SER A 98 14.89 -2.28 12.98
N GLN A 99 14.42 -1.24 12.31
CA GLN A 99 15.18 -0.58 11.26
C GLN A 99 16.46 0.04 11.84
N ARG A 100 16.42 0.35 13.13
CA ARG A 100 17.57 0.94 13.81
C ARG A 100 18.18 -0.09 14.74
N GLY A 101 17.80 -1.35 14.56
CA GLY A 101 18.32 -2.41 15.39
C GLY A 101 19.58 -3.01 14.81
N ARG A 102 19.45 -3.72 13.71
CA ARG A 102 20.58 -4.29 13.01
C ARG A 102 21.19 -3.25 12.08
N SER A 1 -8.28 -2.67 12.60
CA SER A 1 -6.99 -3.15 12.06
C SER A 1 -5.85 -2.29 12.62
N GLN A 2 -4.74 -2.24 11.90
CA GLN A 2 -3.57 -1.50 12.36
C GLN A 2 -3.75 0.00 12.14
N ARG A 3 -3.82 0.40 10.87
CA ARG A 3 -3.89 1.82 10.50
C ARG A 3 -2.73 2.60 11.14
N PRO A 4 -1.49 2.36 10.66
CA PRO A 4 -0.28 3.01 11.22
C PRO A 4 -0.30 4.53 11.02
N GLY A 5 -0.26 5.25 12.13
CA GLY A 5 -0.31 6.70 12.07
C GLY A 5 -1.66 7.17 11.59
N ALA A 6 -2.70 6.82 12.32
CA ALA A 6 -4.06 7.08 11.90
C ALA A 6 -4.39 8.57 11.97
N HIS A 7 -3.63 9.31 12.77
CA HIS A 7 -3.81 10.75 12.87
C HIS A 7 -3.08 11.45 11.73
N LEU A 8 -2.41 10.67 10.90
CA LEU A 8 -1.69 11.18 9.76
C LEU A 8 -2.45 10.85 8.48
N THR A 9 -3.04 11.87 7.86
CA THR A 9 -3.79 11.70 6.63
C THR A 9 -2.88 11.17 5.52
N VAL A 10 -3.14 9.96 5.09
CA VAL A 10 -2.29 9.28 4.13
C VAL A 10 -2.96 9.23 2.75
N LYS A 11 -2.20 9.51 1.70
CA LYS A 11 -2.76 9.48 0.35
C LYS A 11 -2.30 8.25 -0.41
N LYS A 12 -1.49 7.44 0.24
CA LYS A 12 -0.97 6.24 -0.38
C LYS A 12 -1.08 5.05 0.54
N ILE A 13 -1.51 3.92 0.00
CA ILE A 13 -1.62 2.71 0.79
C ILE A 13 -0.54 1.72 0.41
N PHE A 14 -0.32 0.75 1.27
CA PHE A 14 0.68 -0.29 1.04
C PHE A 14 0.00 -1.62 0.77
N VAL A 15 0.23 -2.16 -0.41
CA VAL A 15 -0.28 -3.48 -0.76
C VAL A 15 0.87 -4.47 -0.78
N GLY A 16 0.96 -5.28 0.26
CA GLY A 16 2.04 -6.23 0.36
C GLY A 16 1.54 -7.66 0.39
N GLY A 17 2.20 -8.53 -0.37
CA GLY A 17 1.84 -9.92 -0.35
C GLY A 17 1.68 -10.51 -1.73
N ILE A 18 1.62 -9.65 -2.74
CA ILE A 18 1.44 -10.11 -4.12
C ILE A 18 2.67 -10.88 -4.62
N LYS A 19 2.63 -12.18 -4.41
CA LYS A 19 3.73 -13.05 -4.77
C LYS A 19 3.50 -13.65 -6.16
N GLU A 20 2.41 -13.21 -6.79
CA GLU A 20 2.06 -13.65 -8.13
C GLU A 20 1.98 -12.44 -9.06
N ASP A 21 1.55 -12.65 -10.30
CA ASP A 21 1.46 -11.56 -11.27
C ASP A 21 0.29 -10.64 -10.94
N THR A 22 0.62 -9.46 -10.45
CA THR A 22 -0.37 -8.45 -10.13
C THR A 22 0.20 -7.06 -10.45
N GLU A 23 -0.54 -6.26 -11.20
CA GLU A 23 -0.04 -4.98 -11.68
C GLU A 23 -0.95 -3.82 -11.31
N GLU A 24 -0.71 -2.67 -11.94
CA GLU A 24 -1.46 -1.45 -11.72
C GLU A 24 -2.94 -1.64 -12.02
N HIS A 25 -3.25 -2.23 -13.18
CA HIS A 25 -4.63 -2.39 -13.60
C HIS A 25 -5.40 -3.28 -12.62
N HIS A 26 -4.69 -4.21 -11.99
CA HIS A 26 -5.28 -5.10 -11.01
C HIS A 26 -5.70 -4.32 -9.77
N LEU A 27 -4.73 -3.68 -9.14
CA LEU A 27 -4.96 -2.93 -7.91
C LEU A 27 -5.97 -1.82 -8.13
N ARG A 28 -5.78 -1.03 -9.18
CA ARG A 28 -6.66 0.08 -9.46
C ARG A 28 -8.09 -0.38 -9.70
N ASP A 29 -8.27 -1.47 -10.44
CA ASP A 29 -9.60 -2.01 -10.71
C ASP A 29 -10.34 -2.33 -9.42
N TYR A 30 -9.60 -2.68 -8.40
CA TYR A 30 -10.16 -3.02 -7.11
C TYR A 30 -10.33 -1.78 -6.23
N PHE A 31 -9.30 -0.96 -6.15
CA PHE A 31 -9.31 0.18 -5.23
C PHE A 31 -10.10 1.37 -5.77
N GLU A 32 -10.44 1.33 -7.06
CA GLU A 32 -11.18 2.43 -7.68
C GLU A 32 -12.59 2.55 -7.11
N GLN A 33 -13.12 1.46 -6.58
CA GLN A 33 -14.46 1.44 -6.04
C GLN A 33 -14.49 2.19 -4.71
N TYR A 34 -13.33 2.34 -4.09
CA TYR A 34 -13.23 3.06 -2.83
C TYR A 34 -13.17 4.56 -3.09
N GLY A 35 -12.45 4.94 -4.14
CA GLY A 35 -12.36 6.34 -4.49
C GLY A 35 -11.44 6.61 -5.67
N LYS A 36 -11.14 7.89 -5.87
CA LYS A 36 -10.30 8.33 -6.98
C LYS A 36 -8.83 7.99 -6.73
N ILE A 37 -8.30 7.15 -7.60
CA ILE A 37 -6.90 6.76 -7.52
C ILE A 37 -6.05 7.66 -8.40
N GLU A 38 -4.88 8.00 -7.90
CA GLU A 38 -3.92 8.78 -8.66
C GLU A 38 -3.05 7.87 -9.52
N VAL A 39 -2.14 7.13 -8.88
CA VAL A 39 -1.22 6.24 -9.59
C VAL A 39 -0.96 4.97 -8.79
N ILE A 40 -0.89 3.85 -9.49
CA ILE A 40 -0.52 2.59 -8.86
C ILE A 40 0.96 2.34 -9.05
N GLU A 41 1.74 2.61 -8.02
CA GLU A 41 3.18 2.44 -8.11
C GLU A 41 3.56 1.01 -7.82
N ILE A 42 3.70 0.23 -8.88
CA ILE A 42 4.16 -1.13 -8.74
C ILE A 42 5.65 -1.10 -8.42
N MET A 43 5.98 -1.28 -7.14
CA MET A 43 7.35 -1.13 -6.71
C MET A 43 8.26 -2.13 -7.41
N THR A 44 9.07 -1.61 -8.32
CA THR A 44 9.95 -2.43 -9.11
C THR A 44 11.39 -2.00 -8.90
N ASP A 45 12.32 -2.90 -9.20
CA ASP A 45 13.74 -2.60 -9.06
C ASP A 45 14.11 -1.37 -9.87
N ARG A 46 14.91 -0.51 -9.27
CA ARG A 46 15.27 0.76 -9.88
C ARG A 46 16.25 0.54 -11.05
N GLY A 47 16.78 -0.66 -11.15
CA GLY A 47 17.68 -0.98 -12.23
C GLY A 47 17.06 -1.95 -13.23
N SER A 48 16.70 -3.13 -12.76
CA SER A 48 16.21 -4.19 -13.63
C SER A 48 14.75 -3.97 -14.01
N GLY A 49 14.03 -3.24 -13.16
CA GLY A 49 12.62 -2.99 -13.39
C GLY A 49 11.77 -4.23 -13.17
N LYS A 50 12.12 -5.00 -12.16
CA LYS A 50 11.40 -6.22 -11.82
C LYS A 50 10.62 -6.02 -10.52
N LYS A 51 9.52 -6.73 -10.36
CA LYS A 51 8.64 -6.54 -9.21
C LYS A 51 9.37 -6.84 -7.90
N ARG A 52 9.18 -5.96 -6.93
CA ARG A 52 9.79 -6.15 -5.61
C ARG A 52 8.87 -7.00 -4.72
N GLY A 53 7.68 -7.30 -5.23
CA GLY A 53 6.76 -8.18 -4.52
C GLY A 53 5.65 -7.41 -3.82
N PHE A 54 5.73 -6.09 -3.84
CA PHE A 54 4.69 -5.26 -3.24
C PHE A 54 4.52 -3.98 -4.06
N ALA A 55 3.41 -3.29 -3.83
CA ALA A 55 3.10 -2.09 -4.59
C ALA A 55 2.42 -1.06 -3.71
N PHE A 56 2.38 0.17 -4.20
CA PHE A 56 1.80 1.28 -3.45
C PHE A 56 0.74 1.97 -4.28
N VAL A 57 -0.47 2.05 -3.74
CA VAL A 57 -1.57 2.68 -4.44
C VAL A 57 -1.75 4.11 -3.95
N THR A 58 -1.38 5.06 -4.80
CA THR A 58 -1.54 6.47 -4.48
C THR A 58 -2.93 6.95 -4.88
N PHE A 59 -3.66 7.50 -3.93
CA PHE A 59 -4.99 8.02 -4.20
C PHE A 59 -4.96 9.53 -4.24
N ASP A 60 -5.94 10.11 -4.90
CA ASP A 60 -6.05 11.57 -4.98
C ASP A 60 -6.43 12.15 -3.63
N ASP A 61 -7.15 11.35 -2.85
CA ASP A 61 -7.70 11.83 -1.59
C ASP A 61 -7.44 10.84 -0.48
N HIS A 62 -7.25 11.35 0.74
CA HIS A 62 -7.05 10.50 1.90
C HIS A 62 -8.37 9.86 2.35
N ASP A 63 -9.47 10.37 1.82
CA ASP A 63 -10.78 9.78 2.06
C ASP A 63 -10.80 8.34 1.55
N SER A 64 -10.37 8.17 0.32
CA SER A 64 -10.45 6.88 -0.36
C SER A 64 -9.56 5.82 0.29
N VAL A 65 -8.53 6.25 1.01
CA VAL A 65 -7.58 5.32 1.59
C VAL A 65 -8.11 4.72 2.89
N ASP A 66 -9.00 5.44 3.57
CA ASP A 66 -9.42 5.04 4.90
C ASP A 66 -10.29 3.78 4.86
N LYS A 67 -11.17 3.70 3.87
CA LYS A 67 -12.03 2.52 3.69
C LYS A 67 -11.18 1.27 3.43
N ILE A 68 -9.92 1.49 3.12
CA ILE A 68 -9.01 0.44 2.78
C ILE A 68 -8.16 0.05 3.98
N VAL A 69 -7.56 1.05 4.62
CA VAL A 69 -6.64 0.83 5.72
C VAL A 69 -7.36 0.36 6.99
N ILE A 70 -8.68 0.54 7.04
CA ILE A 70 -9.47 0.11 8.20
C ILE A 70 -9.44 -1.41 8.36
N GLN A 71 -9.25 -2.12 7.25
CA GLN A 71 -9.02 -3.54 7.30
C GLN A 71 -7.61 -3.86 6.78
N LYS A 72 -7.25 -5.13 6.75
CA LYS A 72 -5.90 -5.51 6.41
C LYS A 72 -5.87 -6.42 5.17
N TYR A 73 -6.40 -7.62 5.30
CA TYR A 73 -6.45 -8.55 4.20
C TYR A 73 -7.47 -8.13 3.14
N HIS A 74 -6.97 -7.67 2.02
CA HIS A 74 -7.80 -7.32 0.89
C HIS A 74 -7.69 -8.39 -0.19
N THR A 75 -8.74 -8.55 -0.97
CA THR A 75 -8.73 -9.53 -2.03
C THR A 75 -8.70 -8.84 -3.39
N VAL A 76 -7.50 -8.51 -3.84
CA VAL A 76 -7.32 -7.87 -5.13
C VAL A 76 -6.81 -8.88 -6.14
N ASN A 77 -7.42 -8.90 -7.32
CA ASN A 77 -7.10 -9.88 -8.38
C ASN A 77 -7.60 -11.27 -7.99
N GLY A 78 -7.94 -11.44 -6.72
CA GLY A 78 -8.29 -12.74 -6.20
C GLY A 78 -7.29 -13.20 -5.16
N HIS A 79 -6.27 -12.38 -4.97
CA HIS A 79 -5.18 -12.70 -4.06
C HIS A 79 -5.45 -12.08 -2.68
N ASN A 80 -4.98 -12.74 -1.64
CA ASN A 80 -5.12 -12.23 -0.27
C ASN A 80 -3.87 -11.44 0.13
N CYS A 81 -3.99 -10.13 0.10
CA CYS A 81 -2.85 -9.27 0.37
C CYS A 81 -3.06 -8.47 1.66
N GLU A 82 -1.97 -8.07 2.29
CA GLU A 82 -2.03 -7.22 3.47
C GLU A 82 -1.93 -5.77 3.04
N VAL A 83 -2.97 -5.01 3.37
CA VAL A 83 -3.01 -3.61 3.02
C VAL A 83 -3.07 -2.75 4.28
N ARG A 84 -2.32 -1.66 4.26
CA ARG A 84 -2.22 -0.76 5.39
C ARG A 84 -1.75 0.61 4.93
N LYS A 85 -1.77 1.59 5.82
CA LYS A 85 -1.33 2.94 5.48
C LYS A 85 0.14 2.94 5.11
N ALA A 86 0.46 3.39 3.92
CA ALA A 86 1.85 3.47 3.47
C ALA A 86 2.57 4.62 4.15
N LEU A 87 3.19 4.34 5.29
CA LEU A 87 3.96 5.34 5.99
C LEU A 87 5.33 5.46 5.37
N SER A 88 5.81 6.69 5.25
CA SER A 88 7.13 6.97 4.68
C SER A 88 8.20 6.11 5.34
N LYS A 89 9.02 5.45 4.55
CA LYS A 89 10.05 4.56 5.08
C LYS A 89 11.07 5.34 5.91
N GLN A 90 11.17 6.63 5.62
CA GLN A 90 12.03 7.51 6.38
C GLN A 90 11.55 7.60 7.82
N GLU A 91 10.23 7.59 7.99
CA GLU A 91 9.62 7.70 9.30
C GLU A 91 9.47 6.35 9.95
N MET A 92 9.18 5.32 9.15
CA MET A 92 9.03 3.97 9.67
C MET A 92 10.34 3.50 10.28
N ALA A 93 11.45 4.03 9.76
CA ALA A 93 12.77 3.73 10.26
C ALA A 93 12.93 4.26 11.68
N SER A 94 12.27 5.39 11.94
CA SER A 94 12.35 6.05 13.23
C SER A 94 11.14 5.69 14.11
N ALA A 95 10.34 4.74 13.64
CA ALA A 95 9.14 4.34 14.37
C ALA A 95 9.15 2.85 14.67
N SER A 96 9.39 2.04 13.66
CA SER A 96 9.40 0.60 13.80
C SER A 96 10.83 0.06 13.82
N SER A 97 11.79 0.97 14.02
CA SER A 97 13.20 0.61 14.10
C SER A 97 13.69 -0.03 12.80
N SER A 98 13.05 0.34 11.68
CA SER A 98 13.40 -0.18 10.39
C SER A 98 14.80 0.27 9.98
N GLN A 99 15.72 -0.67 9.94
CA GLN A 99 17.10 -0.39 9.56
C GLN A 99 17.64 -1.51 8.70
N ARG A 100 17.37 -2.73 9.13
CA ARG A 100 17.90 -3.90 8.46
C ARG A 100 16.86 -4.52 7.53
N GLY A 101 17.33 -5.22 6.51
CA GLY A 101 16.43 -5.85 5.58
C GLY A 101 15.94 -7.20 6.09
N ARG A 102 14.87 -7.17 6.87
CA ARG A 102 14.25 -8.38 7.38
C ARG A 102 12.74 -8.19 7.45
N SER A 1 5.08 -1.75 15.45
CA SER A 1 4.95 -3.21 15.26
C SER A 1 3.84 -3.54 14.27
N GLN A 2 2.60 -3.45 14.71
CA GLN A 2 1.45 -3.85 13.91
C GLN A 2 0.72 -2.63 13.35
N ARG A 3 1.01 -1.46 13.92
CA ARG A 3 0.44 -0.21 13.42
C ARG A 3 1.50 0.58 12.66
N PRO A 4 1.57 0.42 11.34
CA PRO A 4 2.50 1.13 10.50
C PRO A 4 1.87 2.35 9.81
N GLY A 5 2.07 3.52 10.39
CA GLY A 5 1.57 4.74 9.79
C GLY A 5 0.10 4.96 10.04
N ALA A 6 -0.43 4.29 11.06
CA ALA A 6 -1.85 4.38 11.40
C ALA A 6 -2.13 5.68 12.13
N HIS A 7 -1.07 6.36 12.53
CA HIS A 7 -1.15 7.66 13.18
C HIS A 7 -1.21 8.77 12.13
N LEU A 8 -1.21 8.37 10.86
CA LEU A 8 -1.27 9.32 9.77
C LEU A 8 -2.60 9.22 9.05
N THR A 9 -2.95 10.24 8.28
CA THR A 9 -4.16 10.21 7.48
C THR A 9 -3.90 9.43 6.20
N VAL A 10 -2.73 9.69 5.60
CA VAL A 10 -2.21 8.93 4.46
C VAL A 10 -3.03 9.12 3.19
N LYS A 11 -2.35 9.13 2.05
CA LYS A 11 -3.01 9.21 0.76
C LYS A 11 -2.50 8.10 -0.16
N LYS A 12 -1.80 7.16 0.44
CA LYS A 12 -1.30 6.00 -0.28
C LYS A 12 -1.37 4.78 0.63
N ILE A 13 -1.79 3.66 0.06
CA ILE A 13 -1.93 2.44 0.83
C ILE A 13 -0.84 1.44 0.44
N PHE A 14 -0.50 0.56 1.37
CA PHE A 14 0.55 -0.43 1.16
C PHE A 14 -0.05 -1.81 0.91
N VAL A 15 0.32 -2.43 -0.21
CA VAL A 15 -0.16 -3.77 -0.54
C VAL A 15 0.96 -4.79 -0.34
N GLY A 16 0.85 -5.59 0.71
CA GLY A 16 1.85 -6.58 1.00
C GLY A 16 1.29 -7.99 1.03
N GLY A 17 1.73 -8.82 0.09
CA GLY A 17 1.32 -10.20 0.08
C GLY A 17 0.70 -10.62 -1.24
N ILE A 18 1.10 -9.99 -2.33
CA ILE A 18 0.53 -10.31 -3.64
C ILE A 18 1.34 -11.40 -4.35
N LYS A 19 1.09 -11.54 -5.64
CA LYS A 19 1.79 -12.51 -6.47
C LYS A 19 2.27 -11.80 -7.74
N GLU A 20 3.27 -12.37 -8.43
CA GLU A 20 3.88 -11.69 -9.58
C GLU A 20 2.89 -11.43 -10.71
N ASP A 21 1.77 -12.12 -10.68
CA ASP A 21 0.73 -11.95 -11.70
C ASP A 21 0.04 -10.59 -11.56
N THR A 22 -0.18 -10.18 -10.32
CA THR A 22 -0.84 -8.91 -10.03
C THR A 22 -0.01 -7.73 -10.53
N GLU A 23 -0.68 -6.76 -11.12
CA GLU A 23 0.00 -5.57 -11.63
C GLU A 23 -0.77 -4.31 -11.26
N GLU A 24 -0.38 -3.19 -11.86
CA GLU A 24 -0.97 -1.88 -11.57
C GLU A 24 -2.47 -1.85 -11.84
N HIS A 25 -2.89 -2.36 -13.00
CA HIS A 25 -4.30 -2.30 -13.37
C HIS A 25 -5.15 -3.14 -12.41
N HIS A 26 -4.57 -4.24 -11.91
CA HIS A 26 -5.27 -5.09 -10.96
C HIS A 26 -5.60 -4.33 -9.69
N LEU A 27 -4.58 -3.71 -9.11
CA LEU A 27 -4.74 -2.95 -7.89
C LEU A 27 -5.69 -1.77 -8.12
N ARG A 28 -5.43 -1.04 -9.19
CA ARG A 28 -6.27 0.10 -9.56
C ARG A 28 -7.73 -0.33 -9.70
N ASP A 29 -7.96 -1.40 -10.45
CA ASP A 29 -9.31 -1.91 -10.71
C ASP A 29 -10.06 -2.21 -9.42
N TYR A 30 -9.32 -2.64 -8.41
CA TYR A 30 -9.91 -3.01 -7.14
C TYR A 30 -10.10 -1.79 -6.23
N PHE A 31 -9.13 -0.91 -6.23
CA PHE A 31 -9.14 0.22 -5.30
C PHE A 31 -9.86 1.45 -5.87
N GLU A 32 -10.07 1.49 -7.18
CA GLU A 32 -10.74 2.62 -7.82
C GLU A 32 -12.20 2.69 -7.39
N GLN A 33 -12.72 1.56 -6.93
CA GLN A 33 -14.09 1.48 -6.45
C GLN A 33 -14.23 2.22 -5.13
N TYR A 34 -13.11 2.39 -4.43
CA TYR A 34 -13.11 3.08 -3.15
C TYR A 34 -12.97 4.58 -3.34
N GLY A 35 -12.24 4.98 -4.38
CA GLY A 35 -12.07 6.39 -4.65
C GLY A 35 -11.14 6.68 -5.83
N LYS A 36 -10.81 7.94 -5.99
CA LYS A 36 -9.95 8.39 -7.08
C LYS A 36 -8.50 8.02 -6.85
N ILE A 37 -7.92 7.31 -7.80
CA ILE A 37 -6.55 6.86 -7.69
C ILE A 37 -5.62 7.75 -8.49
N GLU A 38 -4.49 8.06 -7.90
CA GLU A 38 -3.44 8.81 -8.56
C GLU A 38 -2.59 7.89 -9.43
N VAL A 39 -1.73 7.09 -8.79
CA VAL A 39 -0.84 6.18 -9.51
C VAL A 39 -0.74 4.86 -8.76
N ILE A 40 -0.34 3.80 -9.46
CA ILE A 40 -0.10 2.53 -8.82
C ILE A 40 1.39 2.20 -8.86
N GLU A 41 2.06 2.34 -7.73
CA GLU A 41 3.47 2.05 -7.66
C GLU A 41 3.68 0.59 -7.28
N ILE A 42 4.00 -0.23 -8.28
CA ILE A 42 4.20 -1.66 -8.06
C ILE A 42 5.61 -1.90 -7.51
N MET A 43 6.26 -0.82 -7.10
CA MET A 43 7.65 -0.84 -6.65
C MET A 43 8.54 -1.34 -7.78
N THR A 44 8.06 -1.14 -8.98
CA THR A 44 8.75 -1.59 -10.17
C THR A 44 10.08 -0.87 -10.33
N ASP A 45 11.08 -1.59 -10.87
CA ASP A 45 12.38 -0.99 -11.13
C ASP A 45 12.21 0.35 -11.81
N ARG A 46 12.89 1.35 -11.29
CA ARG A 46 12.67 2.72 -11.72
C ARG A 46 13.49 3.04 -12.96
N GLY A 47 14.04 1.99 -13.58
CA GLY A 47 14.73 2.14 -14.84
C GLY A 47 14.06 1.34 -15.94
N SER A 48 13.81 0.06 -15.70
CA SER A 48 13.26 -0.82 -16.71
C SER A 48 11.83 -1.25 -16.42
N GLY A 49 11.37 -1.01 -15.20
CA GLY A 49 10.04 -1.45 -14.81
C GLY A 49 9.99 -2.93 -14.50
N LYS A 50 10.60 -3.32 -13.40
CA LYS A 50 10.63 -4.72 -12.98
C LYS A 50 9.78 -4.90 -11.73
N LYS A 51 8.96 -5.94 -11.68
CA LYS A 51 8.11 -6.18 -10.52
C LYS A 51 8.94 -6.60 -9.31
N ARG A 52 8.94 -5.76 -8.29
CA ARG A 52 9.73 -6.03 -7.08
C ARG A 52 8.96 -6.95 -6.13
N GLY A 53 7.74 -6.55 -5.77
CA GLY A 53 6.96 -7.32 -4.85
C GLY A 53 5.85 -6.50 -4.23
N PHE A 54 6.13 -5.91 -3.08
CA PHE A 54 5.17 -5.06 -2.40
C PHE A 54 4.82 -3.84 -3.28
N ALA A 55 3.58 -3.40 -3.21
CA ALA A 55 3.13 -2.31 -4.05
C ALA A 55 2.41 -1.24 -3.24
N PHE A 56 2.23 -0.08 -3.85
CA PHE A 56 1.58 1.04 -3.21
C PHE A 56 0.53 1.63 -4.14
N VAL A 57 -0.62 1.93 -3.61
CA VAL A 57 -1.67 2.55 -4.40
C VAL A 57 -1.89 3.98 -3.93
N THR A 58 -1.47 4.93 -4.74
CA THR A 58 -1.57 6.34 -4.41
C THR A 58 -2.94 6.87 -4.80
N PHE A 59 -3.62 7.52 -3.87
CA PHE A 59 -4.92 8.09 -4.13
C PHE A 59 -4.84 9.61 -4.10
N ASP A 60 -5.71 10.28 -4.85
CA ASP A 60 -5.72 11.74 -4.89
C ASP A 60 -6.42 12.31 -3.66
N ASP A 61 -7.01 11.43 -2.86
CA ASP A 61 -7.72 11.85 -1.65
C ASP A 61 -7.43 10.88 -0.51
N HIS A 62 -7.44 11.38 0.72
CA HIS A 62 -7.21 10.55 1.87
C HIS A 62 -8.51 9.96 2.40
N ASP A 63 -9.62 10.33 1.77
CA ASP A 63 -10.90 9.72 2.09
C ASP A 63 -10.96 8.32 1.48
N SER A 64 -10.42 8.20 0.27
CA SER A 64 -10.43 6.95 -0.46
C SER A 64 -9.61 5.87 0.24
N VAL A 65 -8.57 6.28 0.95
CA VAL A 65 -7.67 5.33 1.60
C VAL A 65 -8.27 4.78 2.89
N ASP A 66 -9.23 5.49 3.46
CA ASP A 66 -9.75 5.14 4.78
C ASP A 66 -10.48 3.82 4.73
N LYS A 67 -11.33 3.66 3.72
CA LYS A 67 -12.12 2.44 3.53
C LYS A 67 -11.20 1.23 3.37
N ILE A 68 -9.96 1.49 3.02
CA ILE A 68 -9.00 0.45 2.72
C ILE A 68 -8.17 0.10 3.95
N VAL A 69 -7.63 1.12 4.61
CA VAL A 69 -6.70 0.91 5.70
C VAL A 69 -7.41 0.58 7.01
N ILE A 70 -8.73 0.74 7.06
CA ILE A 70 -9.49 0.39 8.25
C ILE A 70 -9.52 -1.12 8.46
N GLN A 71 -9.47 -1.86 7.36
CA GLN A 71 -9.32 -3.30 7.43
C GLN A 71 -7.87 -3.67 7.13
N LYS A 72 -7.63 -4.92 6.79
CA LYS A 72 -6.26 -5.38 6.61
C LYS A 72 -6.12 -6.21 5.35
N TYR A 73 -6.71 -7.39 5.33
CA TYR A 73 -6.56 -8.29 4.21
C TYR A 73 -7.60 -8.04 3.14
N HIS A 74 -7.14 -7.57 1.98
CA HIS A 74 -8.02 -7.30 0.84
C HIS A 74 -7.84 -8.37 -0.21
N THR A 75 -8.91 -8.67 -0.93
CA THR A 75 -8.83 -9.62 -2.02
C THR A 75 -8.76 -8.90 -3.36
N VAL A 76 -7.56 -8.77 -3.89
CA VAL A 76 -7.35 -8.14 -5.19
C VAL A 76 -6.75 -9.14 -6.17
N ASN A 77 -7.33 -9.23 -7.36
CA ASN A 77 -6.88 -10.18 -8.39
C ASN A 77 -7.10 -11.62 -7.91
N GLY A 78 -7.90 -11.77 -6.88
CA GLY A 78 -8.16 -13.08 -6.32
C GLY A 78 -7.12 -13.47 -5.28
N HIS A 79 -6.27 -12.52 -4.91
CA HIS A 79 -5.26 -12.75 -3.89
C HIS A 79 -5.59 -11.99 -2.62
N ASN A 80 -5.66 -12.69 -1.51
CA ASN A 80 -5.90 -12.07 -0.21
C ASN A 80 -4.59 -11.50 0.33
N CYS A 81 -4.45 -10.20 0.26
CA CYS A 81 -3.20 -9.52 0.59
C CYS A 81 -3.40 -8.59 1.77
N GLU A 82 -2.33 -8.33 2.53
CA GLU A 82 -2.40 -7.44 3.67
C GLU A 82 -2.15 -6.00 3.24
N VAL A 83 -3.07 -5.12 3.58
CA VAL A 83 -2.97 -3.73 3.23
C VAL A 83 -2.75 -2.87 4.48
N ARG A 84 -1.74 -2.03 4.40
CA ARG A 84 -1.40 -1.13 5.49
C ARG A 84 -1.50 0.31 5.03
N LYS A 85 -1.24 1.23 5.93
CA LYS A 85 -1.07 2.63 5.58
C LYS A 85 0.36 2.80 5.07
N ALA A 86 0.52 3.36 3.88
CA ALA A 86 1.84 3.45 3.28
C ALA A 86 2.63 4.62 3.84
N LEU A 87 3.28 4.39 4.98
CA LEU A 87 4.13 5.39 5.57
C LEU A 87 5.52 5.32 4.94
N SER A 88 6.13 6.47 4.71
CA SER A 88 7.45 6.55 4.08
C SER A 88 8.44 5.62 4.77
N LYS A 89 9.31 5.01 3.97
CA LYS A 89 10.29 4.06 4.48
C LYS A 89 11.25 4.74 5.46
N GLN A 90 11.33 6.06 5.38
CA GLN A 90 12.12 6.83 6.34
C GLN A 90 11.44 6.78 7.70
N GLU A 91 10.16 7.17 7.72
CA GLU A 91 9.40 7.23 8.96
C GLU A 91 9.15 5.84 9.53
N MET A 92 9.03 4.85 8.66
CA MET A 92 8.76 3.49 9.12
C MET A 92 10.01 2.88 9.76
N ALA A 93 11.16 3.49 9.48
CA ALA A 93 12.40 3.10 10.14
C ALA A 93 12.40 3.60 11.57
N SER A 94 11.89 4.82 11.75
CA SER A 94 11.73 5.40 13.07
C SER A 94 10.62 4.69 13.83
N ALA A 95 9.59 4.30 13.09
CA ALA A 95 8.47 3.55 13.65
C ALA A 95 8.89 2.14 14.04
N SER A 96 9.99 1.69 13.47
CA SER A 96 10.52 0.38 13.77
C SER A 96 11.23 0.41 15.12
N SER A 97 10.46 0.20 16.17
CA SER A 97 11.01 0.13 17.52
C SER A 97 10.31 -0.97 18.30
N SER A 98 11.09 -1.96 18.72
CA SER A 98 10.58 -3.10 19.48
C SER A 98 9.66 -3.97 18.60
N GLN A 99 9.89 -3.91 17.29
CA GLN A 99 9.10 -4.71 16.35
C GLN A 99 9.73 -6.07 16.16
N ARG A 100 8.93 -7.06 15.79
CA ARG A 100 9.44 -8.40 15.57
C ARG A 100 9.41 -8.71 14.07
N GLY A 101 10.58 -9.00 13.52
CA GLY A 101 10.66 -9.33 12.11
C GLY A 101 10.91 -8.11 11.25
N ARG A 102 10.22 -8.02 10.14
CA ARG A 102 10.37 -6.87 9.24
C ARG A 102 9.04 -6.16 9.05
N SER A 1 3.52 -3.69 13.51
CA SER A 1 2.09 -3.48 13.75
C SER A 1 1.38 -3.19 12.43
N GLN A 2 0.12 -3.59 12.34
CA GLN A 2 -0.66 -3.37 11.12
C GLN A 2 -1.17 -1.94 11.09
N ARG A 3 -1.33 -1.36 12.27
CA ARG A 3 -1.78 0.02 12.39
C ARG A 3 -0.68 0.89 12.99
N PRO A 4 0.24 1.38 12.16
CA PRO A 4 1.31 2.28 12.61
C PRO A 4 0.81 3.72 12.72
N GLY A 5 0.45 4.30 11.58
CA GLY A 5 -0.09 5.64 11.57
C GLY A 5 -1.55 5.64 11.18
N ALA A 6 -2.42 5.69 12.16
CA ALA A 6 -3.86 5.69 11.93
C ALA A 6 -4.40 7.11 11.92
N HIS A 7 -3.84 7.94 12.78
CA HIS A 7 -4.23 9.34 12.86
C HIS A 7 -3.69 10.11 11.67
N LEU A 8 -2.68 9.55 11.03
CA LEU A 8 -2.04 10.16 9.88
C LEU A 8 -2.87 9.92 8.64
N THR A 9 -3.46 10.98 8.10
CA THR A 9 -4.23 10.87 6.88
C THR A 9 -3.30 10.69 5.67
N VAL A 10 -3.13 9.44 5.26
CA VAL A 10 -2.27 9.14 4.14
C VAL A 10 -3.09 9.10 2.85
N LYS A 11 -2.44 9.39 1.74
CA LYS A 11 -3.11 9.34 0.45
C LYS A 11 -2.42 8.31 -0.43
N LYS A 12 -1.75 7.38 0.24
CA LYS A 12 -1.03 6.31 -0.43
C LYS A 12 -1.02 5.08 0.47
N ILE A 13 -1.40 3.95 -0.09
CA ILE A 13 -1.48 2.73 0.68
C ILE A 13 -0.33 1.78 0.32
N PHE A 14 -0.11 0.81 1.20
CA PHE A 14 0.91 -0.20 0.98
C PHE A 14 0.26 -1.53 0.70
N VAL A 15 0.52 -2.08 -0.48
CA VAL A 15 -0.06 -3.35 -0.86
C VAL A 15 0.96 -4.47 -0.72
N GLY A 16 0.84 -5.25 0.34
CA GLY A 16 1.69 -6.40 0.53
C GLY A 16 0.86 -7.66 0.59
N GLY A 17 1.48 -8.76 0.99
CA GLY A 17 0.76 -10.01 1.14
C GLY A 17 0.37 -10.63 -0.18
N ILE A 18 0.83 -10.03 -1.27
CA ILE A 18 0.49 -10.51 -2.59
C ILE A 18 1.48 -11.58 -3.04
N LYS A 19 0.96 -12.76 -3.35
CA LYS A 19 1.80 -13.86 -3.79
C LYS A 19 2.00 -13.83 -5.30
N GLU A 20 1.03 -13.26 -5.99
CA GLU A 20 1.10 -13.14 -7.44
C GLU A 20 1.57 -11.75 -7.83
N ASP A 21 2.17 -11.62 -9.01
CA ASP A 21 2.62 -10.33 -9.51
C ASP A 21 1.43 -9.41 -9.70
N THR A 22 1.11 -8.65 -8.67
CA THR A 22 -0.03 -7.75 -8.70
C THR A 22 0.41 -6.39 -9.22
N GLU A 23 -0.16 -5.97 -10.35
CA GLU A 23 0.30 -4.77 -11.02
C GLU A 23 -0.72 -3.64 -10.91
N GLU A 24 -0.44 -2.55 -11.62
CA GLU A 24 -1.24 -1.34 -11.54
C GLU A 24 -2.72 -1.61 -11.82
N HIS A 25 -3.00 -2.31 -12.91
CA HIS A 25 -4.38 -2.56 -13.30
C HIS A 25 -5.11 -3.39 -12.25
N HIS A 26 -4.37 -4.25 -11.56
CA HIS A 26 -4.93 -5.09 -10.50
C HIS A 26 -5.35 -4.22 -9.32
N LEU A 27 -4.40 -3.45 -8.78
CA LEU A 27 -4.68 -2.61 -7.62
C LEU A 27 -5.76 -1.58 -7.95
N ARG A 28 -5.58 -0.88 -9.06
CA ARG A 28 -6.50 0.18 -9.46
C ARG A 28 -7.93 -0.36 -9.59
N ASP A 29 -8.08 -1.50 -10.25
CA ASP A 29 -9.40 -2.10 -10.47
C ASP A 29 -10.15 -2.32 -9.15
N TYR A 30 -9.41 -2.70 -8.13
CA TYR A 30 -10.01 -3.02 -6.85
C TYR A 30 -10.22 -1.76 -6.00
N PHE A 31 -9.25 -0.85 -6.03
CA PHE A 31 -9.28 0.30 -5.15
C PHE A 31 -10.07 1.46 -5.74
N GLU A 32 -10.30 1.44 -7.05
CA GLU A 32 -11.06 2.52 -7.69
C GLU A 32 -12.51 2.52 -7.24
N GLN A 33 -12.95 1.38 -6.74
CA GLN A 33 -14.30 1.20 -6.24
C GLN A 33 -14.49 1.97 -4.94
N TYR A 34 -13.39 2.20 -4.24
CA TYR A 34 -13.41 2.94 -2.97
C TYR A 34 -13.39 4.43 -3.23
N GLY A 35 -12.73 4.83 -4.32
CA GLY A 35 -12.65 6.22 -4.70
C GLY A 35 -11.72 6.43 -5.86
N LYS A 36 -11.60 7.66 -6.33
CA LYS A 36 -10.73 7.94 -7.47
C LYS A 36 -9.27 7.74 -7.08
N ILE A 37 -8.55 7.06 -7.94
CA ILE A 37 -7.15 6.79 -7.70
C ILE A 37 -6.28 7.75 -8.49
N GLU A 38 -5.19 8.17 -7.88
CA GLU A 38 -4.21 9.00 -8.57
C GLU A 38 -3.34 8.15 -9.48
N VAL A 39 -2.47 7.34 -8.88
CA VAL A 39 -1.57 6.47 -9.63
C VAL A 39 -1.30 5.20 -8.86
N ILE A 40 -0.91 4.15 -9.59
CA ILE A 40 -0.49 2.92 -8.96
C ILE A 40 1.00 2.75 -9.16
N GLU A 41 1.75 2.90 -8.09
CA GLU A 41 3.19 2.87 -8.18
C GLU A 41 3.71 1.46 -7.89
N ILE A 42 3.94 0.71 -8.96
CA ILE A 42 4.49 -0.63 -8.84
C ILE A 42 5.97 -0.52 -8.51
N MET A 43 6.32 -0.66 -7.24
CA MET A 43 7.69 -0.45 -6.82
C MET A 43 8.60 -1.53 -7.40
N THR A 44 9.42 -1.13 -8.35
CA THR A 44 10.29 -2.07 -9.03
C THR A 44 11.60 -2.26 -8.28
N ASP A 45 12.32 -3.29 -8.69
CA ASP A 45 13.62 -3.60 -8.10
C ASP A 45 14.69 -2.66 -8.65
N ARG A 46 15.72 -2.44 -7.85
CA ARG A 46 16.80 -1.55 -8.21
C ARG A 46 17.92 -2.32 -8.91
N GLY A 47 17.72 -3.62 -9.06
CA GLY A 47 18.69 -4.43 -9.77
C GLY A 47 18.18 -4.90 -11.12
N SER A 48 17.10 -5.68 -11.11
CA SER A 48 16.52 -6.17 -12.35
C SER A 48 15.52 -5.18 -12.93
N GLY A 49 15.05 -4.25 -12.09
CA GLY A 49 14.00 -3.35 -12.52
C GLY A 49 12.70 -4.08 -12.67
N LYS A 50 12.53 -5.09 -11.83
CA LYS A 50 11.42 -6.02 -11.93
C LYS A 50 10.39 -5.72 -10.85
N LYS A 51 9.25 -6.36 -10.92
CA LYS A 51 8.26 -6.24 -9.86
C LYS A 51 8.78 -6.93 -8.61
N ARG A 52 9.30 -6.11 -7.70
CA ARG A 52 9.99 -6.60 -6.51
C ARG A 52 9.10 -7.49 -5.65
N GLY A 53 7.88 -7.05 -5.44
CA GLY A 53 6.96 -7.78 -4.61
C GLY A 53 5.76 -6.92 -4.26
N PHE A 54 5.95 -6.04 -3.30
CA PHE A 54 4.89 -5.14 -2.85
C PHE A 54 4.70 -4.00 -3.85
N ALA A 55 3.58 -3.32 -3.74
CA ALA A 55 3.30 -2.18 -4.59
C ALA A 55 2.59 -1.09 -3.80
N PHE A 56 2.37 0.05 -4.42
CA PHE A 56 1.77 1.18 -3.75
C PHE A 56 0.64 1.76 -4.59
N VAL A 57 -0.32 2.37 -3.93
CA VAL A 57 -1.48 2.94 -4.60
C VAL A 57 -1.75 4.31 -4.03
N THR A 58 -1.60 5.33 -4.87
CA THR A 58 -1.79 6.70 -4.43
C THR A 58 -3.19 7.18 -4.81
N PHE A 59 -3.88 7.79 -3.86
CA PHE A 59 -5.23 8.26 -4.07
C PHE A 59 -5.27 9.78 -4.04
N ASP A 60 -6.27 10.35 -4.69
CA ASP A 60 -6.43 11.80 -4.74
C ASP A 60 -6.99 12.32 -3.41
N ASP A 61 -7.67 11.43 -2.71
CA ASP A 61 -8.31 11.79 -1.44
C ASP A 61 -7.95 10.75 -0.38
N HIS A 62 -7.67 11.20 0.83
CA HIS A 62 -7.36 10.28 1.92
C HIS A 62 -8.62 9.61 2.44
N ASP A 63 -9.78 10.09 1.99
CA ASP A 63 -11.05 9.48 2.33
C ASP A 63 -11.15 8.09 1.72
N SER A 64 -10.84 8.01 0.43
CA SER A 64 -10.80 6.73 -0.28
C SER A 64 -9.81 5.79 0.38
N VAL A 65 -8.71 6.35 0.83
CA VAL A 65 -7.64 5.59 1.46
C VAL A 65 -8.12 4.97 2.77
N ASP A 66 -8.95 5.71 3.50
CA ASP A 66 -9.41 5.27 4.82
C ASP A 66 -10.09 3.91 4.76
N LYS A 67 -10.99 3.74 3.79
CA LYS A 67 -11.76 2.49 3.65
C LYS A 67 -10.83 1.32 3.41
N ILE A 68 -9.61 1.61 2.99
CA ILE A 68 -8.66 0.59 2.62
C ILE A 68 -7.65 0.34 3.73
N VAL A 69 -7.11 1.41 4.30
CA VAL A 69 -6.06 1.31 5.30
C VAL A 69 -6.57 0.78 6.64
N ILE A 70 -7.90 0.72 6.78
CA ILE A 70 -8.50 0.18 8.00
C ILE A 70 -8.56 -1.34 7.97
N GLN A 71 -8.56 -1.89 6.77
CA GLN A 71 -8.63 -3.33 6.61
C GLN A 71 -7.27 -3.89 6.19
N LYS A 72 -6.94 -5.05 6.71
CA LYS A 72 -5.66 -5.70 6.41
C LYS A 72 -5.77 -6.61 5.19
N TYR A 73 -6.52 -7.68 5.32
CA TYR A 73 -6.66 -8.65 4.25
C TYR A 73 -7.67 -8.20 3.20
N HIS A 74 -7.17 -7.67 2.10
CA HIS A 74 -8.00 -7.32 0.95
C HIS A 74 -7.90 -8.39 -0.12
N THR A 75 -8.93 -8.53 -0.93
CA THR A 75 -8.90 -9.50 -2.02
C THR A 75 -8.73 -8.81 -3.36
N VAL A 76 -7.50 -8.73 -3.83
CA VAL A 76 -7.21 -8.11 -5.12
C VAL A 76 -6.91 -9.19 -6.14
N ASN A 77 -7.52 -9.06 -7.32
CA ASN A 77 -7.33 -10.01 -8.43
C ASN A 77 -7.99 -11.37 -8.14
N GLY A 78 -8.25 -11.62 -6.87
CA GLY A 78 -8.84 -12.89 -6.46
C GLY A 78 -8.04 -13.54 -5.35
N HIS A 79 -6.91 -12.95 -5.00
CA HIS A 79 -6.06 -13.49 -3.96
C HIS A 79 -6.04 -12.56 -2.76
N ASN A 80 -5.84 -13.15 -1.59
CA ASN A 80 -5.86 -12.40 -0.35
C ASN A 80 -4.51 -11.74 -0.10
N CYS A 81 -4.55 -10.43 0.09
CA CYS A 81 -3.33 -9.67 0.32
C CYS A 81 -3.38 -8.99 1.68
N GLU A 82 -2.41 -8.12 1.95
CA GLU A 82 -2.31 -7.46 3.24
C GLU A 82 -1.92 -6.00 3.02
N VAL A 83 -2.82 -5.10 3.41
CA VAL A 83 -2.67 -3.68 3.10
C VAL A 83 -2.51 -2.83 4.35
N ARG A 84 -1.63 -1.84 4.27
CA ARG A 84 -1.38 -0.91 5.37
C ARG A 84 -1.35 0.52 4.84
N LYS A 85 -1.11 1.46 5.74
CA LYS A 85 -0.80 2.83 5.32
C LYS A 85 0.63 2.86 4.80
N ALA A 86 0.82 3.39 3.61
CA ALA A 86 2.17 3.49 3.05
C ALA A 86 2.96 4.59 3.75
N LEU A 87 3.77 4.20 4.71
CA LEU A 87 4.58 5.14 5.45
C LEU A 87 6.04 5.02 5.04
N SER A 88 6.76 6.13 5.12
CA SER A 88 8.17 6.19 4.75
C SER A 88 8.96 5.06 5.41
N LYS A 89 9.88 4.47 4.66
CA LYS A 89 10.71 3.39 5.19
C LYS A 89 11.63 3.92 6.28
N GLN A 90 11.71 5.23 6.39
CA GLN A 90 12.43 5.86 7.49
C GLN A 90 11.61 5.76 8.77
N GLU A 91 10.36 6.22 8.68
CA GLU A 91 9.47 6.27 9.84
C GLU A 91 9.01 4.87 10.22
N MET A 92 8.85 4.00 9.24
CA MET A 92 8.35 2.66 9.49
C MET A 92 9.32 1.86 10.36
N ALA A 93 10.60 2.24 10.33
CA ALA A 93 11.61 1.60 11.14
C ALA A 93 11.39 1.93 12.61
N SER A 94 11.00 3.17 12.86
CA SER A 94 10.75 3.64 14.22
C SER A 94 9.40 3.14 14.73
N ALA A 95 8.44 3.02 13.80
CA ALA A 95 7.09 2.61 14.15
C ALA A 95 7.01 1.10 14.38
N SER A 96 7.67 0.35 13.52
CA SER A 96 7.63 -1.09 13.58
C SER A 96 8.74 -1.65 14.47
N SER A 97 9.98 -1.42 14.05
CA SER A 97 11.15 -1.91 14.78
C SER A 97 11.15 -3.43 14.86
N SER A 98 10.56 -4.07 13.86
CA SER A 98 10.50 -5.51 13.78
C SER A 98 11.19 -5.99 12.51
N GLN A 99 12.45 -6.39 12.64
CA GLN A 99 13.24 -6.81 11.51
C GLN A 99 13.05 -8.29 11.25
N ARG A 100 12.68 -8.62 10.01
CA ARG A 100 12.46 -10.00 9.59
C ARG A 100 13.74 -10.82 9.70
N GLY A 101 13.90 -11.50 10.83
CA GLY A 101 15.07 -12.33 11.05
C GLY A 101 14.86 -13.30 12.19
N ARG A 102 13.59 -13.53 12.50
CA ARG A 102 13.21 -14.39 13.60
C ARG A 102 11.82 -14.94 13.33
N SER A 1 -2.32 -0.83 19.64
CA SER A 1 -2.39 0.46 20.32
C SER A 1 -2.00 1.59 19.35
N GLN A 2 -0.82 1.47 18.77
CA GLN A 2 -0.34 2.47 17.81
C GLN A 2 -0.31 1.88 16.41
N ARG A 3 -0.61 2.71 15.43
CA ARG A 3 -0.62 2.29 14.03
C ARG A 3 -0.21 3.47 13.14
N PRO A 4 0.64 3.22 12.14
CA PRO A 4 1.22 4.27 11.30
C PRO A 4 0.23 4.83 10.29
N GLY A 5 0.35 6.11 9.99
CA GLY A 5 -0.45 6.75 8.96
C GLY A 5 -1.88 7.05 9.38
N ALA A 6 -2.40 6.30 10.34
CA ALA A 6 -3.80 6.42 10.74
C ALA A 6 -4.05 7.70 11.53
N HIS A 7 -3.01 8.21 12.17
CA HIS A 7 -3.12 9.46 12.92
C HIS A 7 -2.73 10.63 12.03
N LEU A 8 -2.65 10.36 10.74
CA LEU A 8 -2.26 11.36 9.75
C LEU A 8 -3.27 11.38 8.61
N THR A 9 -2.99 12.20 7.61
CA THR A 9 -3.77 12.16 6.39
C THR A 9 -2.99 11.44 5.30
N VAL A 10 -3.27 10.15 5.16
CA VAL A 10 -2.54 9.32 4.23
C VAL A 10 -3.34 9.16 2.93
N LYS A 11 -2.66 9.34 1.81
CA LYS A 11 -3.30 9.31 0.50
C LYS A 11 -2.70 8.21 -0.36
N LYS A 12 -2.09 7.23 0.27
CA LYS A 12 -1.52 6.11 -0.45
C LYS A 12 -1.47 4.88 0.45
N ILE A 13 -1.73 3.72 -0.11
CA ILE A 13 -1.73 2.49 0.68
C ILE A 13 -0.58 1.58 0.27
N PHE A 14 -0.20 0.70 1.17
CA PHE A 14 0.86 -0.27 0.93
C PHE A 14 0.27 -1.65 0.70
N VAL A 15 0.51 -2.23 -0.47
CA VAL A 15 0.01 -3.56 -0.77
C VAL A 15 1.11 -4.61 -0.61
N GLY A 16 0.98 -5.43 0.42
CA GLY A 16 1.97 -6.45 0.69
C GLY A 16 1.34 -7.82 0.87
N GLY A 17 1.59 -8.72 -0.07
CA GLY A 17 1.11 -10.08 0.07
C GLY A 17 0.49 -10.62 -1.20
N ILE A 18 0.71 -9.93 -2.32
CA ILE A 18 0.22 -10.40 -3.61
C ILE A 18 1.13 -11.48 -4.17
N LYS A 19 0.85 -12.73 -3.79
CA LYS A 19 1.71 -13.86 -4.13
C LYS A 19 1.81 -14.06 -5.65
N GLU A 20 0.75 -13.72 -6.36
CA GLU A 20 0.71 -13.87 -7.81
C GLU A 20 1.16 -12.59 -8.50
N ASP A 21 1.53 -12.70 -9.77
CA ASP A 21 1.91 -11.54 -10.56
C ASP A 21 0.77 -10.53 -10.60
N THR A 22 0.95 -9.43 -9.90
CA THR A 22 -0.09 -8.43 -9.77
C THR A 22 0.44 -7.06 -10.20
N GLU A 23 -0.31 -6.36 -11.04
CA GLU A 23 0.14 -5.09 -11.58
C GLU A 23 -0.81 -3.95 -11.22
N GLU A 24 -0.61 -2.81 -11.86
CA GLU A 24 -1.41 -1.62 -11.63
C GLU A 24 -2.90 -1.87 -11.89
N HIS A 25 -3.24 -2.45 -13.04
CA HIS A 25 -4.64 -2.64 -13.40
C HIS A 25 -5.36 -3.47 -12.34
N HIS A 26 -4.64 -4.40 -11.75
CA HIS A 26 -5.18 -5.25 -10.69
C HIS A 26 -5.55 -4.42 -9.47
N LEU A 27 -4.59 -3.64 -8.99
CA LEU A 27 -4.79 -2.80 -7.82
C LEU A 27 -5.80 -1.70 -8.10
N ARG A 28 -5.61 -0.99 -9.20
CA ARG A 28 -6.47 0.13 -9.56
C ARG A 28 -7.92 -0.31 -9.72
N ASP A 29 -8.15 -1.37 -10.48
CA ASP A 29 -9.51 -1.84 -10.73
C ASP A 29 -10.22 -2.20 -9.43
N TYR A 30 -9.44 -2.65 -8.47
CA TYR A 30 -9.98 -3.05 -7.18
C TYR A 30 -10.21 -1.84 -6.27
N PHE A 31 -9.22 -0.96 -6.20
CA PHE A 31 -9.26 0.16 -5.26
C PHE A 31 -10.05 1.35 -5.79
N GLU A 32 -10.28 1.39 -7.10
CA GLU A 32 -11.02 2.51 -7.70
C GLU A 32 -12.46 2.55 -7.21
N GLN A 33 -12.96 1.40 -6.77
CA GLN A 33 -14.30 1.29 -6.22
C GLN A 33 -14.41 2.05 -4.91
N TYR A 34 -13.28 2.22 -4.24
CA TYR A 34 -13.25 2.91 -2.96
C TYR A 34 -13.17 4.42 -3.17
N GLY A 35 -12.47 4.84 -4.22
CA GLY A 35 -12.36 6.25 -4.51
C GLY A 35 -11.42 6.55 -5.65
N LYS A 36 -11.12 7.83 -5.83
CA LYS A 36 -10.29 8.29 -6.92
C LYS A 36 -8.82 7.95 -6.69
N ILE A 37 -8.28 7.18 -7.62
CA ILE A 37 -6.88 6.83 -7.59
C ILE A 37 -6.07 7.78 -8.46
N GLU A 38 -4.95 8.24 -7.93
CA GLU A 38 -4.06 9.12 -8.66
C GLU A 38 -3.15 8.33 -9.59
N VAL A 39 -2.24 7.55 -8.98
CA VAL A 39 -1.30 6.74 -9.73
C VAL A 39 -1.00 5.44 -8.98
N ILE A 40 -0.65 4.40 -9.71
CA ILE A 40 -0.27 3.14 -9.10
C ILE A 40 1.23 2.96 -9.19
N GLU A 41 1.91 2.99 -8.06
CA GLU A 41 3.35 2.86 -8.04
C GLU A 41 3.74 1.41 -7.84
N ILE A 42 3.98 0.72 -8.94
CA ILE A 42 4.43 -0.65 -8.89
C ILE A 42 5.93 -0.66 -8.62
N MET A 43 6.32 -0.65 -7.36
CA MET A 43 7.72 -0.57 -7.00
C MET A 43 8.49 -1.77 -7.53
N THR A 44 9.37 -1.49 -8.48
CA THR A 44 10.18 -2.50 -9.11
C THR A 44 11.47 -2.72 -8.33
N ASP A 45 12.19 -3.77 -8.69
CA ASP A 45 13.50 -4.03 -8.10
C ASP A 45 14.41 -2.84 -8.35
N ARG A 46 14.98 -2.32 -7.29
CA ARG A 46 15.75 -1.09 -7.37
C ARG A 46 17.18 -1.36 -7.81
N GLY A 47 17.39 -2.55 -8.38
CA GLY A 47 18.68 -2.89 -8.96
C GLY A 47 18.53 -3.35 -10.39
N SER A 48 17.67 -4.34 -10.62
CA SER A 48 17.50 -4.92 -11.95
C SER A 48 16.30 -4.31 -12.69
N GLY A 49 15.45 -3.59 -11.97
CA GLY A 49 14.30 -2.95 -12.60
C GLY A 49 13.25 -3.94 -13.06
N LYS A 50 12.92 -4.88 -12.19
CA LYS A 50 11.93 -5.91 -12.50
C LYS A 50 10.82 -5.84 -11.47
N LYS A 51 9.64 -6.38 -11.80
CA LYS A 51 8.51 -6.36 -10.86
C LYS A 51 8.90 -7.01 -9.54
N ARG A 52 9.07 -6.17 -8.52
CA ARG A 52 9.66 -6.59 -7.26
C ARG A 52 8.72 -7.48 -6.46
N GLY A 53 7.61 -6.91 -5.99
CA GLY A 53 6.70 -7.67 -5.17
C GLY A 53 5.60 -6.79 -4.59
N PHE A 54 5.99 -5.87 -3.73
CA PHE A 54 5.03 -4.97 -3.10
C PHE A 54 4.78 -3.76 -4.00
N ALA A 55 3.62 -3.15 -3.85
CA ALA A 55 3.25 -2.00 -4.67
C ALA A 55 2.49 -0.97 -3.82
N PHE A 56 2.39 0.24 -4.33
CA PHE A 56 1.74 1.31 -3.61
C PHE A 56 0.63 1.91 -4.47
N VAL A 57 -0.53 2.14 -3.87
CA VAL A 57 -1.65 2.74 -4.58
C VAL A 57 -1.87 4.17 -4.10
N THR A 58 -1.55 5.12 -4.95
CA THR A 58 -1.70 6.53 -4.61
C THR A 58 -3.11 7.02 -4.93
N PHE A 59 -3.77 7.57 -3.94
CA PHE A 59 -5.11 8.11 -4.11
C PHE A 59 -5.07 9.62 -4.05
N ASP A 60 -6.04 10.26 -4.68
CA ASP A 60 -6.16 11.71 -4.62
C ASP A 60 -6.76 12.14 -3.29
N ASP A 61 -7.47 11.22 -2.66
CA ASP A 61 -8.26 11.50 -1.48
C ASP A 61 -7.85 10.62 -0.31
N HIS A 62 -7.70 11.22 0.86
CA HIS A 62 -7.28 10.49 2.04
C HIS A 62 -8.45 9.80 2.74
N ASP A 63 -9.65 9.94 2.21
CA ASP A 63 -10.80 9.24 2.76
C ASP A 63 -11.05 7.98 1.96
N SER A 64 -10.69 8.05 0.67
CA SER A 64 -10.67 6.87 -0.18
C SER A 64 -9.73 5.82 0.40
N VAL A 65 -8.68 6.30 1.05
CA VAL A 65 -7.70 5.44 1.70
C VAL A 65 -8.28 4.84 2.97
N ASP A 66 -9.18 5.57 3.61
CA ASP A 66 -9.73 5.18 4.90
C ASP A 66 -10.46 3.84 4.81
N LYS A 67 -11.31 3.67 3.81
CA LYS A 67 -12.10 2.44 3.65
C LYS A 67 -11.18 1.24 3.46
N ILE A 68 -9.94 1.52 3.09
CA ILE A 68 -8.97 0.48 2.79
C ILE A 68 -8.10 0.18 4.01
N VAL A 69 -7.52 1.22 4.59
CA VAL A 69 -6.54 1.06 5.66
C VAL A 69 -7.19 0.68 6.99
N ILE A 70 -8.52 0.76 7.07
CA ILE A 70 -9.23 0.36 8.28
C ILE A 70 -9.15 -1.15 8.48
N GLN A 71 -9.13 -1.90 7.38
CA GLN A 71 -8.97 -3.33 7.45
C GLN A 71 -7.57 -3.71 6.97
N LYS A 72 -7.31 -5.00 6.87
CA LYS A 72 -5.98 -5.47 6.54
C LYS A 72 -5.99 -6.36 5.30
N TYR A 73 -6.79 -7.41 5.34
CA TYR A 73 -6.88 -8.35 4.25
C TYR A 73 -7.77 -7.82 3.11
N HIS A 74 -7.14 -7.56 1.98
CA HIS A 74 -7.84 -7.10 0.78
C HIS A 74 -7.69 -8.11 -0.34
N THR A 75 -8.75 -8.26 -1.13
CA THR A 75 -8.74 -9.21 -2.22
C THR A 75 -8.36 -8.54 -3.54
N VAL A 76 -7.12 -8.71 -3.95
CA VAL A 76 -6.64 -8.17 -5.21
C VAL A 76 -6.19 -9.30 -6.11
N ASN A 77 -6.71 -9.33 -7.34
CA ASN A 77 -6.39 -10.38 -8.31
C ASN A 77 -6.88 -11.73 -7.80
N GLY A 78 -7.84 -11.69 -6.89
CA GLY A 78 -8.39 -12.91 -6.32
C GLY A 78 -7.58 -13.44 -5.16
N HIS A 79 -6.48 -12.75 -4.84
CA HIS A 79 -5.61 -13.17 -3.75
C HIS A 79 -5.83 -12.30 -2.53
N ASN A 80 -5.71 -12.90 -1.36
CA ASN A 80 -5.88 -12.19 -0.11
C ASN A 80 -4.54 -11.59 0.34
N CYS A 81 -4.42 -10.29 0.21
CA CYS A 81 -3.19 -9.60 0.54
C CYS A 81 -3.40 -8.63 1.70
N GLU A 82 -2.30 -8.25 2.35
CA GLU A 82 -2.36 -7.32 3.46
C GLU A 82 -2.06 -5.91 2.96
N VAL A 83 -2.89 -4.96 3.34
CA VAL A 83 -2.66 -3.58 2.96
C VAL A 83 -2.48 -2.71 4.20
N ARG A 84 -1.59 -1.74 4.11
CA ARG A 84 -1.33 -0.84 5.22
C ARG A 84 -1.38 0.60 4.75
N LYS A 85 -1.21 1.52 5.67
CA LYS A 85 -1.04 2.92 5.33
C LYS A 85 0.36 3.11 4.81
N ALA A 86 0.50 3.57 3.57
CA ALA A 86 1.81 3.71 2.97
C ALA A 86 2.57 4.90 3.53
N LEU A 87 3.37 4.63 4.55
CA LEU A 87 4.23 5.65 5.13
C LEU A 87 5.63 5.56 4.52
N SER A 88 6.27 6.70 4.34
CA SER A 88 7.61 6.75 3.76
C SER A 88 8.56 5.79 4.46
N LYS A 89 9.46 5.20 3.69
CA LYS A 89 10.50 4.33 4.22
C LYS A 89 11.39 5.10 5.19
N GLN A 90 11.41 6.41 5.02
CA GLN A 90 12.15 7.28 5.92
C GLN A 90 11.42 7.41 7.26
N GLU A 91 10.10 7.55 7.18
CA GLU A 91 9.29 7.75 8.36
C GLU A 91 9.03 6.43 9.09
N MET A 92 8.95 5.35 8.34
CA MET A 92 8.66 4.04 8.90
C MET A 92 9.80 3.58 9.81
N ALA A 93 11.00 4.09 9.55
CA ALA A 93 12.16 3.73 10.35
C ALA A 93 12.11 4.46 11.69
N SER A 94 11.72 5.72 11.65
CA SER A 94 11.60 6.53 12.86
C SER A 94 10.43 6.05 13.69
N ALA A 95 9.39 5.57 13.02
CA ALA A 95 8.20 5.06 13.70
C ALA A 95 8.51 3.76 14.43
N SER A 96 9.44 3.01 13.88
CA SER A 96 9.77 1.69 14.40
C SER A 96 10.97 1.75 15.34
N SER A 97 11.07 2.83 16.09
CA SER A 97 12.17 3.01 17.03
C SER A 97 11.80 2.44 18.40
N SER A 98 10.62 1.83 18.49
CA SER A 98 10.14 1.26 19.74
C SER A 98 10.40 -0.25 19.77
N GLN A 99 11.44 -0.64 20.50
CA GLN A 99 11.73 -2.05 20.69
C GLN A 99 11.47 -2.44 22.14
N ARG A 100 10.56 -3.37 22.34
CA ARG A 100 10.20 -3.81 23.68
C ARG A 100 11.05 -5.01 24.08
N GLY A 101 11.75 -4.87 25.19
CA GLY A 101 12.59 -5.95 25.68
C GLY A 101 13.85 -6.11 24.84
N ARG A 102 14.08 -7.31 24.36
CA ARG A 102 15.25 -7.60 23.55
C ARG A 102 14.85 -8.26 22.24
N SER A 1 -4.57 -3.05 11.22
CA SER A 1 -3.51 -2.83 10.22
C SER A 1 -2.44 -1.88 10.76
N GLN A 2 -1.25 -1.96 10.20
CA GLN A 2 -0.14 -1.11 10.61
C GLN A 2 -0.49 0.36 10.44
N ARG A 3 -0.47 1.09 11.54
CA ARG A 3 -0.73 2.52 11.52
C ARG A 3 0.02 3.23 12.64
N PRO A 4 1.33 3.47 12.44
CA PRO A 4 2.16 4.20 13.41
C PRO A 4 1.70 5.65 13.51
N GLY A 5 1.66 6.30 12.36
CA GLY A 5 1.11 7.64 12.30
C GLY A 5 -0.32 7.61 11.78
N ALA A 6 -1.25 7.24 12.66
CA ALA A 6 -2.65 7.13 12.28
C ALA A 6 -3.31 8.49 12.28
N HIS A 7 -2.76 9.40 13.07
CA HIS A 7 -3.22 10.78 13.10
C HIS A 7 -2.84 11.49 11.79
N LEU A 8 -1.83 10.93 11.13
CA LEU A 8 -1.39 11.44 9.84
C LEU A 8 -2.27 10.89 8.73
N THR A 9 -3.12 11.74 8.19
CA THR A 9 -4.02 11.33 7.12
C THR A 9 -3.21 10.92 5.89
N VAL A 10 -3.54 9.77 5.35
CA VAL A 10 -2.71 9.14 4.33
C VAL A 10 -3.43 9.07 2.99
N LYS A 11 -2.66 9.18 1.91
CA LYS A 11 -3.22 9.16 0.57
C LYS A 11 -2.60 8.05 -0.29
N LYS A 12 -1.66 7.32 0.27
CA LYS A 12 -1.08 6.19 -0.43
C LYS A 12 -1.09 4.95 0.47
N ILE A 13 -1.44 3.81 -0.09
CA ILE A 13 -1.50 2.58 0.66
C ILE A 13 -0.37 1.64 0.29
N PHE A 14 -0.15 0.65 1.14
CA PHE A 14 0.86 -0.37 0.91
C PHE A 14 0.18 -1.71 0.68
N VAL A 15 0.40 -2.29 -0.48
CA VAL A 15 -0.21 -3.57 -0.82
C VAL A 15 0.82 -4.70 -0.75
N GLY A 16 0.60 -5.61 0.17
CA GLY A 16 1.46 -6.76 0.30
C GLY A 16 0.69 -8.07 0.28
N GLY A 17 1.38 -9.18 0.21
CA GLY A 17 0.72 -10.48 0.17
C GLY A 17 -0.06 -10.68 -1.12
N ILE A 18 0.51 -10.18 -2.22
CA ILE A 18 -0.15 -10.26 -3.52
C ILE A 18 0.32 -11.47 -4.30
N LYS A 19 0.01 -11.53 -5.58
CA LYS A 19 0.41 -12.65 -6.41
C LYS A 19 1.49 -12.21 -7.39
N GLU A 20 2.19 -13.18 -7.96
CA GLU A 20 3.31 -12.94 -8.86
C GLU A 20 2.95 -11.99 -10.01
N ASP A 21 1.71 -12.06 -10.46
CA ASP A 21 1.26 -11.31 -11.63
C ASP A 21 0.62 -9.98 -11.25
N THR A 22 0.49 -9.72 -9.96
CA THR A 22 -0.26 -8.54 -9.51
C THR A 22 0.48 -7.24 -9.85
N GLU A 23 -0.13 -6.44 -10.71
CA GLU A 23 0.47 -5.20 -11.17
C GLU A 23 -0.44 -4.00 -10.87
N GLU A 24 -0.19 -2.90 -11.57
CA GLU A 24 -0.96 -1.67 -11.43
C GLU A 24 -2.44 -1.89 -11.69
N HIS A 25 -2.77 -2.49 -12.83
CA HIS A 25 -4.17 -2.62 -13.24
C HIS A 25 -4.94 -3.47 -12.24
N HIS A 26 -4.27 -4.46 -11.66
CA HIS A 26 -4.87 -5.31 -10.63
C HIS A 26 -5.29 -4.46 -9.43
N LEU A 27 -4.32 -3.75 -8.87
CA LEU A 27 -4.56 -2.89 -7.72
C LEU A 27 -5.62 -1.84 -8.01
N ARG A 28 -5.40 -1.07 -9.08
CA ARG A 28 -6.29 0.02 -9.44
C ARG A 28 -7.73 -0.47 -9.62
N ASP A 29 -7.89 -1.57 -10.34
CA ASP A 29 -9.22 -2.14 -10.62
C ASP A 29 -9.99 -2.39 -9.33
N TYR A 30 -9.29 -2.79 -8.28
CA TYR A 30 -9.92 -3.10 -7.02
C TYR A 30 -10.13 -1.83 -6.18
N PHE A 31 -9.12 -0.99 -6.12
CA PHE A 31 -9.16 0.17 -5.23
C PHE A 31 -9.94 1.34 -5.82
N GLU A 32 -10.18 1.31 -7.14
CA GLU A 32 -10.94 2.37 -7.79
C GLU A 32 -12.38 2.40 -7.30
N GLN A 33 -12.84 1.25 -6.80
CA GLN A 33 -14.19 1.13 -6.26
C GLN A 33 -14.33 1.96 -5.00
N TYR A 34 -13.21 2.13 -4.30
CA TYR A 34 -13.19 2.85 -3.04
C TYR A 34 -13.16 4.35 -3.27
N GLY A 35 -12.49 4.78 -4.33
CA GLY A 35 -12.44 6.20 -4.63
C GLY A 35 -11.47 6.53 -5.74
N LYS A 36 -11.13 7.82 -5.85
CA LYS A 36 -10.29 8.32 -6.90
C LYS A 36 -8.82 7.98 -6.67
N ILE A 37 -8.26 7.22 -7.60
CA ILE A 37 -6.86 6.86 -7.55
C ILE A 37 -6.04 7.81 -8.39
N GLU A 38 -4.87 8.17 -7.89
CA GLU A 38 -3.95 9.01 -8.62
C GLU A 38 -3.10 8.16 -9.55
N VAL A 39 -2.12 7.47 -8.99
CA VAL A 39 -1.24 6.59 -9.74
C VAL A 39 -0.97 5.31 -8.96
N ILE A 40 -0.57 4.27 -9.66
CA ILE A 40 -0.20 3.02 -9.02
C ILE A 40 1.29 2.85 -9.09
N GLU A 41 1.95 2.92 -7.95
CA GLU A 41 3.39 2.85 -7.90
C GLU A 41 3.85 1.44 -7.58
N ILE A 42 4.11 0.67 -8.62
CA ILE A 42 4.62 -0.67 -8.47
C ILE A 42 6.08 -0.59 -8.06
N MET A 43 6.46 -1.27 -7.00
CA MET A 43 7.85 -1.22 -6.55
C MET A 43 8.72 -1.98 -7.52
N THR A 44 9.34 -1.25 -8.43
CA THR A 44 10.19 -1.84 -9.44
C THR A 44 11.62 -1.41 -9.25
N ASP A 45 12.55 -2.23 -9.73
CA ASP A 45 13.97 -1.92 -9.66
C ASP A 45 14.27 -0.60 -10.35
N ARG A 46 15.19 0.15 -9.77
CA ARG A 46 15.50 1.49 -10.27
C ARG A 46 16.30 1.42 -11.57
N GLY A 47 16.86 0.25 -11.88
CA GLY A 47 17.67 0.10 -13.07
C GLY A 47 16.93 -0.59 -14.20
N SER A 48 16.43 -1.79 -13.94
CA SER A 48 15.80 -2.58 -14.97
C SER A 48 14.27 -2.52 -14.88
N GLY A 49 13.77 -1.92 -13.81
CA GLY A 49 12.33 -1.80 -13.65
C GLY A 49 11.66 -3.14 -13.44
N LYS A 50 12.27 -3.96 -12.61
CA LYS A 50 11.77 -5.31 -12.36
C LYS A 50 10.85 -5.29 -11.14
N LYS A 51 9.79 -6.07 -11.20
CA LYS A 51 8.83 -6.12 -10.11
C LYS A 51 9.46 -6.72 -8.85
N ARG A 52 9.66 -5.87 -7.86
CA ARG A 52 10.23 -6.30 -6.59
C ARG A 52 9.23 -7.17 -5.83
N GLY A 53 7.96 -6.88 -6.04
CA GLY A 53 6.90 -7.66 -5.41
C GLY A 53 5.77 -6.78 -4.94
N PHE A 54 5.95 -6.13 -3.80
CA PHE A 54 4.93 -5.27 -3.22
C PHE A 54 4.74 -4.02 -4.06
N ALA A 55 3.64 -3.31 -3.83
CA ALA A 55 3.34 -2.13 -4.60
C ALA A 55 2.56 -1.12 -3.76
N PHE A 56 2.49 0.10 -4.26
CA PHE A 56 1.81 1.18 -3.55
C PHE A 56 0.74 1.78 -4.43
N VAL A 57 -0.37 2.16 -3.83
CA VAL A 57 -1.46 2.78 -4.57
C VAL A 57 -1.70 4.20 -4.06
N THR A 58 -1.41 5.18 -4.90
CA THR A 58 -1.59 6.57 -4.54
C THR A 58 -2.99 7.03 -4.92
N PHE A 59 -3.72 7.56 -3.95
CA PHE A 59 -5.05 8.07 -4.18
C PHE A 59 -5.03 9.59 -4.10
N ASP A 60 -5.95 10.26 -4.79
CA ASP A 60 -6.05 11.70 -4.70
C ASP A 60 -6.83 12.06 -3.45
N ASP A 61 -7.57 11.08 -2.96
CA ASP A 61 -8.47 11.26 -1.84
C ASP A 61 -8.02 10.41 -0.66
N HIS A 62 -7.85 11.06 0.49
CA HIS A 62 -7.39 10.36 1.68
C HIS A 62 -8.53 9.60 2.34
N ASP A 63 -9.76 9.80 1.87
CA ASP A 63 -10.92 9.16 2.48
C ASP A 63 -11.14 7.81 1.83
N SER A 64 -10.89 7.76 0.54
CA SER A 64 -10.81 6.49 -0.18
C SER A 64 -9.80 5.58 0.49
N VAL A 65 -8.69 6.16 0.93
CA VAL A 65 -7.64 5.43 1.61
C VAL A 65 -8.13 4.96 2.98
N ASP A 66 -8.97 5.77 3.61
CA ASP A 66 -9.50 5.46 4.93
C ASP A 66 -10.36 4.20 4.90
N LYS A 67 -10.98 3.94 3.75
CA LYS A 67 -11.78 2.73 3.57
C LYS A 67 -10.88 1.51 3.54
N ILE A 68 -9.64 1.74 3.16
CA ILE A 68 -8.72 0.67 2.85
C ILE A 68 -7.77 0.37 4.01
N VAL A 69 -7.17 1.41 4.57
CA VAL A 69 -6.14 1.26 5.60
C VAL A 69 -6.73 0.82 6.96
N ILE A 70 -8.04 0.80 7.07
CA ILE A 70 -8.68 0.38 8.31
C ILE A 70 -8.69 -1.13 8.45
N GLN A 71 -8.81 -1.83 7.33
CA GLN A 71 -8.77 -3.28 7.34
C GLN A 71 -7.46 -3.75 6.71
N LYS A 72 -7.18 -5.04 6.80
CA LYS A 72 -5.91 -5.57 6.34
C LYS A 72 -6.10 -6.45 5.10
N TYR A 73 -6.89 -7.49 5.25
CA TYR A 73 -7.09 -8.46 4.18
C TYR A 73 -8.06 -7.94 3.12
N HIS A 74 -7.48 -7.44 2.04
CA HIS A 74 -8.26 -7.01 0.88
C HIS A 74 -8.27 -8.11 -0.18
N THR A 75 -9.23 -8.07 -1.07
CA THR A 75 -9.36 -9.08 -2.09
C THR A 75 -8.89 -8.55 -3.45
N VAL A 76 -7.60 -8.60 -3.69
CA VAL A 76 -7.05 -8.11 -4.95
C VAL A 76 -6.61 -9.28 -5.80
N ASN A 77 -7.01 -9.25 -7.08
CA ASN A 77 -6.64 -10.31 -8.04
C ASN A 77 -7.30 -11.63 -7.65
N GLY A 78 -8.26 -11.55 -6.75
CA GLY A 78 -8.92 -12.74 -6.25
C GLY A 78 -8.12 -13.43 -5.16
N HIS A 79 -7.17 -12.71 -4.59
CA HIS A 79 -6.32 -13.24 -3.53
C HIS A 79 -6.53 -12.47 -2.24
N ASN A 80 -6.15 -13.10 -1.13
CA ASN A 80 -6.19 -12.45 0.17
C ASN A 80 -4.88 -11.70 0.41
N CYS A 81 -4.95 -10.38 0.31
CA CYS A 81 -3.76 -9.55 0.41
C CYS A 81 -3.80 -8.68 1.66
N GLU A 82 -2.64 -8.24 2.10
CA GLU A 82 -2.54 -7.37 3.27
C GLU A 82 -2.29 -5.94 2.84
N VAL A 83 -3.14 -5.04 3.30
CA VAL A 83 -2.99 -3.63 3.01
C VAL A 83 -2.89 -2.81 4.29
N ARG A 84 -1.93 -1.91 4.32
CA ARG A 84 -1.74 -0.99 5.42
C ARG A 84 -1.40 0.39 4.88
N LYS A 85 -1.48 1.42 5.72
CA LYS A 85 -1.22 2.78 5.25
C LYS A 85 0.26 2.97 4.96
N ALA A 86 0.57 3.41 3.75
CA ALA A 86 1.94 3.57 3.33
C ALA A 86 2.61 4.75 4.02
N LEU A 87 3.76 4.49 4.59
CA LEU A 87 4.58 5.53 5.21
C LEU A 87 5.96 5.51 4.59
N SER A 88 6.55 6.69 4.42
CA SER A 88 7.86 6.81 3.79
C SER A 88 8.87 5.85 4.40
N LYS A 89 9.68 5.22 3.55
CA LYS A 89 10.71 4.30 4.04
C LYS A 89 11.70 5.04 4.92
N GLN A 90 11.81 6.35 4.69
CA GLN A 90 12.59 7.24 5.54
C GLN A 90 12.06 7.21 6.97
N GLU A 91 10.74 7.20 7.10
CA GLU A 91 10.09 7.34 8.39
C GLU A 91 9.80 5.98 9.01
N MET A 92 9.46 5.00 8.19
CA MET A 92 9.15 3.66 8.67
C MET A 92 10.41 3.00 9.24
N ALA A 93 11.56 3.48 8.81
CA ALA A 93 12.83 3.00 9.33
C ALA A 93 12.95 3.41 10.80
N SER A 94 12.50 4.61 11.10
CA SER A 94 12.51 5.12 12.47
C SER A 94 11.47 4.39 13.31
N ALA A 95 10.32 4.10 12.70
CA ALA A 95 9.26 3.37 13.38
C ALA A 95 9.70 1.93 13.69
N SER A 96 10.51 1.38 12.80
CA SER A 96 11.07 0.05 13.01
C SER A 96 12.20 0.11 14.04
N SER A 97 12.97 1.19 14.00
CA SER A 97 14.03 1.42 14.97
C SER A 97 13.44 1.75 16.33
N SER A 98 14.29 1.80 17.34
CA SER A 98 13.85 2.08 18.69
C SER A 98 14.03 3.56 19.02
N GLN A 99 13.01 4.35 18.71
CA GLN A 99 13.06 5.79 18.97
C GLN A 99 12.67 6.07 20.41
N ARG A 100 11.58 5.47 20.85
CA ARG A 100 11.10 5.67 22.21
C ARG A 100 11.77 4.68 23.16
N GLY A 101 11.89 3.45 22.71
CA GLY A 101 12.53 2.42 23.52
C GLY A 101 12.33 1.03 22.96
N ARG A 102 11.14 0.48 23.14
CA ARG A 102 10.83 -0.87 22.69
C ARG A 102 9.36 -1.18 22.94
N SER A 1 7.64 -1.53 12.04
CA SER A 1 6.55 -0.55 12.10
C SER A 1 5.23 -1.15 11.62
N GLN A 2 4.56 -1.87 12.51
CA GLN A 2 3.23 -2.39 12.23
C GLN A 2 2.19 -1.31 12.51
N ARG A 3 1.33 -1.07 11.54
CA ARG A 3 0.37 0.04 11.59
C ARG A 3 1.09 1.38 11.74
N PRO A 4 1.31 2.06 10.62
CA PRO A 4 2.01 3.36 10.59
C PRO A 4 1.26 4.47 11.32
N GLY A 5 1.72 5.70 11.14
CA GLY A 5 1.11 6.85 11.80
C GLY A 5 -0.36 6.99 11.47
N ALA A 6 -1.20 6.51 12.39
CA ALA A 6 -2.64 6.54 12.19
C ALA A 6 -3.18 7.94 12.42
N HIS A 7 -2.35 8.78 13.03
CA HIS A 7 -2.68 10.18 13.27
C HIS A 7 -2.39 11.02 12.03
N LEU A 8 -1.78 10.38 11.04
CA LEU A 8 -1.42 11.06 9.79
C LEU A 8 -2.42 10.73 8.70
N THR A 9 -2.91 11.76 8.03
CA THR A 9 -3.79 11.57 6.89
C THR A 9 -3.02 11.05 5.69
N VAL A 10 -3.18 9.76 5.42
CA VAL A 10 -2.43 9.11 4.36
C VAL A 10 -3.19 9.20 3.03
N LYS A 11 -2.48 9.34 1.94
CA LYS A 11 -3.10 9.41 0.61
C LYS A 11 -2.57 8.31 -0.29
N LYS A 12 -1.95 7.33 0.32
CA LYS A 12 -1.40 6.20 -0.39
C LYS A 12 -1.37 4.97 0.52
N ILE A 13 -1.76 3.83 -0.01
CA ILE A 13 -1.81 2.61 0.79
C ILE A 13 -0.63 1.71 0.44
N PHE A 14 -0.36 0.76 1.33
CA PHE A 14 0.75 -0.15 1.16
C PHE A 14 0.25 -1.56 0.87
N VAL A 15 0.46 -2.02 -0.34
CA VAL A 15 0.10 -3.39 -0.71
C VAL A 15 1.34 -4.27 -0.62
N GLY A 16 1.53 -4.88 0.54
CA GLY A 16 2.73 -5.66 0.77
C GLY A 16 2.48 -7.15 0.76
N GLY A 17 1.36 -7.57 1.33
CA GLY A 17 1.08 -8.98 1.48
C GLY A 17 0.58 -9.63 0.21
N ILE A 18 1.38 -9.57 -0.84
CA ILE A 18 1.03 -10.23 -2.09
C ILE A 18 1.95 -11.41 -2.35
N LYS A 19 1.61 -12.21 -3.35
CA LYS A 19 2.42 -13.38 -3.68
C LYS A 19 2.56 -13.53 -5.19
N GLU A 20 1.44 -13.44 -5.90
CA GLU A 20 1.43 -13.65 -7.33
C GLU A 20 1.66 -12.34 -8.08
N ASP A 21 1.81 -12.43 -9.39
CA ASP A 21 2.09 -11.27 -10.22
C ASP A 21 0.90 -10.33 -10.22
N THR A 22 0.97 -9.32 -9.38
CA THR A 22 -0.11 -8.36 -9.23
C THR A 22 0.40 -6.98 -9.60
N GLU A 23 -0.22 -6.36 -10.61
CA GLU A 23 0.29 -5.11 -11.14
C GLU A 23 -0.66 -3.94 -10.86
N GLU A 24 -0.36 -2.81 -11.50
CA GLU A 24 -1.13 -1.58 -11.36
C GLU A 24 -2.59 -1.78 -11.73
N HIS A 25 -2.85 -2.39 -12.88
CA HIS A 25 -4.22 -2.57 -13.34
C HIS A 25 -5.01 -3.41 -12.34
N HIS A 26 -4.35 -4.37 -11.71
CA HIS A 26 -4.99 -5.22 -10.71
C HIS A 26 -5.41 -4.38 -9.50
N LEU A 27 -4.43 -3.71 -8.92
CA LEU A 27 -4.65 -2.91 -7.71
C LEU A 27 -5.68 -1.81 -7.97
N ARG A 28 -5.45 -1.03 -9.01
CA ARG A 28 -6.31 0.08 -9.34
C ARG A 28 -7.74 -0.38 -9.60
N ASP A 29 -7.89 -1.46 -10.35
CA ASP A 29 -9.21 -1.95 -10.73
C ASP A 29 -10.03 -2.36 -9.51
N TYR A 30 -9.33 -2.67 -8.43
CA TYR A 30 -9.99 -3.00 -7.18
C TYR A 30 -10.23 -1.75 -6.33
N PHE A 31 -9.17 -0.98 -6.12
CA PHE A 31 -9.24 0.15 -5.18
C PHE A 31 -10.03 1.33 -5.75
N GLU A 32 -10.26 1.31 -7.06
CA GLU A 32 -11.02 2.38 -7.72
C GLU A 32 -12.46 2.47 -7.19
N GLN A 33 -12.95 1.39 -6.61
CA GLN A 33 -14.30 1.37 -6.04
C GLN A 33 -14.32 2.14 -4.72
N TYR A 34 -13.15 2.28 -4.08
CA TYR A 34 -13.06 3.00 -2.82
C TYR A 34 -12.90 4.49 -3.07
N GLY A 35 -12.42 4.84 -4.26
CA GLY A 35 -12.34 6.23 -4.62
C GLY A 35 -11.43 6.50 -5.80
N LYS A 36 -11.13 7.78 -6.00
CA LYS A 36 -10.30 8.22 -7.09
C LYS A 36 -8.83 7.92 -6.83
N ILE A 37 -8.27 7.08 -7.68
CA ILE A 37 -6.87 6.71 -7.58
C ILE A 37 -6.02 7.60 -8.46
N GLU A 38 -4.93 8.08 -7.90
CA GLU A 38 -4.01 8.92 -8.64
C GLU A 38 -3.06 8.08 -9.48
N VAL A 39 -2.09 7.45 -8.83
CA VAL A 39 -1.09 6.64 -9.52
C VAL A 39 -0.88 5.34 -8.78
N ILE A 40 -0.44 4.32 -9.49
CA ILE A 40 -0.06 3.08 -8.86
C ILE A 40 1.44 2.87 -8.98
N GLU A 41 2.11 2.71 -7.85
CA GLU A 41 3.55 2.51 -7.87
C GLU A 41 3.89 1.06 -7.58
N ILE A 42 4.11 0.30 -8.64
CA ILE A 42 4.59 -1.06 -8.50
C ILE A 42 6.08 -1.01 -8.27
N MET A 43 6.54 -1.54 -7.14
CA MET A 43 7.97 -1.51 -6.86
C MET A 43 8.68 -2.53 -7.72
N THR A 44 9.17 -2.05 -8.85
CA THR A 44 9.89 -2.87 -9.78
C THR A 44 11.38 -2.66 -9.60
N ASP A 45 12.17 -3.44 -10.30
CA ASP A 45 13.61 -3.24 -10.33
C ASP A 45 13.92 -1.86 -10.87
N ARG A 46 14.87 -1.17 -10.25
CA ARG A 46 15.15 0.23 -10.58
C ARG A 46 15.83 0.35 -11.94
N GLY A 47 16.10 -0.78 -12.57
CA GLY A 47 16.70 -0.78 -13.89
C GLY A 47 15.94 -1.63 -14.89
N SER A 48 15.62 -2.87 -14.52
CA SER A 48 14.97 -3.81 -15.42
C SER A 48 13.47 -3.60 -15.47
N GLY A 49 12.93 -2.95 -14.45
CA GLY A 49 11.50 -2.69 -14.39
C GLY A 49 10.70 -3.96 -14.19
N LYS A 50 11.26 -4.91 -13.47
CA LYS A 50 10.58 -6.15 -13.14
C LYS A 50 10.14 -6.13 -11.69
N LYS A 51 8.94 -6.63 -11.41
CA LYS A 51 8.36 -6.53 -10.07
C LYS A 51 9.29 -7.05 -8.98
N ARG A 52 9.48 -6.25 -7.95
CA ARG A 52 10.27 -6.66 -6.80
C ARG A 52 9.36 -7.31 -5.77
N GLY A 53 8.12 -6.83 -5.72
CA GLY A 53 7.15 -7.38 -4.80
C GLY A 53 6.07 -6.39 -4.44
N PHE A 54 6.19 -5.81 -3.26
CA PHE A 54 5.20 -4.88 -2.72
C PHE A 54 4.95 -3.70 -3.65
N ALA A 55 3.78 -3.08 -3.51
CA ALA A 55 3.42 -1.94 -4.34
C ALA A 55 2.63 -0.91 -3.54
N PHE A 56 2.51 0.28 -4.10
CA PHE A 56 1.79 1.37 -3.44
C PHE A 56 0.68 1.88 -4.33
N VAL A 57 -0.44 2.22 -3.73
CA VAL A 57 -1.56 2.78 -4.46
C VAL A 57 -1.83 4.21 -3.99
N THR A 58 -1.51 5.17 -4.84
CA THR A 58 -1.70 6.58 -4.52
C THR A 58 -3.11 7.02 -4.85
N PHE A 59 -3.79 7.63 -3.90
CA PHE A 59 -5.14 8.11 -4.11
C PHE A 59 -5.18 9.63 -4.13
N ASP A 60 -6.17 10.18 -4.82
CA ASP A 60 -6.34 11.62 -4.89
C ASP A 60 -6.97 12.14 -3.59
N ASP A 61 -7.51 11.23 -2.81
CA ASP A 61 -8.24 11.60 -1.60
C ASP A 61 -7.85 10.69 -0.44
N HIS A 62 -7.71 11.27 0.75
CA HIS A 62 -7.38 10.50 1.94
C HIS A 62 -8.63 9.89 2.56
N ASP A 63 -9.78 10.15 1.96
CA ASP A 63 -11.02 9.50 2.38
C ASP A 63 -11.08 8.10 1.80
N SER A 64 -10.67 8.00 0.54
CA SER A 64 -10.68 6.74 -0.20
C SER A 64 -9.78 5.69 0.47
N VAL A 65 -8.68 6.16 1.07
CA VAL A 65 -7.71 5.26 1.68
C VAL A 65 -8.25 4.66 2.98
N ASP A 66 -9.14 5.39 3.64
CA ASP A 66 -9.62 4.99 4.95
C ASP A 66 -10.41 3.69 4.88
N LYS A 67 -11.26 3.59 3.85
CA LYS A 67 -12.07 2.39 3.63
C LYS A 67 -11.17 1.16 3.46
N ILE A 68 -9.93 1.41 3.08
CA ILE A 68 -8.97 0.35 2.82
C ILE A 68 -8.16 0.04 4.06
N VAL A 69 -7.62 1.08 4.69
CA VAL A 69 -6.71 0.91 5.83
C VAL A 69 -7.44 0.59 7.13
N ILE A 70 -8.78 0.64 7.13
CA ILE A 70 -9.54 0.22 8.30
C ILE A 70 -9.52 -1.30 8.45
N GLN A 71 -9.39 -1.98 7.32
CA GLN A 71 -9.20 -3.42 7.33
C GLN A 71 -7.76 -3.73 6.91
N LYS A 72 -7.45 -5.00 6.69
CA LYS A 72 -6.08 -5.37 6.41
C LYS A 72 -5.99 -6.26 5.16
N TYR A 73 -6.63 -7.41 5.21
CA TYR A 73 -6.58 -8.34 4.09
C TYR A 73 -7.60 -7.96 3.02
N HIS A 74 -7.10 -7.59 1.85
CA HIS A 74 -7.94 -7.19 0.75
C HIS A 74 -7.91 -8.23 -0.36
N THR A 75 -9.06 -8.47 -0.96
CA THR A 75 -9.15 -9.44 -2.04
C THR A 75 -8.89 -8.74 -3.38
N VAL A 76 -7.62 -8.67 -3.76
CA VAL A 76 -7.24 -8.07 -5.03
C VAL A 76 -6.84 -9.14 -6.01
N ASN A 77 -7.39 -9.07 -7.23
CA ASN A 77 -7.15 -10.08 -8.25
C ASN A 77 -7.70 -11.43 -7.78
N GLY A 78 -8.62 -11.38 -6.83
CA GLY A 78 -9.18 -12.59 -6.25
C GLY A 78 -8.28 -13.16 -5.17
N HIS A 79 -7.11 -12.57 -5.01
CA HIS A 79 -6.11 -13.07 -4.06
C HIS A 79 -6.21 -12.30 -2.75
N ASN A 80 -5.85 -12.94 -1.65
CA ASN A 80 -5.89 -12.31 -0.35
C ASN A 80 -4.58 -11.57 -0.09
N CYS A 81 -4.59 -10.26 -0.29
CA CYS A 81 -3.40 -9.45 -0.15
C CYS A 81 -3.50 -8.54 1.07
N GLU A 82 -2.48 -8.58 1.91
CA GLU A 82 -2.43 -7.74 3.10
C GLU A 82 -2.06 -6.31 2.72
N VAL A 83 -2.91 -5.36 3.09
CA VAL A 83 -2.68 -3.96 2.79
C VAL A 83 -2.58 -3.15 4.08
N ARG A 84 -1.83 -2.06 4.02
CA ARG A 84 -1.70 -1.14 5.14
C ARG A 84 -1.75 0.29 4.60
N LYS A 85 -1.52 1.27 5.45
CA LYS A 85 -1.34 2.63 4.98
C LYS A 85 0.14 2.89 4.73
N ALA A 86 0.46 3.47 3.59
CA ALA A 86 1.85 3.64 3.19
C ALA A 86 2.49 4.86 3.83
N LEU A 87 3.48 4.62 4.69
CA LEU A 87 4.26 5.70 5.27
C LEU A 87 5.61 5.78 4.57
N SER A 88 6.13 6.99 4.40
CA SER A 88 7.38 7.21 3.67
C SER A 88 8.50 6.34 4.23
N LYS A 89 9.25 5.68 3.34
CA LYS A 89 10.35 4.81 3.78
C LYS A 89 11.39 5.64 4.51
N GLN A 90 11.50 6.90 4.10
CA GLN A 90 12.41 7.84 4.74
C GLN A 90 12.06 8.00 6.21
N GLU A 91 10.76 8.07 6.49
CA GLU A 91 10.27 8.33 7.84
C GLU A 91 10.18 7.05 8.64
N MET A 92 9.75 5.97 8.00
CA MET A 92 9.60 4.69 8.69
C MET A 92 10.97 4.14 9.09
N ALA A 93 12.01 4.60 8.41
CA ALA A 93 13.37 4.22 8.76
C ALA A 93 13.79 4.91 10.04
N SER A 94 13.46 6.19 10.15
CA SER A 94 13.75 6.96 11.35
C SER A 94 12.88 6.48 12.51
N ALA A 95 11.68 6.02 12.19
CA ALA A 95 10.77 5.47 13.19
C ALA A 95 11.34 4.18 13.77
N SER A 96 11.81 3.32 12.87
CA SER A 96 12.39 2.05 13.26
C SER A 96 13.73 2.25 13.96
N SER A 97 14.64 2.97 13.32
CA SER A 97 15.93 3.26 13.90
C SER A 97 16.05 4.74 14.24
N SER A 98 15.63 5.10 15.44
CA SER A 98 15.63 6.47 15.88
C SER A 98 16.96 6.82 16.56
N GLN A 99 17.88 7.38 15.79
CA GLN A 99 19.16 7.78 16.31
C GLN A 99 19.05 9.17 16.96
N ARG A 100 19.67 9.33 18.11
CA ARG A 100 19.54 10.57 18.89
C ARG A 100 20.79 11.42 18.70
N GLY A 101 21.48 11.23 17.59
CA GLY A 101 22.73 11.91 17.36
C GLY A 101 23.89 11.05 17.80
N ARG A 102 24.08 10.95 19.11
CA ARG A 102 25.11 10.08 19.66
C ARG A 102 24.47 8.81 20.20
N SER A 1 -2.84 -1.73 17.29
CA SER A 1 -1.70 -2.12 16.44
C SER A 1 -1.92 -1.64 15.01
N GLN A 2 -0.90 -1.83 14.17
CA GLN A 2 -0.96 -1.49 12.75
C GLN A 2 -1.10 0.02 12.54
N ARG A 3 -0.74 0.80 13.55
CA ARG A 3 -0.83 2.25 13.49
C ARG A 3 0.44 2.89 14.06
N PRO A 4 1.52 2.90 13.27
CA PRO A 4 2.81 3.46 13.69
C PRO A 4 2.93 4.93 13.30
N GLY A 5 1.88 5.70 13.57
CA GLY A 5 1.83 7.07 13.10
C GLY A 5 1.27 7.15 11.71
N ALA A 6 1.47 6.08 10.95
CA ALA A 6 0.87 5.95 9.64
C ALA A 6 -0.53 5.35 9.79
N HIS A 7 -1.51 6.23 9.80
CA HIS A 7 -2.91 5.83 9.88
C HIS A 7 -3.82 7.04 9.71
N LEU A 8 -3.21 8.16 9.35
CA LEU A 8 -3.90 9.43 9.21
C LEU A 8 -4.14 9.72 7.73
N THR A 9 -3.97 10.97 7.33
CA THR A 9 -4.06 11.34 5.93
C THR A 9 -2.81 10.89 5.17
N VAL A 10 -2.90 9.74 4.53
CA VAL A 10 -1.75 9.16 3.85
C VAL A 10 -1.85 9.36 2.33
N LYS A 11 -3.03 9.07 1.78
CA LYS A 11 -3.30 9.24 0.33
C LYS A 11 -2.52 8.23 -0.51
N LYS A 12 -1.96 7.21 0.14
CA LYS A 12 -1.33 6.10 -0.56
C LYS A 12 -1.29 4.88 0.35
N ILE A 13 -1.66 3.74 -0.18
CA ILE A 13 -1.66 2.52 0.61
C ILE A 13 -0.53 1.58 0.17
N PHE A 14 -0.16 0.70 1.07
CA PHE A 14 0.88 -0.28 0.82
C PHE A 14 0.27 -1.66 0.58
N VAL A 15 0.52 -2.23 -0.58
CA VAL A 15 0.02 -3.55 -0.90
C VAL A 15 1.16 -4.58 -0.89
N GLY A 16 1.14 -5.48 0.07
CA GLY A 16 2.19 -6.48 0.18
C GLY A 16 1.63 -7.89 0.24
N GLY A 17 2.48 -8.88 -0.02
CA GLY A 17 2.03 -10.26 -0.04
C GLY A 17 1.00 -10.50 -1.12
N ILE A 18 1.40 -10.31 -2.36
CA ILE A 18 0.47 -10.27 -3.47
C ILE A 18 0.63 -11.46 -4.40
N LYS A 19 -0.05 -11.38 -5.54
CA LYS A 19 -0.03 -12.42 -6.55
C LYS A 19 0.99 -12.07 -7.64
N GLU A 20 1.52 -13.10 -8.30
CA GLU A 20 2.52 -12.93 -9.36
C GLU A 20 2.10 -11.85 -10.35
N ASP A 21 1.04 -12.11 -11.09
CA ASP A 21 0.53 -11.12 -12.03
C ASP A 21 -0.45 -10.19 -11.34
N THR A 22 0.09 -9.22 -10.63
CA THR A 22 -0.69 -8.17 -10.02
C THR A 22 0.06 -6.84 -10.15
N GLU A 23 -0.43 -5.99 -11.03
CA GLU A 23 0.23 -4.75 -11.37
C GLU A 23 -0.68 -3.55 -11.13
N GLU A 24 -0.32 -2.42 -11.71
CA GLU A 24 -1.09 -1.18 -11.56
C GLU A 24 -2.58 -1.39 -11.82
N HIS A 25 -2.90 -1.97 -12.96
CA HIS A 25 -4.28 -2.12 -13.36
C HIS A 25 -5.04 -3.03 -12.39
N HIS A 26 -4.33 -3.97 -11.78
CA HIS A 26 -4.93 -4.89 -10.83
C HIS A 26 -5.33 -4.17 -9.55
N LEU A 27 -4.36 -3.50 -8.91
CA LEU A 27 -4.65 -2.74 -7.70
C LEU A 27 -5.72 -1.69 -7.99
N ARG A 28 -5.52 -0.95 -9.07
CA ARG A 28 -6.45 0.09 -9.48
C ARG A 28 -7.86 -0.47 -9.63
N ASP A 29 -8.00 -1.58 -10.36
CA ASP A 29 -9.30 -2.21 -10.63
C ASP A 29 -10.07 -2.47 -9.34
N TYR A 30 -9.35 -2.77 -8.28
CA TYR A 30 -9.96 -3.12 -7.01
C TYR A 30 -10.19 -1.88 -6.14
N PHE A 31 -9.24 -0.95 -6.15
CA PHE A 31 -9.30 0.19 -5.26
C PHE A 31 -10.06 1.37 -5.86
N GLU A 32 -10.30 1.33 -7.16
CA GLU A 32 -11.10 2.36 -7.83
C GLU A 32 -12.54 2.31 -7.34
N GLN A 33 -12.90 1.16 -6.79
CA GLN A 33 -14.22 0.95 -6.22
C GLN A 33 -14.37 1.73 -4.92
N TYR A 34 -13.25 2.03 -4.28
CA TYR A 34 -13.27 2.73 -3.01
C TYR A 34 -13.29 4.24 -3.20
N GLY A 35 -12.66 4.70 -4.28
CA GLY A 35 -12.66 6.13 -4.54
C GLY A 35 -11.75 6.53 -5.68
N LYS A 36 -11.27 7.76 -5.61
CA LYS A 36 -10.46 8.35 -6.67
C LYS A 36 -8.98 8.03 -6.48
N ILE A 37 -8.45 7.25 -7.40
CA ILE A 37 -7.04 6.90 -7.40
C ILE A 37 -6.25 7.86 -8.28
N GLU A 38 -5.09 8.27 -7.82
CA GLU A 38 -4.18 9.05 -8.64
C GLU A 38 -3.45 8.12 -9.61
N VAL A 39 -2.50 7.37 -9.08
CA VAL A 39 -1.73 6.42 -9.87
C VAL A 39 -1.38 5.21 -9.03
N ILE A 40 -0.94 4.15 -9.69
CA ILE A 40 -0.51 2.96 -8.98
C ILE A 40 1.00 2.82 -9.09
N GLU A 41 1.69 3.05 -7.98
CA GLU A 41 3.13 3.01 -7.98
C GLU A 41 3.63 1.59 -7.73
N ILE A 42 3.99 0.90 -8.80
CA ILE A 42 4.50 -0.45 -8.71
C ILE A 42 5.95 -0.42 -8.27
N MET A 43 6.23 -0.97 -7.11
CA MET A 43 7.59 -0.97 -6.59
C MET A 43 8.42 -2.03 -7.30
N THR A 44 9.18 -1.60 -8.29
CA THR A 44 10.03 -2.49 -9.03
C THR A 44 11.41 -2.58 -8.39
N ASP A 45 11.98 -3.78 -8.45
CA ASP A 45 13.31 -4.02 -7.94
C ASP A 45 14.33 -3.14 -8.63
N ARG A 46 15.29 -2.64 -7.88
CA ARG A 46 16.27 -1.69 -8.40
C ARG A 46 17.54 -2.41 -8.82
N GLY A 47 17.46 -3.72 -8.94
CA GLY A 47 18.57 -4.50 -9.43
C GLY A 47 18.22 -5.27 -10.69
N SER A 48 17.07 -5.91 -10.68
CA SER A 48 16.61 -6.68 -11.82
C SER A 48 15.57 -5.90 -12.63
N GLY A 49 14.75 -5.11 -11.94
CA GLY A 49 13.65 -4.43 -12.59
C GLY A 49 12.43 -5.31 -12.68
N LYS A 50 11.99 -5.82 -11.54
CA LYS A 50 10.87 -6.74 -11.48
C LYS A 50 9.94 -6.33 -10.34
N LYS A 51 8.69 -6.78 -10.39
CA LYS A 51 7.77 -6.53 -9.29
C LYS A 51 8.33 -7.17 -8.02
N ARG A 52 8.68 -6.34 -7.05
CA ARG A 52 9.47 -6.78 -5.90
C ARG A 52 8.59 -7.42 -4.82
N GLY A 53 7.32 -7.60 -5.11
CA GLY A 53 6.45 -8.27 -4.17
C GLY A 53 5.49 -7.31 -3.48
N PHE A 54 5.71 -6.03 -3.64
CA PHE A 54 4.86 -5.04 -3.02
C PHE A 54 4.66 -3.85 -3.94
N ALA A 55 3.50 -3.21 -3.82
CA ALA A 55 3.16 -2.07 -4.65
C ALA A 55 2.44 -1.02 -3.82
N PHE A 56 2.18 0.12 -4.42
CA PHE A 56 1.56 1.24 -3.71
C PHE A 56 0.43 1.80 -4.54
N VAL A 57 -0.65 2.14 -3.89
CA VAL A 57 -1.79 2.73 -4.57
C VAL A 57 -1.99 4.16 -4.10
N THR A 58 -1.64 5.12 -4.94
CA THR A 58 -1.76 6.52 -4.60
C THR A 58 -3.17 7.02 -4.91
N PHE A 59 -3.82 7.56 -3.91
CA PHE A 59 -5.17 8.07 -4.06
C PHE A 59 -5.17 9.58 -4.04
N ASP A 60 -6.06 10.18 -4.82
CA ASP A 60 -6.20 11.62 -4.84
C ASP A 60 -6.92 12.07 -3.58
N ASP A 61 -7.64 11.13 -2.97
CA ASP A 61 -8.47 11.41 -1.81
C ASP A 61 -8.00 10.58 -0.62
N HIS A 62 -7.79 11.26 0.49
CA HIS A 62 -7.34 10.59 1.72
C HIS A 62 -8.49 9.85 2.39
N ASP A 63 -9.71 10.07 1.90
CA ASP A 63 -10.89 9.46 2.52
C ASP A 63 -11.09 8.07 1.95
N SER A 64 -10.87 7.95 0.65
CA SER A 64 -10.87 6.66 -0.03
C SER A 64 -9.83 5.73 0.60
N VAL A 65 -8.72 6.31 1.03
CA VAL A 65 -7.65 5.56 1.69
C VAL A 65 -8.14 5.02 3.03
N ASP A 66 -8.97 5.81 3.69
CA ASP A 66 -9.45 5.48 5.03
C ASP A 66 -10.28 4.20 5.02
N LYS A 67 -10.97 3.94 3.92
CA LYS A 67 -11.83 2.75 3.80
C LYS A 67 -10.97 1.51 3.67
N ILE A 68 -9.71 1.72 3.30
CA ILE A 68 -8.83 0.64 2.96
C ILE A 68 -7.85 0.36 4.10
N VAL A 69 -7.22 1.40 4.61
CA VAL A 69 -6.17 1.27 5.62
C VAL A 69 -6.72 0.76 6.95
N ILE A 70 -8.01 0.89 7.15
CA ILE A 70 -8.66 0.38 8.36
C ILE A 70 -8.67 -1.14 8.36
N GLN A 71 -8.62 -1.70 7.17
CA GLN A 71 -8.57 -3.15 7.00
C GLN A 71 -7.17 -3.56 6.56
N LYS A 72 -6.82 -4.82 6.76
CA LYS A 72 -5.50 -5.30 6.38
C LYS A 72 -5.59 -6.23 5.17
N TYR A 73 -6.25 -7.37 5.36
CA TYR A 73 -6.37 -8.34 4.29
C TYR A 73 -7.42 -7.90 3.28
N HIS A 74 -6.95 -7.61 2.08
CA HIS A 74 -7.82 -7.21 0.98
C HIS A 74 -7.65 -8.16 -0.19
N THR A 75 -8.74 -8.61 -0.73
CA THR A 75 -8.70 -9.54 -1.84
C THR A 75 -8.69 -8.80 -3.17
N VAL A 76 -7.52 -8.71 -3.79
CA VAL A 76 -7.35 -8.06 -5.08
C VAL A 76 -6.86 -9.07 -6.11
N ASN A 77 -7.44 -9.01 -7.31
CA ASN A 77 -7.15 -9.97 -8.38
C ASN A 77 -7.45 -11.39 -7.93
N GLY A 78 -8.37 -11.52 -6.98
CA GLY A 78 -8.73 -12.84 -6.47
C GLY A 78 -7.70 -13.39 -5.50
N HIS A 79 -6.73 -12.57 -5.13
CA HIS A 79 -5.69 -12.98 -4.21
C HIS A 79 -5.78 -12.13 -2.94
N ASN A 80 -5.91 -12.79 -1.80
CA ASN A 80 -6.05 -12.10 -0.52
C ASN A 80 -4.69 -11.54 -0.09
N CYS A 81 -4.52 -10.25 -0.27
CA CYS A 81 -3.25 -9.60 0.01
C CYS A 81 -3.33 -8.75 1.27
N GLU A 82 -2.20 -8.29 1.74
CA GLU A 82 -2.14 -7.43 2.91
C GLU A 82 -1.93 -5.98 2.49
N VAL A 83 -2.85 -5.11 2.88
CA VAL A 83 -2.71 -3.71 2.59
C VAL A 83 -2.68 -2.94 3.90
N ARG A 84 -2.02 -1.80 3.88
CA ARG A 84 -1.94 -0.93 5.04
C ARG A 84 -1.51 0.46 4.61
N LYS A 85 -1.24 1.32 5.58
CA LYS A 85 -0.88 2.69 5.28
C LYS A 85 0.54 2.75 4.74
N ALA A 86 0.70 3.30 3.54
CA ALA A 86 2.01 3.42 2.93
C ALA A 86 2.77 4.62 3.47
N LEU A 87 3.53 4.41 4.53
CA LEU A 87 4.39 5.45 5.06
C LEU A 87 5.75 5.38 4.36
N SER A 88 6.25 6.54 3.96
CA SER A 88 7.51 6.63 3.22
C SER A 88 8.63 5.88 3.92
N LYS A 89 9.52 5.26 3.14
CA LYS A 89 10.67 4.56 3.71
C LYS A 89 11.51 5.51 4.56
N GLN A 90 11.48 6.78 4.18
CA GLN A 90 12.10 7.85 4.96
C GLN A 90 11.52 7.90 6.37
N GLU A 91 10.19 7.86 6.43
CA GLU A 91 9.47 8.03 7.68
C GLU A 91 9.42 6.73 8.47
N MET A 92 9.26 5.62 7.76
CA MET A 92 9.15 4.31 8.41
C MET A 92 10.43 3.97 9.15
N ALA A 93 11.55 4.56 8.70
CA ALA A 93 12.83 4.33 9.35
C ALA A 93 12.89 5.05 10.68
N SER A 94 12.17 6.16 10.78
CA SER A 94 12.14 6.95 12.01
C SER A 94 11.02 6.46 12.93
N ALA A 95 9.84 6.25 12.35
CA ALA A 95 8.67 5.86 13.12
C ALA A 95 8.77 4.41 13.60
N SER A 96 8.99 3.50 12.67
CA SER A 96 9.08 2.09 13.00
C SER A 96 10.48 1.75 13.49
N SER A 97 10.65 1.81 14.80
CA SER A 97 11.94 1.57 15.41
C SER A 97 11.74 1.33 16.90
N SER A 98 12.55 0.46 17.48
CA SER A 98 12.50 0.22 18.91
C SER A 98 13.02 1.45 19.64
N GLN A 99 12.19 2.03 20.49
CA GLN A 99 12.56 3.25 21.20
C GLN A 99 13.79 3.00 22.06
N ARG A 100 14.84 3.75 21.77
CA ARG A 100 16.10 3.64 22.48
C ARG A 100 16.13 4.66 23.61
N GLY A 101 15.36 5.73 23.43
CA GLY A 101 15.26 6.75 24.44
C GLY A 101 16.25 7.88 24.23
N ARG A 102 17.30 7.89 25.01
CA ARG A 102 18.26 8.98 25.00
C ARG A 102 19.65 8.47 24.63
N SER A 1 -6.34 -3.01 10.77
CA SER A 1 -5.54 -3.88 11.68
C SER A 1 -4.30 -3.16 12.20
N GLN A 2 -3.35 -2.88 11.32
CA GLN A 2 -2.07 -2.31 11.75
C GLN A 2 -2.11 -0.78 11.68
N ARG A 3 -1.23 -0.14 12.46
CA ARG A 3 -1.22 1.31 12.55
C ARG A 3 0.21 1.84 12.70
N PRO A 4 0.93 1.99 11.58
CA PRO A 4 2.28 2.55 11.58
C PRO A 4 2.28 4.07 11.41
N GLY A 5 1.08 4.62 11.31
CA GLY A 5 0.93 6.04 11.09
C GLY A 5 -0.53 6.41 10.92
N ALA A 6 -1.34 6.00 11.89
CA ALA A 6 -2.77 6.23 11.82
C ALA A 6 -3.12 7.60 12.38
N HIS A 7 -2.14 8.20 13.04
CA HIS A 7 -2.27 9.56 13.55
C HIS A 7 -2.11 10.57 12.41
N LEU A 8 -1.77 10.06 11.24
CA LEU A 8 -1.54 10.89 10.07
C LEU A 8 -2.61 10.60 9.02
N THR A 9 -3.01 11.62 8.27
CA THR A 9 -3.93 11.41 7.17
C THR A 9 -3.15 10.97 5.95
N VAL A 10 -3.47 9.78 5.46
CA VAL A 10 -2.66 9.12 4.46
C VAL A 10 -3.39 9.06 3.12
N LYS A 11 -2.64 9.20 2.04
CA LYS A 11 -3.21 9.21 0.69
C LYS A 11 -2.61 8.12 -0.19
N LYS A 12 -1.78 7.27 0.40
CA LYS A 12 -1.24 6.12 -0.32
C LYS A 12 -1.22 4.89 0.58
N ILE A 13 -1.56 3.75 0.02
CA ILE A 13 -1.58 2.51 0.79
C ILE A 13 -0.45 1.58 0.39
N PHE A 14 -0.15 0.64 1.27
CA PHE A 14 0.88 -0.35 1.01
C PHE A 14 0.23 -1.72 0.82
N VAL A 15 0.56 -2.39 -0.27
CA VAL A 15 0.01 -3.71 -0.55
C VAL A 15 1.08 -4.78 -0.39
N GLY A 16 0.87 -5.69 0.55
CA GLY A 16 1.77 -6.80 0.77
C GLY A 16 1.01 -8.11 0.85
N GLY A 17 1.73 -9.22 0.87
CA GLY A 17 1.10 -10.52 0.99
C GLY A 17 0.30 -10.93 -0.25
N ILE A 18 0.73 -10.47 -1.42
CA ILE A 18 0.04 -10.78 -2.66
C ILE A 18 0.54 -12.10 -3.24
N LYS A 19 1.77 -12.48 -2.82
CA LYS A 19 2.47 -13.72 -3.20
C LYS A 19 2.72 -13.86 -4.72
N GLU A 20 1.68 -13.71 -5.54
CA GLU A 20 1.83 -13.83 -6.98
C GLU A 20 2.01 -12.44 -7.58
N ASP A 21 2.34 -12.36 -8.87
CA ASP A 21 2.56 -11.07 -9.51
C ASP A 21 1.25 -10.28 -9.54
N THR A 22 1.28 -9.11 -8.94
CA THR A 22 0.13 -8.24 -8.89
C THR A 22 0.57 -6.81 -9.21
N GLU A 23 -0.03 -6.22 -10.23
CA GLU A 23 0.48 -4.98 -10.80
C GLU A 23 -0.53 -3.83 -10.70
N GLU A 24 -0.26 -2.78 -11.47
CA GLU A 24 -1.03 -1.54 -11.41
C GLU A 24 -2.50 -1.76 -11.75
N HIS A 25 -2.76 -2.47 -12.84
CA HIS A 25 -4.13 -2.69 -13.28
C HIS A 25 -4.90 -3.50 -12.23
N HIS A 26 -4.20 -4.41 -11.55
CA HIS A 26 -4.81 -5.24 -10.53
C HIS A 26 -5.30 -4.40 -9.36
N LEU A 27 -4.38 -3.67 -8.75
CA LEU A 27 -4.68 -2.85 -7.57
C LEU A 27 -5.73 -1.81 -7.90
N ARG A 28 -5.54 -1.11 -9.01
CA ARG A 28 -6.46 -0.06 -9.42
C ARG A 28 -7.84 -0.61 -9.71
N ASP A 29 -7.90 -1.79 -10.33
CA ASP A 29 -9.18 -2.40 -10.70
C ASP A 29 -10.04 -2.64 -9.46
N TYR A 30 -9.38 -2.89 -8.34
CA TYR A 30 -10.08 -3.17 -7.10
C TYR A 30 -10.28 -1.89 -6.27
N PHE A 31 -9.23 -1.11 -6.11
CA PHE A 31 -9.29 0.04 -5.21
C PHE A 31 -10.06 1.22 -5.81
N GLU A 32 -10.35 1.15 -7.11
CA GLU A 32 -11.10 2.20 -7.78
C GLU A 32 -12.51 2.35 -7.20
N GLN A 33 -13.02 1.27 -6.62
CA GLN A 33 -14.36 1.30 -6.02
C GLN A 33 -14.34 2.09 -4.71
N TYR A 34 -13.16 2.19 -4.10
CA TYR A 34 -13.03 2.89 -2.83
C TYR A 34 -12.93 4.39 -3.06
N GLY A 35 -12.40 4.78 -4.21
CA GLY A 35 -12.33 6.19 -4.54
C GLY A 35 -11.46 6.49 -5.74
N LYS A 36 -10.99 7.72 -5.80
CA LYS A 36 -10.17 8.18 -6.91
C LYS A 36 -8.71 7.85 -6.69
N ILE A 37 -8.18 6.98 -7.54
CA ILE A 37 -6.79 6.62 -7.50
C ILE A 37 -5.97 7.57 -8.37
N GLU A 38 -4.84 8.03 -7.86
CA GLU A 38 -3.93 8.85 -8.63
C GLU A 38 -3.11 7.96 -9.56
N VAL A 39 -2.22 7.17 -8.98
CA VAL A 39 -1.37 6.25 -9.73
C VAL A 39 -1.07 5.01 -8.90
N ILE A 40 -0.73 3.93 -9.57
CA ILE A 40 -0.33 2.71 -8.86
C ILE A 40 1.17 2.54 -8.96
N GLU A 41 1.85 2.77 -7.85
CA GLU A 41 3.30 2.76 -7.82
C GLU A 41 3.81 1.37 -7.50
N ILE A 42 4.05 0.59 -8.54
CA ILE A 42 4.61 -0.74 -8.37
C ILE A 42 6.09 -0.61 -8.04
N MET A 43 6.50 -1.16 -6.90
CA MET A 43 7.90 -1.11 -6.51
C MET A 43 8.72 -1.86 -7.54
N THR A 44 9.38 -1.12 -8.40
CA THR A 44 10.11 -1.70 -9.50
C THR A 44 11.56 -1.26 -9.48
N ASP A 45 12.42 -2.02 -10.15
CA ASP A 45 13.83 -1.69 -10.24
C ASP A 45 14.04 -0.33 -10.88
N ARG A 46 15.00 0.40 -10.36
CA ARG A 46 15.24 1.78 -10.78
C ARG A 46 15.79 1.82 -12.22
N GLY A 47 16.29 0.70 -12.71
CA GLY A 47 16.83 0.67 -14.06
C GLY A 47 15.99 -0.16 -15.01
N SER A 48 15.80 -1.43 -14.67
CA SER A 48 15.11 -2.37 -15.57
C SER A 48 13.61 -2.25 -15.43
N GLY A 49 13.15 -1.62 -14.36
CA GLY A 49 11.72 -1.47 -14.13
C GLY A 49 11.05 -2.81 -13.88
N LYS A 50 11.80 -3.74 -13.31
CA LYS A 50 11.29 -5.06 -12.99
C LYS A 50 10.61 -5.05 -11.64
N LYS A 51 9.52 -5.80 -11.52
CA LYS A 51 8.72 -5.81 -10.31
C LYS A 51 9.50 -6.40 -9.14
N ARG A 52 9.78 -5.56 -8.15
CA ARG A 52 10.53 -5.98 -6.97
C ARG A 52 9.70 -6.94 -6.12
N GLY A 53 8.41 -6.65 -6.00
CA GLY A 53 7.53 -7.51 -5.23
C GLY A 53 6.29 -6.79 -4.76
N PHE A 54 6.46 -5.92 -3.77
CA PHE A 54 5.33 -5.19 -3.20
C PHE A 54 4.98 -3.96 -4.04
N ALA A 55 3.81 -3.39 -3.78
CA ALA A 55 3.34 -2.25 -4.55
C ALA A 55 2.60 -1.25 -3.68
N PHE A 56 2.45 -0.04 -4.19
CA PHE A 56 1.78 1.03 -3.46
C PHE A 56 0.67 1.62 -4.31
N VAL A 57 -0.41 2.03 -3.68
CA VAL A 57 -1.53 2.63 -4.40
C VAL A 57 -1.75 4.06 -3.92
N THR A 58 -1.47 5.01 -4.79
CA THR A 58 -1.64 6.41 -4.47
C THR A 58 -3.04 6.88 -4.82
N PHE A 59 -3.72 7.47 -3.86
CA PHE A 59 -5.08 7.96 -4.07
C PHE A 59 -5.09 9.49 -4.05
N ASP A 60 -5.97 10.06 -4.84
CA ASP A 60 -6.14 11.51 -4.90
C ASP A 60 -6.68 12.04 -3.58
N ASP A 61 -7.45 11.21 -2.90
CA ASP A 61 -8.12 11.63 -1.68
C ASP A 61 -7.79 10.69 -0.54
N HIS A 62 -7.65 11.25 0.65
CA HIS A 62 -7.33 10.45 1.83
C HIS A 62 -8.57 9.71 2.33
N ASP A 63 -9.74 10.13 1.88
CA ASP A 63 -10.98 9.49 2.28
C ASP A 63 -11.10 8.13 1.62
N SER A 64 -10.68 8.06 0.37
CA SER A 64 -10.67 6.82 -0.38
C SER A 64 -9.72 5.82 0.26
N VAL A 65 -8.68 6.35 0.90
CA VAL A 65 -7.67 5.53 1.55
C VAL A 65 -8.20 4.98 2.87
N ASP A 66 -9.03 5.78 3.54
CA ASP A 66 -9.59 5.44 4.85
C ASP A 66 -10.25 4.07 4.86
N LYS A 67 -11.22 3.85 3.98
CA LYS A 67 -11.96 2.58 3.97
C LYS A 67 -11.06 1.40 3.58
N ILE A 68 -9.85 1.70 3.15
CA ILE A 68 -8.91 0.68 2.74
C ILE A 68 -7.95 0.35 3.88
N VAL A 69 -7.36 1.38 4.46
CA VAL A 69 -6.33 1.19 5.48
C VAL A 69 -6.90 0.69 6.81
N ILE A 70 -8.21 0.86 7.00
CA ILE A 70 -8.84 0.42 8.24
C ILE A 70 -8.87 -1.11 8.34
N GLN A 71 -8.94 -1.76 7.19
CA GLN A 71 -8.89 -3.22 7.15
C GLN A 71 -7.53 -3.67 6.63
N LYS A 72 -7.23 -4.95 6.76
CA LYS A 72 -5.95 -5.47 6.34
C LYS A 72 -6.11 -6.34 5.11
N TYR A 73 -6.90 -7.37 5.22
CA TYR A 73 -7.11 -8.30 4.12
C TYR A 73 -8.07 -7.72 3.09
N HIS A 74 -7.56 -7.54 1.88
CA HIS A 74 -8.35 -7.06 0.76
C HIS A 74 -8.40 -8.11 -0.34
N THR A 75 -9.47 -8.10 -1.12
CA THR A 75 -9.62 -9.05 -2.20
C THR A 75 -9.11 -8.46 -3.51
N VAL A 76 -7.80 -8.56 -3.75
CA VAL A 76 -7.20 -8.00 -4.96
C VAL A 76 -6.67 -9.12 -5.84
N ASN A 77 -6.91 -9.02 -7.15
CA ASN A 77 -6.44 -10.03 -8.10
C ASN A 77 -7.06 -11.39 -7.78
N GLY A 78 -8.22 -11.35 -7.12
CA GLY A 78 -8.88 -12.57 -6.71
C GLY A 78 -8.12 -13.28 -5.60
N HIS A 79 -7.35 -12.52 -4.84
CA HIS A 79 -6.56 -13.08 -3.75
C HIS A 79 -6.75 -12.26 -2.48
N ASN A 80 -6.63 -12.91 -1.34
CA ASN A 80 -6.71 -12.24 -0.06
C ASN A 80 -5.35 -11.69 0.34
N CYS A 81 -5.13 -10.40 0.08
CA CYS A 81 -3.85 -9.77 0.31
C CYS A 81 -3.91 -8.88 1.55
N GLU A 82 -2.78 -8.28 1.90
CA GLU A 82 -2.67 -7.41 3.06
C GLU A 82 -2.41 -5.97 2.63
N VAL A 83 -3.10 -5.04 3.27
CA VAL A 83 -2.94 -3.63 2.98
C VAL A 83 -2.67 -2.83 4.26
N ARG A 84 -1.73 -1.89 4.17
CA ARG A 84 -1.39 -1.03 5.29
C ARG A 84 -1.39 0.42 4.86
N LYS A 85 -1.17 1.31 5.81
CA LYS A 85 -0.96 2.73 5.49
C LYS A 85 0.46 2.89 4.97
N ALA A 86 0.60 3.39 3.75
CA ALA A 86 1.93 3.53 3.15
C ALA A 86 2.66 4.77 3.67
N LEU A 87 3.56 4.55 4.61
CA LEU A 87 4.45 5.59 5.09
C LEU A 87 5.79 5.44 4.40
N SER A 88 6.42 6.55 4.04
CA SER A 88 7.65 6.52 3.25
C SER A 88 8.76 5.75 3.97
N LYS A 89 9.72 5.24 3.21
CA LYS A 89 10.78 4.40 3.77
C LYS A 89 11.67 5.21 4.72
N GLN A 90 11.71 6.51 4.49
CA GLN A 90 12.43 7.41 5.37
C GLN A 90 11.63 7.63 6.66
N GLU A 91 10.32 7.70 6.51
CA GLU A 91 9.43 7.95 7.64
C GLU A 91 9.30 6.70 8.50
N MET A 92 9.14 5.57 7.85
CA MET A 92 8.97 4.31 8.56
C MET A 92 10.26 3.94 9.29
N ALA A 93 11.37 4.48 8.82
CA ALA A 93 12.66 4.24 9.45
C ALA A 93 12.81 5.13 10.67
N SER A 94 11.98 6.16 10.74
CA SER A 94 12.01 7.11 11.84
C SER A 94 10.89 6.81 12.83
N ALA A 95 10.16 5.73 12.58
CA ALA A 95 9.04 5.37 13.43
C ALA A 95 9.11 3.90 13.83
N SER A 96 9.08 3.01 12.84
CA SER A 96 9.13 1.58 13.08
C SER A 96 10.57 1.12 13.23
N SER A 97 10.94 0.73 14.44
CA SER A 97 12.30 0.28 14.70
C SER A 97 12.27 -0.95 15.61
N SER A 98 13.36 -1.71 15.61
CA SER A 98 13.46 -2.91 16.42
C SER A 98 13.33 -2.58 17.91
N GLN A 99 12.32 -3.19 18.54
CA GLN A 99 12.04 -2.99 19.96
C GLN A 99 11.55 -1.57 20.25
N ARG A 100 11.11 -0.88 19.22
CA ARG A 100 10.51 0.43 19.39
C ARG A 100 9.01 0.35 19.12
N GLY A 101 8.24 0.17 20.17
CA GLY A 101 6.80 0.07 20.04
C GLY A 101 6.34 -1.35 19.84
N ARG A 102 6.72 -1.95 18.72
CA ARG A 102 6.30 -3.31 18.41
C ARG A 102 7.51 -4.21 18.21
N SER A 1 -1.00 -4.03 15.73
CA SER A 1 -1.65 -3.55 14.50
C SER A 1 -0.61 -3.17 13.47
N GLN A 2 -0.97 -3.23 12.20
CA GLN A 2 -0.05 -2.86 11.13
C GLN A 2 -0.47 -1.54 10.49
N ARG A 3 -1.27 -0.78 11.22
CA ARG A 3 -1.72 0.53 10.76
C ARG A 3 -0.89 1.63 11.41
N PRO A 4 0.03 2.24 10.67
CA PRO A 4 0.84 3.33 11.17
C PRO A 4 0.16 4.68 11.03
N GLY A 5 0.08 5.42 12.13
CA GLY A 5 -0.55 6.73 12.12
C GLY A 5 -2.01 6.66 11.71
N ALA A 6 -2.83 6.08 12.57
CA ALA A 6 -4.24 5.88 12.25
C ALA A 6 -5.00 7.20 12.22
N HIS A 7 -4.56 8.17 13.01
CA HIS A 7 -5.21 9.47 13.04
C HIS A 7 -4.66 10.38 11.94
N LEU A 8 -3.56 9.96 11.33
CA LEU A 8 -2.89 10.74 10.30
C LEU A 8 -3.55 10.52 8.94
N THR A 9 -3.54 11.54 8.11
CA THR A 9 -4.14 11.45 6.79
C THR A 9 -3.12 10.96 5.76
N VAL A 10 -3.27 9.71 5.33
CA VAL A 10 -2.41 9.15 4.31
C VAL A 10 -3.11 9.23 2.95
N LYS A 11 -2.35 9.42 1.89
CA LYS A 11 -2.92 9.53 0.56
C LYS A 11 -2.40 8.43 -0.34
N LYS A 12 -1.88 7.38 0.27
CA LYS A 12 -1.37 6.22 -0.45
C LYS A 12 -1.37 5.02 0.47
N ILE A 13 -1.76 3.87 -0.04
CA ILE A 13 -1.79 2.65 0.75
C ILE A 13 -0.66 1.72 0.35
N PHE A 14 -0.42 0.74 1.21
CA PHE A 14 0.62 -0.25 0.97
C PHE A 14 -0.02 -1.62 0.77
N VAL A 15 0.14 -2.19 -0.41
CA VAL A 15 -0.37 -3.52 -0.68
C VAL A 15 0.77 -4.52 -0.71
N GLY A 16 0.79 -5.41 0.27
CA GLY A 16 1.85 -6.38 0.35
C GLY A 16 1.33 -7.81 0.38
N GLY A 17 2.17 -8.74 -0.03
CA GLY A 17 1.78 -10.14 -0.02
C GLY A 17 0.91 -10.51 -1.19
N ILE A 18 1.29 -10.07 -2.38
CA ILE A 18 0.55 -10.41 -3.59
C ILE A 18 1.40 -11.25 -4.53
N LYS A 19 0.84 -11.62 -5.67
CA LYS A 19 1.54 -12.48 -6.61
C LYS A 19 2.18 -11.66 -7.73
N GLU A 20 3.02 -12.31 -8.52
CA GLU A 20 3.68 -11.65 -9.65
C GLU A 20 2.72 -11.49 -10.82
N ASP A 21 1.54 -12.09 -10.68
CA ASP A 21 0.48 -11.90 -11.67
C ASP A 21 -0.13 -10.51 -11.50
N THR A 22 -0.08 -10.03 -10.27
CA THR A 22 -0.73 -8.78 -9.89
C THR A 22 0.09 -7.57 -10.32
N GLU A 23 -0.58 -6.59 -10.91
CA GLU A 23 0.07 -5.37 -11.37
C GLU A 23 -0.82 -4.16 -11.10
N GLU A 24 -0.48 -3.02 -11.72
CA GLU A 24 -1.19 -1.76 -11.47
C GLU A 24 -2.69 -1.88 -11.69
N HIS A 25 -3.10 -2.42 -12.83
CA HIS A 25 -4.50 -2.46 -13.17
C HIS A 25 -5.28 -3.34 -12.19
N HIS A 26 -4.60 -4.34 -11.63
CA HIS A 26 -5.24 -5.24 -10.68
C HIS A 26 -5.62 -4.49 -9.41
N LEU A 27 -4.65 -3.79 -8.83
CA LEU A 27 -4.90 -3.00 -7.63
C LEU A 27 -5.86 -1.85 -7.93
N ARG A 28 -5.61 -1.15 -9.02
CA ARG A 28 -6.43 -0.02 -9.42
C ARG A 28 -7.88 -0.44 -9.62
N ASP A 29 -8.11 -1.53 -10.35
CA ASP A 29 -9.46 -2.02 -10.61
C ASP A 29 -10.21 -2.33 -9.31
N TYR A 30 -9.45 -2.74 -8.30
CA TYR A 30 -10.02 -3.10 -7.01
C TYR A 30 -10.24 -1.86 -6.14
N PHE A 31 -9.28 -0.96 -6.13
CA PHE A 31 -9.31 0.19 -5.23
C PHE A 31 -10.07 1.39 -5.82
N GLU A 32 -10.27 1.39 -7.13
CA GLU A 32 -10.99 2.49 -7.79
C GLU A 32 -12.44 2.54 -7.33
N GLN A 33 -12.94 1.41 -6.85
CA GLN A 33 -14.30 1.31 -6.34
C GLN A 33 -14.44 2.09 -5.03
N TYR A 34 -13.32 2.22 -4.32
CA TYR A 34 -13.31 2.87 -3.03
C TYR A 34 -13.26 4.39 -3.17
N GLY A 35 -12.49 4.86 -4.14
CA GLY A 35 -12.37 6.29 -4.34
C GLY A 35 -11.57 6.65 -5.56
N LYS A 36 -11.00 7.85 -5.55
CA LYS A 36 -10.23 8.35 -6.69
C LYS A 36 -8.76 8.01 -6.53
N ILE A 37 -8.25 7.25 -7.48
CA ILE A 37 -6.86 6.85 -7.48
C ILE A 37 -6.04 7.78 -8.36
N GLU A 38 -4.87 8.15 -7.89
CA GLU A 38 -3.95 8.94 -8.68
C GLU A 38 -3.12 8.03 -9.59
N VAL A 39 -2.17 7.31 -9.00
CA VAL A 39 -1.30 6.40 -9.75
C VAL A 39 -1.02 5.15 -8.92
N ILE A 40 -0.54 4.11 -9.58
CA ILE A 40 -0.19 2.88 -8.89
C ILE A 40 1.31 2.68 -8.92
N GLU A 41 1.93 2.86 -7.77
CA GLU A 41 3.36 2.74 -7.65
C GLU A 41 3.76 1.29 -7.45
N ILE A 42 4.02 0.61 -8.55
CA ILE A 42 4.48 -0.76 -8.49
C ILE A 42 5.98 -0.76 -8.21
N MET A 43 6.34 -1.16 -7.00
CA MET A 43 7.75 -1.22 -6.63
C MET A 43 8.47 -2.14 -7.60
N THR A 44 9.36 -1.58 -8.40
CA THR A 44 10.01 -2.34 -9.44
C THR A 44 11.53 -2.31 -9.27
N ASP A 45 12.17 -3.36 -9.77
CA ASP A 45 13.62 -3.50 -9.72
C ASP A 45 14.28 -2.29 -10.34
N ARG A 46 15.33 -1.81 -9.68
CA ARG A 46 15.96 -0.56 -10.04
C ARG A 46 16.79 -0.69 -11.31
N GLY A 47 16.99 -1.91 -11.78
CA GLY A 47 17.81 -2.11 -12.96
C GLY A 47 17.13 -2.95 -14.02
N SER A 48 16.46 -4.03 -13.61
CA SER A 48 15.82 -4.94 -14.55
C SER A 48 14.39 -4.50 -14.85
N GLY A 49 13.84 -3.63 -14.01
CA GLY A 49 12.50 -3.11 -14.23
C GLY A 49 11.42 -4.16 -14.05
N LYS A 50 11.66 -5.10 -13.16
CA LYS A 50 10.70 -6.16 -12.86
C LYS A 50 10.13 -5.94 -11.47
N LYS A 51 8.88 -6.33 -11.25
CA LYS A 51 8.21 -6.08 -9.98
C LYS A 51 9.00 -6.65 -8.80
N ARG A 52 9.21 -5.80 -7.81
CA ARG A 52 9.99 -6.14 -6.62
C ARG A 52 9.16 -6.97 -5.65
N GLY A 53 7.84 -6.81 -5.73
CA GLY A 53 6.96 -7.49 -4.82
C GLY A 53 5.73 -6.66 -4.49
N PHE A 54 5.86 -5.90 -3.42
CA PHE A 54 4.79 -5.05 -2.91
C PHE A 54 4.53 -3.87 -3.84
N ALA A 55 3.36 -3.25 -3.68
CA ALA A 55 2.99 -2.09 -4.49
C ALA A 55 2.27 -1.05 -3.65
N PHE A 56 2.30 0.18 -4.10
CA PHE A 56 1.69 1.29 -3.37
C PHE A 56 0.64 1.97 -4.23
N VAL A 57 -0.57 2.07 -3.71
CA VAL A 57 -1.65 2.70 -4.46
C VAL A 57 -1.84 4.13 -3.99
N THR A 58 -1.47 5.08 -4.84
CA THR A 58 -1.60 6.49 -4.51
C THR A 58 -3.00 6.98 -4.87
N PHE A 59 -3.68 7.56 -3.89
CA PHE A 59 -5.02 8.09 -4.11
C PHE A 59 -4.98 9.61 -4.06
N ASP A 60 -5.88 10.23 -4.80
CA ASP A 60 -5.96 11.69 -4.81
C ASP A 60 -6.46 12.21 -3.46
N ASP A 61 -7.21 11.39 -2.76
CA ASP A 61 -7.83 11.82 -1.52
C ASP A 61 -7.56 10.84 -0.40
N HIS A 62 -7.51 11.34 0.83
CA HIS A 62 -7.31 10.50 2.00
C HIS A 62 -8.63 9.89 2.47
N ASP A 63 -9.72 10.30 1.85
CA ASP A 63 -11.02 9.71 2.14
C ASP A 63 -11.08 8.31 1.52
N SER A 64 -10.54 8.18 0.32
CA SER A 64 -10.54 6.92 -0.40
C SER A 64 -9.71 5.86 0.32
N VAL A 65 -8.67 6.30 1.03
CA VAL A 65 -7.76 5.36 1.68
C VAL A 65 -8.37 4.82 2.98
N ASP A 66 -9.31 5.57 3.55
CA ASP A 66 -9.87 5.23 4.85
C ASP A 66 -10.60 3.90 4.82
N LYS A 67 -11.42 3.70 3.79
CA LYS A 67 -12.18 2.46 3.63
C LYS A 67 -11.25 1.27 3.48
N ILE A 68 -10.01 1.55 3.13
CA ILE A 68 -9.05 0.51 2.84
C ILE A 68 -8.15 0.22 4.04
N VAL A 69 -7.51 1.25 4.57
CA VAL A 69 -6.51 1.09 5.62
C VAL A 69 -7.10 0.57 6.92
N ILE A 70 -8.42 0.72 7.09
CA ILE A 70 -9.11 0.19 8.25
C ILE A 70 -9.14 -1.33 8.22
N GLN A 71 -9.04 -1.87 7.01
CA GLN A 71 -9.07 -3.30 6.79
C GLN A 71 -7.68 -3.79 6.40
N LYS A 72 -7.29 -4.94 6.90
CA LYS A 72 -5.96 -5.47 6.62
C LYS A 72 -6.01 -6.41 5.42
N TYR A 73 -6.76 -7.49 5.55
CA TYR A 73 -6.90 -8.45 4.46
C TYR A 73 -7.78 -7.90 3.36
N HIS A 74 -7.18 -7.70 2.20
CA HIS A 74 -7.89 -7.25 1.03
C HIS A 74 -7.72 -8.27 -0.08
N THR A 75 -8.58 -8.20 -1.08
CA THR A 75 -8.52 -9.18 -2.16
C THR A 75 -8.23 -8.50 -3.49
N VAL A 76 -6.99 -8.59 -3.93
CA VAL A 76 -6.59 -8.03 -5.22
C VAL A 76 -6.26 -9.16 -6.17
N ASN A 77 -6.83 -9.11 -7.37
CA ASN A 77 -6.59 -10.13 -8.40
C ASN A 77 -7.09 -11.50 -7.92
N GLY A 78 -8.03 -11.47 -6.98
CA GLY A 78 -8.56 -12.71 -6.42
C GLY A 78 -7.62 -13.32 -5.39
N HIS A 79 -6.61 -12.57 -4.99
CA HIS A 79 -5.63 -13.03 -4.02
C HIS A 79 -5.77 -12.28 -2.70
N ASN A 80 -5.74 -13.01 -1.60
CA ASN A 80 -5.79 -12.42 -0.27
C ASN A 80 -4.46 -11.77 0.09
N CYS A 81 -4.48 -10.45 0.25
CA CYS A 81 -3.26 -9.71 0.56
C CYS A 81 -3.47 -8.86 1.80
N GLU A 82 -2.38 -8.31 2.31
CA GLU A 82 -2.41 -7.43 3.46
C GLU A 82 -2.10 -6.00 3.03
N VAL A 83 -2.97 -5.07 3.39
CA VAL A 83 -2.75 -3.68 3.03
C VAL A 83 -2.58 -2.81 4.28
N ARG A 84 -1.72 -1.81 4.19
CA ARG A 84 -1.49 -0.91 5.30
C ARG A 84 -1.52 0.53 4.79
N LYS A 85 -1.30 1.46 5.71
CA LYS A 85 -1.12 2.85 5.34
C LYS A 85 0.33 3.03 4.89
N ALA A 86 0.53 3.43 3.64
CA ALA A 86 1.86 3.53 3.09
C ALA A 86 2.64 4.68 3.71
N LEU A 87 3.42 4.36 4.73
CA LEU A 87 4.29 5.34 5.35
C LEU A 87 5.67 5.28 4.70
N SER A 88 6.30 6.45 4.59
CA SER A 88 7.61 6.54 3.96
C SER A 88 8.60 5.58 4.61
N LYS A 89 9.48 4.99 3.81
CA LYS A 89 10.52 4.09 4.35
C LYS A 89 11.41 4.83 5.33
N GLN A 90 11.44 6.16 5.20
CA GLN A 90 12.10 7.03 6.17
C GLN A 90 11.39 6.94 7.52
N GLU A 91 10.09 7.15 7.49
CA GLU A 91 9.27 7.18 8.70
C GLU A 91 9.18 5.79 9.33
N MET A 92 9.02 4.78 8.47
CA MET A 92 8.83 3.41 8.93
C MET A 92 10.10 2.87 9.60
N ALA A 93 11.21 3.53 9.34
CA ALA A 93 12.47 3.17 9.98
C ALA A 93 12.47 3.61 11.44
N SER A 94 11.87 4.77 11.68
CA SER A 94 11.74 5.31 13.02
C SER A 94 10.71 4.52 13.81
N ALA A 95 9.70 4.02 13.11
CA ALA A 95 8.65 3.23 13.73
C ALA A 95 9.15 1.83 14.06
N SER A 96 10.17 1.38 13.33
CA SER A 96 10.75 0.07 13.54
C SER A 96 11.54 0.04 14.84
N SER A 97 11.29 -0.99 15.64
CA SER A 97 12.02 -1.17 16.88
C SER A 97 12.15 -2.67 17.18
N SER A 98 13.29 -3.23 16.83
CA SER A 98 13.53 -4.64 17.03
C SER A 98 13.96 -4.92 18.47
N GLN A 99 15.15 -4.46 18.83
CA GLN A 99 15.64 -4.63 20.18
C GLN A 99 15.64 -3.29 20.89
N ARG A 100 14.68 -3.11 21.79
CA ARG A 100 14.48 -1.83 22.46
C ARG A 100 15.21 -1.78 23.80
N GLY A 101 15.56 -0.56 24.21
CA GLY A 101 16.25 -0.37 25.47
C GLY A 101 17.74 -0.62 25.34
N ARG A 102 18.09 -1.85 25.04
CA ARG A 102 19.47 -2.25 24.86
C ARG A 102 19.66 -2.72 23.43
#